data_5PZW
#
_entry.id   5PZW
#
_cell.length_a   67.204
_cell.length_b   83.617
_cell.length_c   278.817
_cell.angle_alpha   90.000
_cell.angle_beta   90.000
_cell.angle_gamma   90.000
#
_symmetry.space_group_name_H-M   'P 21 21 21'
#
loop_
_entity.id
_entity.type
_entity.pdbx_description
1 polymer 'Fructose-1,6-bisphosphatase 1'
2 non-polymer "N,N'-(pentane-1,5-diyldicarbamoyl)bis(3-chlorobenzene-1-sulfonamide)"
3 non-polymer 'AMINOIMIDAZOLE 4-CARBOXAMIDE RIBONUCLEOTIDE'
4 water water
#
_entity_poly.entity_id   1
_entity_poly.type   'polypeptide(L)'
_entity_poly.pdbx_seq_one_letter_code
;MADQAPFDTDVNTLTRFVMEEGRKARGTGELTQLLNSLCTAVKAISSAVRKAGIAHLYGIAGSTNVTGDQVKKLDVLSND
LVMNMLKSSFATCVLVSEEDKHAIIVEPEKRGKYVVCFDPLDGSSNIDCLVSVGTIFGIYRKKSTDEPSEKDALQPGRNL
VAAGYALYGSATMLVLAMDCGVNCFMLDPAIGEFILVDKDVKIKKKGKIYSLNEGYAKDFDPAVTEYIQRKKFPPDNSAP
YGARYVGSMVADVHRTLVYGGIFLYPANKKSPNGKLRLLYECNPMAYVMEKAGGMATTGKEAVLDVIPTDIHQRAPVILG
SPDDVLEFLKVYEKHSAQ
;
_entity_poly.pdbx_strand_id   A,B,C,D
#
loop_
_chem_comp.id
_chem_comp.type
_chem_comp.name
_chem_comp.formula
94J non-polymer N,N'-(pentane-1,5-diyldicarbamoyl)bis(3-chlorobenzene-1-sulfonamide) 'C19 H22 Cl2 N4 O6 S2'
AMZ non-polymer 'AMINOIMIDAZOLE 4-CARBOXAMIDE RIBONUCLEOTIDE' 'C9 H15 N4 O8 P'
#
# COMPACT_ATOMS: atom_id res chain seq x y z
N ASP A 10 -24.82 -7.66 3.07
CA ASP A 10 -23.95 -6.69 3.70
C ASP A 10 -22.48 -7.10 3.63
N VAL A 11 -21.60 -6.14 3.34
CA VAL A 11 -20.18 -6.42 3.45
C VAL A 11 -19.89 -6.88 4.89
N ASN A 12 -18.95 -7.80 5.02
CA ASN A 12 -18.58 -8.26 6.34
C ASN A 12 -17.07 -8.33 6.43
N THR A 13 -16.53 -7.82 7.52
CA THR A 13 -15.12 -7.90 7.84
C THR A 13 -14.90 -8.93 8.93
N LEU A 14 -13.66 -9.41 9.05
CA LEU A 14 -13.34 -10.31 10.14
C LEU A 14 -13.60 -9.67 11.50
N THR A 15 -13.26 -8.39 11.65
CA THR A 15 -13.52 -7.67 12.89
C THR A 15 -15.00 -7.68 13.25
N ARG A 16 -15.88 -7.33 12.29
CA ARG A 16 -17.31 -7.32 12.56
C ARG A 16 -17.83 -8.74 12.78
N PHE A 17 -17.39 -9.70 11.98
CA PHE A 17 -17.84 -11.07 12.12
C PHE A 17 -17.56 -11.61 13.52
N VAL A 18 -16.31 -11.50 13.97
CA VAL A 18 -15.94 -12.05 15.28
C VAL A 18 -16.70 -11.37 16.39
N MET A 19 -16.82 -10.04 16.30
CA MET A 19 -17.56 -9.30 17.31
C MET A 19 -19.00 -9.78 17.40
N GLU A 20 -19.64 -10.00 16.25
CA GLU A 20 -21.05 -10.42 16.25
C GLU A 20 -21.21 -11.85 16.76
N GLU A 21 -20.30 -12.76 16.39
CA GLU A 21 -20.31 -14.09 17.01
C GLU A 21 -20.17 -14.00 18.52
N GLY A 22 -19.34 -13.08 19.00
CA GLY A 22 -19.16 -12.91 20.42
C GLY A 22 -20.38 -12.38 21.12
N ARG A 23 -21.14 -11.48 20.46
CA ARG A 23 -22.37 -10.99 21.05
C ARG A 23 -23.45 -12.06 21.07
N LYS A 24 -23.46 -12.95 20.09
CA LYS A 24 -24.43 -14.03 20.09
C LYS A 24 -24.18 -14.97 21.27
N ALA A 25 -22.91 -15.28 21.53
CA ALA A 25 -22.56 -16.15 22.64
C ALA A 25 -22.59 -15.43 23.98
N ARG A 26 -22.84 -14.12 24.00
CA ARG A 26 -22.88 -13.33 25.23
C ARG A 26 -21.59 -13.50 26.04
N GLY A 27 -20.45 -13.58 25.34
CA GLY A 27 -19.17 -13.74 25.99
C GLY A 27 -18.58 -12.45 26.54
N THR A 28 -17.50 -12.60 27.29
CA THR A 28 -16.85 -11.48 27.95
C THR A 28 -16.01 -10.61 27.01
N GLY A 29 -15.77 -11.05 25.77
CA GLY A 29 -14.92 -10.30 24.87
C GLY A 29 -13.46 -10.72 24.82
N GLU A 30 -13.05 -11.71 25.60
CA GLU A 30 -11.64 -12.09 25.64
C GLU A 30 -11.18 -12.73 24.34
N LEU A 31 -11.96 -13.70 23.82
CA LEU A 31 -11.60 -14.37 22.57
C LEU A 31 -11.63 -13.41 21.39
N THR A 32 -12.55 -12.44 21.40
CA THR A 32 -12.55 -11.43 20.36
C THR A 32 -11.28 -10.60 20.38
N GLN A 33 -10.82 -10.20 21.58
CA GLN A 33 -9.54 -9.49 21.65
C GLN A 33 -8.38 -10.33 21.14
N LEU A 34 -8.36 -11.62 21.50
CA LEU A 34 -7.31 -12.50 21.01
C LEU A 34 -7.29 -12.52 19.49
N LEU A 35 -8.45 -12.75 18.88
CA LEU A 35 -8.53 -12.87 17.42
C LEU A 35 -8.20 -11.55 16.73
N ASN A 36 -8.70 -10.43 17.29
CA ASN A 36 -8.36 -9.13 16.72
C ASN A 36 -6.85 -8.92 16.74
N SER A 37 -6.21 -9.25 17.87
CA SER A 37 -4.76 -9.12 18.00
C SER A 37 -4.04 -10.02 17.01
N LEU A 38 -4.55 -11.25 16.84
CA LEU A 38 -3.94 -12.16 15.89
C LEU A 38 -4.07 -11.64 14.47
N CYS A 39 -5.25 -11.12 14.12
N CYS A 39 -5.24 -11.11 14.10
CA CYS A 39 -5.47 -10.59 12.79
CA CYS A 39 -5.41 -10.62 12.75
C CYS A 39 -4.50 -9.45 12.47
C CYS A 39 -4.49 -9.44 12.45
N THR A 40 -4.21 -8.62 13.47
CA THR A 40 -3.25 -7.53 13.28
C THR A 40 -1.85 -8.07 13.02
N ALA A 41 -1.44 -9.10 13.76
CA ALA A 41 -0.13 -9.70 13.49
C ALA A 41 -0.04 -10.22 12.06
N VAL A 42 -1.11 -10.87 11.59
CA VAL A 42 -1.15 -11.47 10.26
C VAL A 42 -1.01 -10.40 9.19
N LYS A 43 -1.69 -9.26 9.38
CA LYS A 43 -1.50 -8.17 8.44
C LYS A 43 -0.06 -7.68 8.43
N ALA A 44 0.57 -7.62 9.61
CA ALA A 44 1.97 -7.19 9.67
C ALA A 44 2.90 -8.22 9.02
N ILE A 45 2.65 -9.51 9.28
CA ILE A 45 3.41 -10.56 8.62
C ILE A 45 3.24 -10.46 7.11
N SER A 46 1.99 -10.29 6.66
CA SER A 46 1.73 -10.22 5.23
C SER A 46 2.52 -9.10 4.58
N SER A 47 2.54 -7.92 5.23
CA SER A 47 3.27 -6.76 4.72
C SER A 47 4.76 -7.06 4.55
N ALA A 48 5.36 -7.72 5.53
CA ALA A 48 6.78 -8.06 5.47
C ALA A 48 7.04 -9.16 4.45
N VAL A 49 6.15 -10.16 4.34
CA VAL A 49 6.37 -11.25 3.38
C VAL A 49 6.36 -10.71 1.95
N ARG A 50 5.44 -9.78 1.64
CA ARG A 50 5.43 -9.13 0.33
C ARG A 50 6.56 -8.13 0.14
N LYS A 51 7.47 -7.99 1.12
CA LYS A 51 8.73 -7.23 1.01
C LYS A 51 8.52 -5.71 1.00
N ALA A 52 7.47 -5.20 1.65
CA ALA A 52 7.37 -3.76 1.81
C ALA A 52 8.59 -3.24 2.56
N GLY A 53 9.21 -2.19 2.03
CA GLY A 53 10.39 -1.63 2.67
C GLY A 53 11.71 -2.28 2.30
N ILE A 54 11.72 -3.26 1.40
CA ILE A 54 12.96 -3.93 1.02
C ILE A 54 13.97 -2.97 0.39
N ALA A 55 13.50 -1.85 -0.18
CA ALA A 55 14.43 -0.87 -0.72
C ALA A 55 15.42 -0.37 0.32
N HIS A 56 14.97 -0.21 1.57
CA HIS A 56 15.87 0.27 2.63
C HIS A 56 16.96 -0.75 2.95
N LEU A 57 16.60 -2.03 2.94
CA LEU A 57 17.60 -3.05 3.16
C LEU A 57 18.65 -3.08 2.04
N TYR A 58 18.30 -2.60 0.85
CA TYR A 58 19.25 -2.54 -0.26
C TYR A 58 19.84 -1.15 -0.47
N GLY A 59 19.71 -0.27 0.53
CA GLY A 59 20.45 0.98 0.56
C GLY A 59 19.82 2.18 -0.09
N ILE A 60 18.49 2.22 -0.23
CA ILE A 60 17.88 3.36 -0.94
C ILE A 60 18.18 4.67 -0.22
N ALA A 61 18.29 4.65 1.10
CA ALA A 61 18.66 5.86 1.84
C ALA A 61 20.12 5.84 2.27
N GLY A 62 20.95 5.04 1.61
CA GLY A 62 22.35 4.92 1.98
C GLY A 62 22.52 3.90 3.08
N VAL A 71 15.57 -6.19 8.65
CA VAL A 71 16.83 -6.84 9.00
C VAL A 71 16.64 -8.29 9.50
N LYS A 72 15.69 -8.52 10.40
CA LYS A 72 15.46 -9.88 10.87
C LYS A 72 14.93 -10.77 9.75
N LYS A 73 15.34 -12.04 9.78
CA LYS A 73 14.70 -13.03 8.94
C LYS A 73 13.19 -13.01 9.17
N LEU A 74 12.45 -13.41 8.13
CA LEU A 74 10.99 -13.32 8.18
C LEU A 74 10.39 -14.26 9.21
N ASP A 75 10.98 -15.44 9.42
CA ASP A 75 10.37 -16.34 10.41
C ASP A 75 10.58 -15.83 11.83
N VAL A 76 11.71 -15.18 12.09
CA VAL A 76 11.95 -14.56 13.40
C VAL A 76 11.01 -13.37 13.61
N LEU A 77 10.90 -12.50 12.61
CA LEU A 77 10.00 -11.35 12.72
C LEU A 77 8.56 -11.79 12.93
N SER A 78 8.10 -12.78 12.14
CA SER A 78 6.74 -13.30 12.29
C SER A 78 6.49 -13.87 13.68
N ASN A 79 7.44 -14.63 14.21
CA ASN A 79 7.27 -15.14 15.57
C ASN A 79 7.15 -14.00 16.57
N ASP A 80 8.01 -12.98 16.44
CA ASP A 80 7.95 -11.81 17.33
C ASP A 80 6.60 -11.11 17.22
N LEU A 81 6.09 -10.95 16.00
CA LEU A 81 4.81 -10.29 15.79
C LEU A 81 3.69 -11.04 16.49
N VAL A 82 3.59 -12.36 16.26
CA VAL A 82 2.54 -13.16 16.88
C VAL A 82 2.68 -13.14 18.41
N MET A 83 3.89 -13.38 18.91
CA MET A 83 4.09 -13.41 20.37
C MET A 83 3.67 -12.10 21.04
N ASN A 84 4.11 -10.96 20.48
CA ASN A 84 3.82 -9.70 21.16
C ASN A 84 2.35 -9.33 21.05
N MET A 85 1.73 -9.54 19.89
CA MET A 85 0.31 -9.22 19.76
C MET A 85 -0.53 -10.10 20.67
N LEU A 86 -0.17 -11.38 20.78
CA LEU A 86 -0.95 -12.28 21.64
C LEU A 86 -0.75 -11.92 23.12
N LYS A 87 0.49 -11.69 23.53
CA LYS A 87 0.75 -11.26 24.91
C LYS A 87 -0.01 -9.99 25.26
N SER A 88 0.04 -8.99 24.38
CA SER A 88 -0.58 -7.71 24.70
C SER A 88 -2.09 -7.74 24.55
N SER A 89 -2.66 -8.86 24.10
CA SER A 89 -4.11 -8.98 24.02
C SER A 89 -4.73 -9.16 25.40
N PHE A 90 -3.94 -9.55 26.39
CA PHE A 90 -4.37 -9.90 27.74
C PHE A 90 -5.33 -11.08 27.74
N ALA A 91 -5.36 -11.87 26.66
CA ALA A 91 -6.31 -12.96 26.51
C ALA A 91 -5.69 -14.35 26.59
N THR A 92 -4.37 -14.45 26.74
CA THR A 92 -3.66 -15.71 26.67
C THR A 92 -2.82 -15.92 27.93
N CYS A 93 -2.51 -17.20 28.20
CA CYS A 93 -1.68 -17.52 29.36
C CYS A 93 -0.50 -18.42 29.00
N VAL A 94 -0.65 -19.23 27.96
CA VAL A 94 0.39 -20.17 27.53
C VAL A 94 0.51 -20.09 26.00
N LEU A 95 1.73 -19.94 25.51
CA LEU A 95 1.98 -19.79 24.08
C LEU A 95 3.02 -20.81 23.62
N VAL A 96 2.69 -21.61 22.63
CA VAL A 96 3.60 -22.58 22.04
C VAL A 96 3.85 -22.17 20.60
N SER A 97 5.11 -22.08 20.23
CA SER A 97 5.50 -21.69 18.89
C SER A 97 6.48 -22.73 18.33
N GLU A 98 6.37 -22.96 17.03
CA GLU A 98 7.36 -23.77 16.33
C GLU A 98 8.78 -23.27 16.61
N GLU A 99 8.93 -21.98 16.90
CA GLU A 99 10.23 -21.36 17.08
C GLU A 99 10.84 -21.54 18.46
N ASP A 100 10.06 -21.94 19.47
CA ASP A 100 10.55 -21.93 20.84
C ASP A 100 10.51 -23.34 21.42
N LYS A 101 11.63 -23.76 22.02
CA LYS A 101 11.71 -25.11 22.61
C LYS A 101 10.69 -25.30 23.72
N HIS A 102 10.55 -24.32 24.62
CA HIS A 102 9.56 -24.44 25.69
C HIS A 102 8.44 -23.44 25.48
N ALA A 103 7.28 -23.78 26.04
CA ALA A 103 6.13 -22.89 26.01
C ALA A 103 6.43 -21.60 26.75
N ILE A 104 5.93 -20.51 26.20
CA ILE A 104 6.03 -19.21 26.82
C ILE A 104 4.84 -19.02 27.76
N ILE A 105 5.14 -18.64 28.99
CA ILE A 105 4.10 -18.37 29.99
C ILE A 105 3.90 -16.87 30.04
N VAL A 106 2.66 -16.43 29.80
CA VAL A 106 2.37 -15.00 29.83
C VAL A 106 2.55 -14.47 31.24
N GLU A 107 3.19 -13.30 31.35
CA GLU A 107 3.44 -12.75 32.67
C GLU A 107 2.12 -12.40 33.35
N PRO A 108 2.08 -12.43 34.70
CA PRO A 108 0.80 -12.37 35.41
C PRO A 108 -0.12 -11.20 35.04
N GLU A 109 0.41 -10.00 34.83
CA GLU A 109 -0.50 -8.88 34.59
C GLU A 109 -1.21 -8.98 33.24
N LYS A 110 -0.67 -9.77 32.30
CA LYS A 110 -1.24 -9.90 30.97
C LYS A 110 -1.95 -11.23 30.75
N ARG A 111 -2.20 -12.01 31.80
CA ARG A 111 -2.71 -13.35 31.62
C ARG A 111 -4.20 -13.34 31.33
N GLY A 112 -4.58 -14.06 30.27
CA GLY A 112 -5.94 -14.41 30.04
C GLY A 112 -6.12 -15.91 30.17
N LYS A 113 -7.22 -16.42 29.64
CA LYS A 113 -7.55 -17.81 29.88
C LYS A 113 -7.17 -18.73 28.73
N TYR A 114 -6.66 -18.21 27.62
CA TYR A 114 -6.50 -19.04 26.42
C TYR A 114 -5.06 -19.49 26.18
N VAL A 115 -4.94 -20.65 25.55
CA VAL A 115 -3.66 -21.24 25.17
C VAL A 115 -3.62 -21.28 23.64
N VAL A 116 -2.53 -20.78 23.05
CA VAL A 116 -2.43 -20.71 21.60
C VAL A 116 -1.16 -21.43 21.18
N CYS A 117 -1.32 -22.38 20.27
CA CYS A 117 -0.22 -23.03 19.59
C CYS A 117 -0.18 -22.49 18.18
N PHE A 118 0.99 -22.07 17.72
CA PHE A 118 1.04 -21.48 16.40
C PHE A 118 2.37 -21.76 15.72
N ASP A 119 2.33 -21.77 14.40
CA ASP A 119 3.51 -21.81 13.55
C ASP A 119 3.58 -20.46 12.84
N PRO A 120 4.48 -19.56 13.24
CA PRO A 120 4.35 -18.17 12.78
C PRO A 120 4.59 -17.96 11.29
N LEU A 121 5.47 -18.74 10.65
CA LEU A 121 5.70 -18.59 9.20
C LEU A 121 5.99 -19.96 8.60
N ASP A 122 4.96 -20.81 8.55
CA ASP A 122 5.09 -22.14 8.00
C ASP A 122 5.53 -22.11 6.53
N GLY A 123 6.49 -22.96 6.20
CA GLY A 123 7.03 -23.08 4.86
C GLY A 123 8.19 -22.14 4.55
N SER A 124 8.65 -21.36 5.52
CA SER A 124 9.62 -20.30 5.28
C SER A 124 11.01 -20.82 4.95
N SER A 125 11.30 -22.11 5.19
CA SER A 125 12.64 -22.61 4.93
C SER A 125 13.02 -22.47 3.47
N ASN A 126 12.03 -22.45 2.57
CA ASN A 126 12.27 -22.28 1.14
C ASN A 126 11.69 -20.96 0.63
N ILE A 127 11.51 -19.96 1.49
CA ILE A 127 10.94 -18.69 1.07
C ILE A 127 11.84 -17.92 0.11
N ASP A 128 13.11 -18.33 -0.02
CA ASP A 128 14.01 -17.77 -1.02
C ASP A 128 13.52 -17.93 -2.44
N CYS A 129 12.64 -18.90 -2.71
CA CYS A 129 12.11 -19.06 -4.05
C CYS A 129 10.73 -18.43 -4.20
N LEU A 130 10.31 -17.65 -3.20
CA LEU A 130 9.02 -16.94 -3.20
C LEU A 130 7.83 -17.91 -3.23
N VAL A 131 8.01 -19.10 -2.66
CA VAL A 131 6.90 -20.02 -2.47
C VAL A 131 5.89 -19.44 -1.49
N SER A 132 4.60 -19.78 -1.68
CA SER A 132 3.56 -19.46 -0.70
C SER A 132 3.99 -19.92 0.70
N VAL A 133 3.70 -19.09 1.70
CA VAL A 133 3.94 -19.40 3.11
C VAL A 133 2.70 -19.05 3.90
N GLY A 134 2.70 -19.40 5.19
CA GLY A 134 1.52 -19.17 6.00
C GLY A 134 1.76 -19.21 7.49
N THR A 135 0.75 -18.76 8.22
CA THR A 135 0.71 -18.80 9.67
C THR A 135 -0.40 -19.77 10.08
N ILE A 136 -0.11 -20.68 11.01
CA ILE A 136 -1.11 -21.65 11.49
C ILE A 136 -1.31 -21.42 12.98
N PHE A 137 -2.55 -21.55 13.44
CA PHE A 137 -2.84 -21.33 14.85
C PHE A 137 -3.95 -22.27 15.33
N GLY A 138 -3.86 -22.65 16.60
CA GLY A 138 -4.89 -23.38 17.30
C GLY A 138 -5.06 -22.77 18.67
N ILE A 139 -6.31 -22.62 19.13
CA ILE A 139 -6.61 -21.89 20.35
C ILE A 139 -7.40 -22.80 21.29
N TYR A 140 -6.91 -22.96 22.52
CA TYR A 140 -7.55 -23.75 23.56
C TYR A 140 -7.86 -22.86 24.77
N ARG A 141 -8.84 -23.29 25.56
CA ARG A 141 -9.02 -22.72 26.90
C ARG A 141 -8.24 -23.53 27.93
N LYS A 142 -7.62 -22.82 28.87
CA LYS A 142 -6.85 -23.49 29.92
C LYS A 142 -7.77 -24.32 30.81
N LYS A 143 -7.38 -25.58 31.01
CA LYS A 143 -8.22 -26.57 31.69
C LYS A 143 -7.95 -26.68 33.18
N SER A 144 -6.71 -26.48 33.62
CA SER A 144 -6.37 -26.67 35.02
C SER A 144 -6.43 -25.34 35.76
N THR A 145 -6.55 -25.42 37.09
CA THR A 145 -6.47 -24.23 37.92
C THR A 145 -5.07 -24.01 38.47
N ASP A 146 -4.12 -24.89 38.14
CA ASP A 146 -2.74 -24.68 38.51
C ASP A 146 -2.18 -23.42 37.87
N GLU A 147 -1.07 -22.95 38.42
CA GLU A 147 -0.32 -21.90 37.76
C GLU A 147 -0.07 -22.32 36.31
N PRO A 148 -0.21 -21.41 35.34
CA PRO A 148 -0.08 -21.83 33.94
C PRO A 148 1.29 -22.43 33.67
N SER A 149 1.30 -23.47 32.85
CA SER A 149 2.54 -24.15 32.53
C SER A 149 2.40 -24.80 31.16
N GLU A 150 3.53 -25.28 30.66
CA GLU A 150 3.57 -25.97 29.37
C GLU A 150 2.58 -27.12 29.32
N LYS A 151 2.23 -27.70 30.46
CA LYS A 151 1.31 -28.83 30.49
C LYS A 151 -0.07 -28.44 29.96
N ASP A 152 -0.43 -27.16 30.06
CA ASP A 152 -1.72 -26.70 29.58
C ASP A 152 -1.85 -26.73 28.05
N ALA A 153 -0.73 -26.86 27.33
CA ALA A 153 -0.77 -26.99 25.88
C ALA A 153 -0.88 -28.44 25.43
N LEU A 154 -0.85 -29.41 26.35
CA LEU A 154 -0.92 -30.82 25.97
C LEU A 154 -2.36 -31.33 25.96
N GLN A 155 -3.18 -30.70 25.12
CA GLN A 155 -4.57 -31.11 24.97
C GLN A 155 -4.79 -31.75 23.60
N PRO A 156 -5.73 -32.70 23.48
CA PRO A 156 -6.09 -33.20 22.15
C PRO A 156 -6.82 -32.12 21.34
N GLY A 157 -6.69 -32.23 20.01
CA GLY A 157 -7.31 -31.26 19.13
C GLY A 157 -8.81 -31.12 19.34
N ARG A 158 -9.45 -32.18 19.85
CA ARG A 158 -10.88 -32.14 20.16
C ARG A 158 -11.25 -30.95 21.04
N ASN A 159 -10.29 -30.47 21.85
CA ASN A 159 -10.55 -29.39 22.78
C ASN A 159 -10.41 -28.00 22.18
N LEU A 160 -10.13 -27.90 20.88
CA LEU A 160 -9.91 -26.59 20.27
C LEU A 160 -11.17 -25.72 20.34
N VAL A 161 -10.98 -24.47 20.69
CA VAL A 161 -12.06 -23.47 20.62
C VAL A 161 -12.14 -22.86 19.22
N ALA A 162 -10.99 -22.65 18.60
CA ALA A 162 -10.88 -22.04 17.29
C ALA A 162 -9.52 -22.40 16.70
N ALA A 163 -9.46 -22.44 15.37
CA ALA A 163 -8.23 -22.73 14.65
C ALA A 163 -8.35 -22.19 13.23
N GLY A 164 -7.22 -22.12 12.55
CA GLY A 164 -7.22 -21.74 11.15
C GLY A 164 -5.82 -21.38 10.70
N TYR A 165 -5.76 -20.60 9.62
CA TYR A 165 -4.46 -20.23 9.06
C TYR A 165 -4.59 -18.96 8.22
N ALA A 166 -3.45 -18.31 8.04
CA ALA A 166 -3.29 -17.26 7.05
C ALA A 166 -2.36 -17.79 5.98
N LEU A 167 -2.78 -17.70 4.72
CA LEU A 167 -1.98 -18.09 3.57
C LEU A 167 -1.50 -16.81 2.89
N TYR A 168 -0.18 -16.66 2.78
CA TYR A 168 0.40 -15.53 2.04
C TYR A 168 0.76 -16.06 0.65
N GLY A 169 -0.24 -16.11 -0.23
CA GLY A 169 -0.06 -16.63 -1.58
C GLY A 169 -0.16 -15.54 -2.63
N SER A 170 -0.85 -15.82 -3.74
CA SER A 170 -1.07 -14.76 -4.72
C SER A 170 -1.85 -13.60 -4.09
N ALA A 171 -2.76 -13.92 -3.15
CA ALA A 171 -3.33 -12.94 -2.25
C ALA A 171 -3.26 -13.50 -0.83
N THR A 172 -3.54 -12.66 0.16
CA THR A 172 -3.51 -13.09 1.54
C THR A 172 -4.92 -13.41 2.02
N MET A 173 -5.10 -14.61 2.54
CA MET A 173 -6.41 -15.04 3.03
C MET A 173 -6.31 -15.64 4.42
N LEU A 174 -7.27 -15.28 5.28
CA LEU A 174 -7.42 -15.88 6.60
C LEU A 174 -8.60 -16.85 6.59
N VAL A 175 -8.32 -18.09 6.96
CA VAL A 175 -9.34 -19.13 7.10
C VAL A 175 -9.51 -19.38 8.59
N LEU A 176 -10.73 -19.16 9.10
CA LEU A 176 -11.02 -19.28 10.53
C LEU A 176 -12.11 -20.31 10.74
N ALA A 177 -11.80 -21.35 11.51
CA ALA A 177 -12.74 -22.41 11.85
C ALA A 177 -13.12 -22.28 13.33
N MET A 178 -14.42 -22.38 13.60
CA MET A 178 -14.96 -22.43 14.94
C MET A 178 -16.12 -23.41 14.91
N ASP A 179 -16.84 -23.50 16.02
CA ASP A 179 -18.03 -24.36 16.06
C ASP A 179 -19.03 -23.99 14.97
N CYS A 180 -19.08 -22.73 14.55
CA CYS A 180 -20.04 -22.30 13.54
C CYS A 180 -19.67 -22.75 12.12
N GLY A 181 -18.49 -23.30 11.92
CA GLY A 181 -18.02 -23.68 10.59
C GLY A 181 -16.77 -22.93 10.21
N VAL A 182 -16.46 -22.97 8.91
CA VAL A 182 -15.22 -22.43 8.37
C VAL A 182 -15.55 -21.22 7.51
N ASN A 183 -14.87 -20.11 7.77
CA ASN A 183 -15.12 -18.88 7.01
C ASN A 183 -13.80 -18.32 6.51
N CYS A 184 -13.82 -17.83 5.27
CA CYS A 184 -12.63 -17.39 4.56
C CYS A 184 -12.72 -15.89 4.31
N PHE A 185 -11.64 -15.18 4.66
CA PHE A 185 -11.57 -13.73 4.61
C PHE A 185 -10.37 -13.33 3.76
N MET A 186 -10.61 -12.49 2.76
CA MET A 186 -9.56 -11.99 1.89
C MET A 186 -9.03 -10.66 2.42
N LEU A 187 -7.70 -10.55 2.57
CA LEU A 187 -7.09 -9.27 2.95
C LEU A 187 -7.08 -8.33 1.76
N ASP A 188 -7.76 -7.20 1.91
CA ASP A 188 -7.72 -6.10 0.97
C ASP A 188 -6.59 -5.20 1.46
N PRO A 189 -5.41 -5.26 0.84
CA PRO A 189 -4.26 -4.50 1.36
C PRO A 189 -4.41 -2.99 1.20
N ALA A 190 -5.37 -2.52 0.41
CA ALA A 190 -5.59 -1.09 0.27
C ALA A 190 -6.09 -0.48 1.57
N ILE A 191 -6.79 -1.27 2.38
CA ILE A 191 -7.42 -0.77 3.60
C ILE A 191 -7.13 -1.62 4.83
N GLY A 192 -6.31 -2.67 4.71
CA GLY A 192 -6.03 -3.51 5.87
C GLY A 192 -7.27 -4.11 6.53
N GLU A 193 -8.17 -4.68 5.73
CA GLU A 193 -9.39 -5.31 6.23
C GLU A 193 -9.49 -6.69 5.62
N PHE A 194 -9.80 -7.68 6.46
CA PHE A 194 -10.11 -9.02 5.98
C PHE A 194 -11.59 -9.08 5.60
N ILE A 195 -11.88 -9.35 4.32
CA ILE A 195 -13.24 -9.32 3.80
C ILE A 195 -13.75 -10.74 3.70
N LEU A 196 -14.92 -10.99 4.30
CA LEU A 196 -15.54 -12.32 4.21
C LEU A 196 -15.96 -12.57 2.76
N VAL A 197 -15.37 -13.58 2.14
CA VAL A 197 -15.66 -13.89 0.74
C VAL A 197 -16.23 -15.29 0.55
N ASP A 198 -16.06 -16.21 1.51
CA ASP A 198 -16.58 -17.57 1.37
C ASP A 198 -17.13 -17.98 2.73
N LYS A 199 -18.44 -18.16 2.81
CA LYS A 199 -19.13 -18.42 4.07
C LYS A 199 -19.39 -19.91 4.24
N ASP A 200 -19.23 -20.39 5.46
CA ASP A 200 -19.61 -21.75 5.87
C ASP A 200 -19.15 -22.78 4.84
N VAL A 201 -17.85 -22.79 4.58
CA VAL A 201 -17.27 -23.58 3.50
C VAL A 201 -17.31 -25.06 3.87
N LYS A 202 -17.60 -25.90 2.88
CA LYS A 202 -17.57 -27.35 2.97
C LYS A 202 -16.67 -27.87 1.86
N ILE A 203 -15.88 -28.90 2.17
CA ILE A 203 -15.00 -29.53 1.19
C ILE A 203 -15.80 -30.49 0.33
N LYS A 204 -15.36 -30.69 -0.92
CA LYS A 204 -15.95 -31.69 -1.80
C LYS A 204 -15.93 -33.07 -1.15
N LYS A 205 -16.94 -33.88 -1.47
CA LYS A 205 -16.98 -35.23 -0.94
C LYS A 205 -15.85 -36.09 -1.53
N LYS A 206 -15.44 -35.82 -2.77
CA LYS A 206 -14.36 -36.57 -3.39
C LYS A 206 -13.68 -35.67 -4.40
N GLY A 207 -12.34 -35.73 -4.43
CA GLY A 207 -11.54 -34.89 -5.29
C GLY A 207 -10.80 -35.65 -6.38
N LYS A 208 -9.93 -34.91 -7.07
CA LYS A 208 -9.20 -35.44 -8.21
C LYS A 208 -7.71 -35.05 -8.17
N ILE A 209 -7.18 -34.69 -7.00
CA ILE A 209 -5.79 -34.29 -6.85
C ILE A 209 -5.20 -35.00 -5.64
N TYR A 210 -4.01 -35.55 -5.77
CA TYR A 210 -3.27 -36.09 -4.64
C TYR A 210 -2.00 -35.27 -4.41
N SER A 211 -1.59 -35.15 -3.15
CA SER A 211 -0.53 -34.21 -2.78
C SER A 211 0.40 -34.83 -1.75
N LEU A 212 1.64 -35.13 -2.15
CA LEU A 212 2.72 -35.57 -1.27
C LEU A 212 4.04 -35.50 -2.04
N ASN A 213 5.14 -35.59 -1.29
CA ASN A 213 6.50 -35.59 -1.86
C ASN A 213 6.81 -36.99 -2.36
N GLU A 214 6.63 -37.24 -3.67
CA GLU A 214 6.92 -38.56 -4.20
C GLU A 214 8.41 -38.84 -4.39
N GLY A 215 9.26 -37.85 -4.15
CA GLY A 215 10.69 -38.12 -4.24
C GLY A 215 11.20 -39.10 -3.21
N TYR A 216 10.47 -39.25 -2.11
CA TYR A 216 10.84 -40.16 -1.03
C TYR A 216 10.24 -41.55 -1.22
N ALA A 217 9.94 -41.92 -2.47
CA ALA A 217 9.23 -43.15 -2.79
C ALA A 217 9.92 -44.38 -2.22
N LYS A 218 11.25 -44.37 -2.19
CA LYS A 218 12.03 -45.52 -1.71
C LYS A 218 11.71 -45.84 -0.26
N ASP A 219 11.27 -44.85 0.52
CA ASP A 219 10.99 -45.03 1.94
C ASP A 219 9.50 -45.18 2.26
N PHE A 220 8.62 -45.19 1.26
CA PHE A 220 7.18 -45.25 1.49
C PHE A 220 6.77 -46.53 2.22
N ASP A 221 5.79 -46.40 3.09
CA ASP A 221 5.09 -47.56 3.60
C ASP A 221 4.31 -48.24 2.47
N PRO A 222 4.20 -49.58 2.50
CA PRO A 222 3.52 -50.28 1.38
C PRO A 222 2.09 -49.81 1.13
N ALA A 223 1.35 -49.44 2.18
CA ALA A 223 -0.01 -48.93 1.96
C ALA A 223 0.01 -47.60 1.23
N VAL A 224 1.00 -46.76 1.54
CA VAL A 224 1.14 -45.51 0.81
C VAL A 224 1.53 -45.78 -0.65
N THR A 225 2.47 -46.72 -0.85
CA THR A 225 2.86 -47.08 -2.21
C THR A 225 1.65 -47.54 -3.01
N GLU A 226 0.84 -48.42 -2.43
CA GLU A 226 -0.34 -48.94 -3.12
C GLU A 226 -1.33 -47.84 -3.44
N TYR A 227 -1.64 -46.98 -2.45
CA TYR A 227 -2.63 -45.93 -2.68
C TYR A 227 -2.21 -44.98 -3.80
N ILE A 228 -0.95 -44.55 -3.81
CA ILE A 228 -0.50 -43.65 -4.86
C ILE A 228 -0.55 -44.33 -6.22
N GLN A 229 -0.14 -45.60 -6.27
CA GLN A 229 -0.24 -46.38 -7.51
C GLN A 229 -1.67 -46.46 -8.01
N ARG A 230 -2.66 -46.54 -7.12
CA ARG A 230 -4.05 -46.54 -7.55
C ARG A 230 -4.51 -45.18 -8.06
N LYS A 231 -3.95 -44.08 -7.53
CA LYS A 231 -4.36 -42.78 -8.04
C LYS A 231 -3.89 -42.57 -9.48
N LYS A 232 -2.72 -43.10 -9.82
CA LYS A 232 -2.10 -42.95 -11.14
C LYS A 232 -2.58 -44.03 -12.12
N PHE A 233 -2.91 -45.22 -11.61
CA PHE A 233 -3.38 -46.35 -12.41
C PHE A 233 -4.66 -46.88 -11.79
N PRO A 234 -5.78 -46.19 -11.98
CA PRO A 234 -7.03 -46.59 -11.31
C PRO A 234 -7.49 -47.96 -11.77
N PRO A 235 -7.91 -48.82 -10.84
CA PRO A 235 -8.37 -50.15 -11.25
C PRO A 235 -9.76 -50.20 -11.87
N ASP A 236 -10.59 -49.17 -11.69
CA ASP A 236 -11.96 -49.16 -12.17
C ASP A 236 -12.18 -48.35 -13.45
N ASN A 237 -11.13 -48.13 -14.25
CA ASN A 237 -11.23 -47.39 -15.51
C ASN A 237 -11.63 -45.92 -15.30
N SER A 238 -11.49 -45.39 -14.09
CA SER A 238 -11.73 -43.98 -13.88
C SER A 238 -10.52 -43.15 -14.30
N ALA A 239 -10.68 -41.84 -14.34
CA ALA A 239 -9.58 -40.97 -14.75
C ALA A 239 -8.53 -40.91 -13.65
N PRO A 240 -7.24 -40.96 -13.99
CA PRO A 240 -6.21 -40.81 -12.96
C PRO A 240 -6.26 -39.42 -12.34
N TYR A 241 -5.98 -39.36 -11.04
CA TYR A 241 -5.90 -38.08 -10.35
C TYR A 241 -4.70 -37.25 -10.85
N GLY A 242 -4.86 -35.93 -10.79
CA GLY A 242 -3.72 -35.04 -10.95
C GLY A 242 -2.91 -34.91 -9.67
N ALA A 243 -1.66 -34.48 -9.83
CA ALA A 243 -0.77 -34.32 -8.69
C ALA A 243 -0.36 -32.86 -8.53
N ARG A 244 -0.39 -32.40 -7.28
CA ARG A 244 0.09 -31.07 -6.90
C ARG A 244 0.83 -31.18 -5.58
N TYR A 245 2.00 -30.56 -5.47
CA TYR A 245 2.70 -30.53 -4.18
C TYR A 245 3.58 -29.28 -4.12
N VAL A 246 3.04 -28.24 -3.50
CA VAL A 246 3.78 -27.00 -3.32
C VAL A 246 4.96 -27.19 -2.39
N GLY A 247 4.81 -28.06 -1.40
CA GLY A 247 5.80 -28.25 -0.36
C GLY A 247 5.65 -27.25 0.77
N SER A 248 4.60 -26.44 0.77
CA SER A 248 4.27 -25.52 1.84
C SER A 248 2.91 -25.98 2.35
N MET A 249 2.87 -26.45 3.60
CA MET A 249 1.68 -27.13 4.09
C MET A 249 0.44 -26.25 3.96
N VAL A 250 0.55 -24.98 4.35
CA VAL A 250 -0.61 -24.09 4.30
C VAL A 250 -1.12 -23.98 2.86
N ALA A 251 -0.21 -23.87 1.89
CA ALA A 251 -0.63 -23.76 0.50
C ALA A 251 -1.25 -25.06 0.00
N ASP A 252 -0.66 -26.20 0.37
CA ASP A 252 -1.21 -27.47 -0.10
C ASP A 252 -2.54 -27.76 0.56
N VAL A 253 -2.67 -27.45 1.86
CA VAL A 253 -3.91 -27.73 2.57
C VAL A 253 -5.05 -26.83 2.10
N HIS A 254 -4.76 -25.54 1.83
CA HIS A 254 -5.80 -24.64 1.34
C HIS A 254 -6.34 -25.07 -0.01
N ARG A 255 -5.43 -25.45 -0.93
CA ARG A 255 -5.86 -25.99 -2.21
C ARG A 255 -6.72 -27.23 -2.02
N THR A 256 -6.36 -28.09 -1.06
CA THR A 256 -7.20 -29.25 -0.77
C THR A 256 -8.62 -28.82 -0.35
N LEU A 257 -8.73 -27.80 0.49
CA LEU A 257 -10.05 -27.30 0.90
C LEU A 257 -10.85 -26.76 -0.30
N VAL A 258 -10.20 -25.96 -1.14
CA VAL A 258 -10.95 -25.27 -2.19
C VAL A 258 -11.34 -26.23 -3.30
N TYR A 259 -10.44 -27.14 -3.67
CA TYR A 259 -10.65 -28.03 -4.81
C TYR A 259 -10.95 -29.48 -4.44
N GLY A 260 -10.86 -29.85 -3.17
CA GLY A 260 -11.00 -31.25 -2.78
C GLY A 260 -9.75 -32.07 -3.08
N GLY A 261 -9.80 -33.35 -2.69
CA GLY A 261 -8.67 -34.21 -2.92
C GLY A 261 -8.02 -34.64 -1.63
N ILE A 262 -6.73 -34.97 -1.64
CA ILE A 262 -6.10 -35.56 -0.48
C ILE A 262 -4.68 -35.00 -0.33
N PHE A 263 -4.25 -34.81 0.93
CA PHE A 263 -2.91 -34.35 1.26
C PHE A 263 -2.30 -35.34 2.25
N LEU A 264 -1.06 -35.75 2.00
CA LEU A 264 -0.43 -36.78 2.82
C LEU A 264 0.97 -36.34 3.21
N TYR A 265 1.28 -36.42 4.51
CA TYR A 265 2.64 -36.42 5.00
C TYR A 265 2.70 -37.59 5.98
N PRO A 266 2.83 -38.81 5.46
CA PRO A 266 2.60 -40.00 6.27
C PRO A 266 3.83 -40.47 7.03
N ALA A 267 3.58 -41.39 7.96
CA ALA A 267 4.65 -42.07 8.65
C ALA A 267 5.30 -43.08 7.69
N ASN A 268 6.58 -43.33 7.88
CA ASN A 268 7.28 -44.34 7.09
C ASN A 268 8.28 -45.07 7.99
N LYS A 269 9.16 -45.82 7.34
CA LYS A 269 10.12 -46.67 8.04
C LYS A 269 11.12 -45.84 8.86
N LYS A 270 11.66 -44.76 8.27
CA LYS A 270 12.59 -43.88 8.96
C LYS A 270 11.91 -42.87 9.88
N SER A 271 10.60 -42.64 9.69
CA SER A 271 9.86 -41.61 10.43
C SER A 271 8.52 -42.19 10.86
N PRO A 272 8.54 -43.04 11.89
CA PRO A 272 7.29 -43.69 12.30
C PRO A 272 6.28 -42.72 12.88
N ASN A 273 6.70 -41.50 13.24
CA ASN A 273 5.78 -40.49 13.73
C ASN A 273 5.55 -39.35 12.73
N GLY A 274 5.91 -39.53 11.47
CA GLY A 274 5.72 -38.42 10.56
C GLY A 274 6.78 -37.35 10.75
N LYS A 275 6.58 -36.25 10.03
CA LYS A 275 7.47 -35.10 10.14
C LYS A 275 6.74 -33.85 10.63
N LEU A 276 5.50 -33.62 10.21
CA LEU A 276 4.78 -32.44 10.64
C LEU A 276 4.45 -32.48 12.14
N ARG A 277 4.30 -31.29 12.72
CA ARG A 277 4.16 -31.14 14.17
C ARG A 277 2.69 -31.15 14.56
N LEU A 278 2.35 -31.97 15.56
CA LEU A 278 0.95 -32.17 15.94
C LEU A 278 0.29 -30.89 16.43
N LEU A 279 0.94 -30.16 17.35
CA LEU A 279 0.23 -29.13 18.11
C LEU A 279 -0.13 -27.92 17.24
N TYR A 280 0.79 -27.49 16.38
CA TYR A 280 0.64 -26.24 15.63
C TYR A 280 0.73 -26.44 14.12
N GLU A 281 0.69 -27.68 13.64
CA GLU A 281 0.51 -27.89 12.22
C GLU A 281 -0.68 -28.82 12.01
N CYS A 282 -0.61 -30.05 12.54
CA CYS A 282 -1.62 -31.07 12.24
C CYS A 282 -2.97 -30.77 12.91
N ASN A 283 -2.97 -30.44 14.19
CA ASN A 283 -4.26 -30.22 14.87
C ASN A 283 -5.07 -29.09 14.25
N PRO A 284 -4.54 -27.89 14.01
CA PRO A 284 -5.36 -26.87 13.34
C PRO A 284 -5.89 -27.29 11.96
N MET A 285 -5.05 -27.93 11.14
CA MET A 285 -5.51 -28.28 9.80
C MET A 285 -6.55 -29.39 9.85
N ALA A 286 -6.41 -30.31 10.79
CA ALA A 286 -7.43 -31.34 11.01
C ALA A 286 -8.75 -30.71 11.47
N TYR A 287 -8.67 -29.71 12.34
CA TYR A 287 -9.88 -29.07 12.85
C TYR A 287 -10.58 -28.29 11.74
N VAL A 288 -9.82 -27.56 10.93
CA VAL A 288 -10.40 -26.90 9.76
C VAL A 288 -11.08 -27.94 8.86
N MET A 289 -10.40 -29.05 8.60
CA MET A 289 -10.94 -30.07 7.71
C MET A 289 -12.24 -30.67 8.24
N GLU A 290 -12.28 -31.02 9.53
CA GLU A 290 -13.49 -31.66 10.06
C GLU A 290 -14.67 -30.69 10.10
N LYS A 291 -14.42 -29.44 10.47
CA LYS A 291 -15.48 -28.44 10.46
C LYS A 291 -16.00 -28.18 9.06
N ALA A 292 -15.19 -28.48 8.03
CA ALA A 292 -15.59 -28.33 6.64
C ALA A 292 -16.10 -29.63 6.03
N GLY A 293 -16.39 -30.64 6.86
CA GLY A 293 -16.86 -31.90 6.32
C GLY A 293 -15.78 -32.81 5.76
N GLY A 294 -14.51 -32.54 6.05
CA GLY A 294 -13.42 -33.40 5.62
C GLY A 294 -12.92 -34.28 6.75
N MET A 295 -11.80 -34.96 6.49
CA MET A 295 -11.22 -35.88 7.46
C MET A 295 -9.73 -35.65 7.57
N ALA A 296 -9.16 -36.12 8.67
CA ALA A 296 -7.73 -36.05 8.89
C ALA A 296 -7.30 -37.17 9.83
N THR A 297 -6.47 -38.10 9.34
CA THR A 297 -6.07 -39.26 10.11
C THR A 297 -4.56 -39.40 10.15
N THR A 298 -4.08 -40.02 11.23
CA THR A 298 -2.69 -40.47 11.27
C THR A 298 -2.51 -41.80 10.56
N GLY A 299 -3.60 -42.44 10.14
CA GLY A 299 -3.56 -43.82 9.72
C GLY A 299 -4.18 -44.70 10.78
N LYS A 300 -3.85 -44.42 12.06
CA LYS A 300 -4.38 -45.20 13.17
C LYS A 300 -5.60 -44.57 13.83
N GLU A 301 -5.73 -43.25 13.82
CA GLU A 301 -6.86 -42.58 14.45
C GLU A 301 -6.97 -41.16 13.91
N ALA A 302 -8.05 -40.49 14.29
CA ALA A 302 -8.22 -39.09 13.94
C ALA A 302 -7.14 -38.27 14.61
N VAL A 303 -6.52 -37.37 13.83
CA VAL A 303 -5.48 -36.47 14.35
C VAL A 303 -5.95 -35.78 15.62
N LEU A 304 -7.19 -35.32 15.63
CA LEU A 304 -7.76 -34.56 16.73
C LEU A 304 -7.88 -35.39 18.01
N ASP A 305 -7.79 -36.72 17.92
CA ASP A 305 -7.89 -37.56 19.11
C ASP A 305 -6.56 -37.94 19.73
N VAL A 306 -5.44 -37.65 19.06
CA VAL A 306 -4.14 -37.92 19.65
C VAL A 306 -3.95 -37.05 20.88
N ILE A 307 -3.58 -37.69 21.99
CA ILE A 307 -3.32 -36.98 23.25
C ILE A 307 -1.81 -36.75 23.34
N PRO A 308 -1.32 -35.54 23.15
CA PRO A 308 0.12 -35.32 23.07
C PRO A 308 0.81 -35.37 24.43
N THR A 309 2.10 -35.75 24.40
CA THR A 309 2.96 -35.70 25.59
C THR A 309 4.14 -34.77 25.44
N ASP A 310 4.39 -34.22 24.26
CA ASP A 310 5.49 -33.28 24.07
C ASP A 310 4.99 -32.23 23.09
N ILE A 311 5.15 -30.96 23.45
CA ILE A 311 4.54 -29.91 22.63
C ILE A 311 5.11 -29.88 21.23
N HIS A 312 6.29 -30.47 21.01
CA HIS A 312 6.89 -30.49 19.69
C HIS A 312 6.81 -31.87 19.04
N GLN A 313 5.97 -32.76 19.56
CA GLN A 313 5.92 -34.08 18.97
C GLN A 313 5.31 -34.05 17.58
N ARG A 314 5.74 -35.00 16.76
CA ARG A 314 5.33 -35.10 15.37
C ARG A 314 4.15 -36.06 15.25
N ALA A 315 3.47 -35.97 14.10
CA ALA A 315 2.33 -36.82 13.83
C ALA A 315 2.26 -37.06 12.33
N PRO A 316 1.92 -38.27 11.91
CA PRO A 316 1.56 -38.48 10.50
C PRO A 316 0.21 -37.83 10.22
N VAL A 317 0.01 -37.40 8.97
CA VAL A 317 -1.25 -36.75 8.62
C VAL A 317 -1.63 -37.08 7.19
N ILE A 318 -2.89 -37.50 7.03
CA ILE A 318 -3.55 -37.71 5.74
C ILE A 318 -4.90 -37.01 5.85
N LEU A 319 -5.16 -36.05 4.96
CA LEU A 319 -6.34 -35.24 5.20
C LEU A 319 -6.97 -34.83 3.88
N GLY A 320 -8.24 -34.46 3.94
CA GLY A 320 -8.92 -33.94 2.78
C GLY A 320 -10.35 -34.40 2.60
N SER A 321 -10.72 -34.64 1.34
CA SER A 321 -12.08 -35.05 1.04
C SER A 321 -12.38 -36.38 1.73
N PRO A 322 -13.58 -36.55 2.29
CA PRO A 322 -13.86 -37.79 3.08
C PRO A 322 -13.77 -39.07 2.25
N ASP A 323 -14.27 -39.08 1.01
CA ASP A 323 -14.18 -40.31 0.20
C ASP A 323 -12.73 -40.71 -0.06
N ASP A 324 -11.86 -39.73 -0.26
CA ASP A 324 -10.46 -40.03 -0.56
C ASP A 324 -9.72 -40.52 0.68
N VAL A 325 -9.93 -39.87 1.83
CA VAL A 325 -9.29 -40.34 3.05
C VAL A 325 -9.79 -41.74 3.40
N LEU A 326 -11.08 -42.00 3.19
CA LEU A 326 -11.62 -43.33 3.44
C LEU A 326 -10.97 -44.37 2.55
N GLU A 327 -10.76 -44.06 1.28
CA GLU A 327 -10.08 -44.98 0.38
C GLU A 327 -8.65 -45.23 0.84
N PHE A 328 -7.95 -44.19 1.30
CA PHE A 328 -6.60 -44.41 1.82
C PHE A 328 -6.64 -45.33 3.04
N LEU A 329 -7.61 -45.13 3.94
CA LEU A 329 -7.66 -45.92 5.16
C LEU A 329 -7.91 -47.39 4.85
N LYS A 330 -8.74 -47.69 3.86
CA LYS A 330 -8.96 -49.07 3.47
C LYS A 330 -7.64 -49.73 3.07
N VAL A 331 -6.89 -49.07 2.18
CA VAL A 331 -5.58 -49.58 1.78
C VAL A 331 -4.67 -49.75 2.99
N TYR A 332 -4.71 -48.79 3.92
CA TYR A 332 -3.86 -48.89 5.11
C TYR A 332 -4.24 -50.10 5.95
N GLU A 333 -5.55 -50.31 6.15
CA GLU A 333 -6.03 -51.45 6.93
C GLU A 333 -5.83 -52.76 6.19
N LYS A 334 -5.87 -52.73 4.85
CA LYS A 334 -5.58 -53.93 4.05
C LYS A 334 -4.16 -54.44 4.34
N HIS A 335 -3.23 -53.53 4.65
CA HIS A 335 -1.89 -53.90 5.07
C HIS A 335 -1.80 -54.11 6.58
N SER A 336 -2.92 -54.47 7.21
CA SER A 336 -3.02 -54.81 8.63
C SER A 336 -3.02 -53.56 9.50
N ASP B 10 25.77 0.52 -4.52
CA ASP B 10 24.64 1.42 -4.74
C ASP B 10 23.33 0.65 -5.03
N VAL B 11 22.23 1.14 -4.46
CA VAL B 11 20.92 0.64 -4.83
C VAL B 11 20.67 0.84 -6.33
N ASN B 12 19.93 -0.08 -6.94
CA ASN B 12 19.61 -0.03 -8.37
C ASN B 12 18.13 -0.40 -8.54
N THR B 13 17.43 0.30 -9.43
CA THR B 13 16.04 -0.03 -9.75
C THR B 13 15.94 -0.63 -11.15
N LEU B 14 14.82 -1.30 -11.42
CA LEU B 14 14.60 -1.78 -12.77
C LEU B 14 14.61 -0.62 -13.77
N THR B 15 13.93 0.48 -13.44
CA THR B 15 13.92 1.66 -14.30
C THR B 15 15.34 2.15 -14.58
N ARG B 16 16.15 2.32 -13.54
CA ARG B 16 17.52 2.81 -13.73
C ARG B 16 18.38 1.77 -14.46
N PHE B 17 18.24 0.49 -14.10
CA PHE B 17 19.01 -0.56 -14.74
C PHE B 17 18.76 -0.60 -16.25
N VAL B 18 17.48 -0.65 -16.65
CA VAL B 18 17.15 -0.75 -18.06
C VAL B 18 17.61 0.47 -18.82
N MET B 19 17.39 1.66 -18.24
CA MET B 19 17.85 2.88 -18.87
C MET B 19 19.35 2.85 -19.09
N GLU B 20 20.10 2.39 -18.10
CA GLU B 20 21.55 2.43 -18.23
C GLU B 20 22.04 1.43 -19.26
N GLU B 21 21.45 0.22 -19.28
CA GLU B 21 21.76 -0.72 -20.37
C GLU B 21 21.45 -0.08 -21.72
N GLY B 22 20.36 0.67 -21.80
CA GLY B 22 20.00 1.28 -23.08
C GLY B 22 21.00 2.33 -23.49
N ARG B 23 21.53 3.08 -22.52
CA ARG B 23 22.57 4.07 -22.79
C ARG B 23 23.87 3.41 -23.22
N LYS B 24 24.15 2.20 -22.70
CA LYS B 24 25.36 1.51 -23.10
C LYS B 24 25.30 1.05 -24.55
N ALA B 25 24.15 0.55 -24.99
CA ALA B 25 23.98 0.12 -26.37
C ALA B 25 23.78 1.27 -27.33
N ARG B 26 23.70 2.50 -26.83
CA ARG B 26 23.44 3.68 -27.67
C ARG B 26 22.22 3.46 -28.54
N GLY B 27 21.19 2.85 -27.95
CA GLY B 27 19.96 2.64 -28.66
C GLY B 27 19.13 3.91 -28.69
N THR B 28 18.05 3.86 -29.46
CA THR B 28 17.20 5.03 -29.59
C THR B 28 16.32 5.29 -28.37
N GLY B 29 16.29 4.37 -27.40
CA GLY B 29 15.38 4.47 -26.27
C GLY B 29 14.07 3.72 -26.44
N GLU B 30 13.84 3.11 -27.61
CA GLU B 30 12.54 2.47 -27.88
C GLU B 30 12.33 1.24 -27.00
N LEU B 31 13.35 0.38 -26.89
CA LEU B 31 13.22 -0.80 -26.05
C LEU B 31 13.09 -0.42 -24.59
N THR B 32 13.78 0.65 -24.17
CA THR B 32 13.65 1.10 -22.79
C THR B 32 12.21 1.54 -22.49
N GLN B 33 11.58 2.24 -23.44
CA GLN B 33 10.19 2.64 -23.24
C GLN B 33 9.27 1.43 -23.16
N LEU B 34 9.51 0.43 -24.02
CA LEU B 34 8.74 -0.80 -23.99
C LEU B 34 8.87 -1.47 -22.63
N LEU B 35 10.11 -1.62 -22.15
CA LEU B 35 10.33 -2.30 -20.87
C LEU B 35 9.75 -1.48 -19.72
N ASN B 36 9.85 -0.15 -19.77
CA ASN B 36 9.20 0.69 -18.75
C ASN B 36 7.69 0.46 -18.70
N SER B 37 7.03 0.42 -19.87
CA SER B 37 5.58 0.20 -19.90
C SER B 37 5.21 -1.16 -19.35
N LEU B 38 6.00 -2.18 -19.67
CA LEU B 38 5.74 -3.52 -19.17
C LEU B 38 5.86 -3.57 -17.66
N CYS B 39 6.90 -2.92 -17.13
CA CYS B 39 7.10 -2.82 -15.68
C CYS B 39 5.90 -2.16 -14.99
N THR B 40 5.32 -1.14 -15.61
CA THR B 40 4.11 -0.51 -15.06
C THR B 40 2.94 -1.48 -15.09
N ALA B 41 2.76 -2.20 -16.20
CA ALA B 41 1.69 -3.19 -16.31
C ALA B 41 1.82 -4.27 -15.23
N VAL B 42 3.05 -4.73 -14.98
CA VAL B 42 3.30 -5.79 -13.99
C VAL B 42 2.92 -5.34 -12.58
N LYS B 43 3.28 -4.10 -12.22
CA LYS B 43 2.89 -3.57 -10.91
C LYS B 43 1.37 -3.45 -10.79
N ALA B 44 0.69 -3.08 -11.87
CA ALA B 44 -0.76 -3.01 -11.83
C ALA B 44 -1.38 -4.40 -11.72
N ILE B 45 -0.84 -5.39 -12.43
CA ILE B 45 -1.30 -6.76 -12.26
C ILE B 45 -1.06 -7.22 -10.83
N SER B 46 0.13 -6.96 -10.29
CA SER B 46 0.44 -7.40 -8.93
C SER B 46 -0.58 -6.83 -7.93
N SER B 47 -0.89 -5.54 -8.05
CA SER B 47 -1.88 -4.92 -7.17
C SER B 47 -3.23 -5.62 -7.25
N ALA B 48 -3.69 -5.93 -8.46
CA ALA B 48 -4.98 -6.63 -8.59
C ALA B 48 -4.91 -8.06 -8.06
N VAL B 49 -3.80 -8.76 -8.31
CA VAL B 49 -3.69 -10.15 -7.86
C VAL B 49 -3.71 -10.22 -6.34
N ARG B 50 -3.02 -9.29 -5.66
CA ARG B 50 -3.10 -9.22 -4.20
C ARG B 50 -4.43 -8.67 -3.68
N LYS B 51 -5.38 -8.39 -4.57
CA LYS B 51 -6.78 -8.08 -4.21
C LYS B 51 -6.93 -6.72 -3.56
N ALA B 52 -6.06 -5.76 -3.89
CA ALA B 52 -6.28 -4.40 -3.44
C ALA B 52 -7.60 -3.90 -4.04
N GLY B 53 -8.47 -3.35 -3.18
CA GLY B 53 -9.75 -2.87 -3.64
C GLY B 53 -10.86 -3.90 -3.69
N ILE B 54 -10.60 -5.16 -3.29
CA ILE B 54 -11.62 -6.19 -3.36
C ILE B 54 -12.82 -5.85 -2.48
N ALA B 55 -12.63 -5.02 -1.45
CA ALA B 55 -13.75 -4.62 -0.61
C ALA B 55 -14.82 -3.89 -1.42
N HIS B 56 -14.42 -3.15 -2.45
CA HIS B 56 -15.43 -2.47 -3.28
C HIS B 56 -16.28 -3.47 -4.05
N LEU B 57 -15.69 -4.59 -4.47
CA LEU B 57 -16.46 -5.63 -5.14
C LEU B 57 -17.48 -6.27 -4.20
N TYR B 58 -17.21 -6.27 -2.90
CA TYR B 58 -18.10 -6.89 -1.92
C TYR B 58 -18.99 -5.88 -1.20
N GLY B 59 -19.16 -4.69 -1.76
CA GLY B 59 -20.20 -3.79 -1.33
C GLY B 59 -19.87 -2.85 -0.20
N ILE B 60 -18.58 -2.54 0.02
CA ILE B 60 -18.23 -1.70 1.17
C ILE B 60 -18.87 -0.33 1.05
N ALA B 61 -19.06 0.16 -0.18
CA ALA B 61 -19.73 1.43 -0.44
C ALA B 61 -21.15 1.22 -0.97
N GLY B 62 -21.74 0.06 -0.74
CA GLY B 62 -23.11 -0.19 -1.20
C GLY B 62 -23.22 -0.68 -2.63
N LYS B 73 -12.20 -12.62 -14.78
CA LYS B 73 -12.08 -11.18 -14.92
C LYS B 73 -10.63 -10.74 -14.67
N LEU B 74 -9.93 -11.47 -13.80
CA LEU B 74 -8.54 -11.11 -13.48
C LEU B 74 -7.61 -11.38 -14.66
N ASP B 75 -7.85 -12.47 -15.39
CA ASP B 75 -7.00 -12.71 -16.55
C ASP B 75 -7.34 -11.72 -17.68
N VAL B 76 -8.60 -11.29 -17.78
CA VAL B 76 -8.96 -10.27 -18.77
C VAL B 76 -8.32 -8.93 -18.40
N LEU B 77 -8.44 -8.53 -17.13
CA LEU B 77 -7.81 -7.29 -16.71
C LEU B 77 -6.31 -7.33 -16.96
N SER B 78 -5.66 -8.43 -16.60
CA SER B 78 -4.22 -8.57 -16.80
C SER B 78 -3.84 -8.44 -18.26
N ASN B 79 -4.59 -9.09 -19.15
CA ASN B 79 -4.36 -8.94 -20.58
C ASN B 79 -4.53 -7.47 -21.00
N ASP B 80 -5.63 -6.85 -20.56
CA ASP B 80 -5.90 -5.46 -20.92
C ASP B 80 -4.79 -4.55 -20.46
N LEU B 81 -4.27 -4.77 -19.25
CA LEU B 81 -3.19 -3.95 -18.73
C LEU B 81 -1.94 -4.04 -19.62
N VAL B 82 -1.49 -5.27 -19.93
CA VAL B 82 -0.32 -5.43 -20.79
C VAL B 82 -0.60 -4.88 -22.18
N MET B 83 -1.74 -5.24 -22.77
CA MET B 83 -2.06 -4.77 -24.11
C MET B 83 -2.02 -3.24 -24.16
N ASN B 84 -2.67 -2.59 -23.19
CA ASN B 84 -2.77 -1.13 -23.31
C ASN B 84 -1.45 -0.44 -23.04
N MET B 85 -0.66 -0.95 -22.08
CA MET B 85 0.64 -0.32 -21.83
C MET B 85 1.60 -0.50 -23.00
N LEU B 86 1.59 -1.69 -23.64
CA LEU B 86 2.51 -1.91 -24.74
C LEU B 86 2.12 -1.07 -25.96
N LYS B 87 0.82 -1.02 -26.28
CA LYS B 87 0.35 -0.14 -27.35
C LYS B 87 0.75 1.30 -27.10
N SER B 88 0.54 1.80 -25.88
CA SER B 88 0.82 3.20 -25.60
C SER B 88 2.30 3.49 -25.41
N SER B 89 3.15 2.46 -25.42
CA SER B 89 4.58 2.69 -25.38
C SER B 89 5.12 3.22 -26.71
N PHE B 90 4.35 3.05 -27.80
CA PHE B 90 4.80 3.38 -29.15
C PHE B 90 6.01 2.56 -29.59
N ALA B 91 6.27 1.44 -28.92
CA ALA B 91 7.46 0.63 -29.20
C ALA B 91 7.15 -0.71 -29.86
N THR B 92 5.88 -1.06 -30.08
CA THR B 92 5.52 -2.39 -30.53
C THR B 92 4.66 -2.33 -31.80
N CYS B 93 4.65 -3.43 -32.54
CA CYS B 93 3.85 -3.49 -33.75
C CYS B 93 2.94 -4.71 -33.79
N VAL B 94 3.33 -5.80 -33.13
CA VAL B 94 2.58 -7.06 -33.12
C VAL B 94 2.58 -7.62 -31.70
N LEU B 95 1.39 -7.95 -31.18
CA LEU B 95 1.28 -8.43 -29.81
C LEU B 95 0.55 -9.78 -29.80
N VAL B 96 1.19 -10.80 -29.23
CA VAL B 96 0.61 -12.14 -29.14
C VAL B 96 0.36 -12.45 -27.68
N SER B 97 -0.88 -12.82 -27.37
CA SER B 97 -1.29 -13.12 -26.01
C SER B 97 -1.97 -14.47 -25.96
N GLU B 98 -1.76 -15.18 -24.84
CA GLU B 98 -2.48 -16.41 -24.57
C GLU B 98 -3.99 -16.18 -24.63
N GLU B 99 -4.44 -14.96 -24.36
CA GLU B 99 -5.86 -14.65 -24.24
C GLU B 99 -6.52 -14.40 -25.60
N ASP B 100 -5.76 -14.16 -26.65
CA ASP B 100 -6.29 -13.70 -27.92
C ASP B 100 -6.00 -14.72 -29.01
N LYS B 101 -7.04 -15.04 -29.79
CA LYS B 101 -6.90 -16.06 -30.83
C LYS B 101 -5.90 -15.63 -31.89
N HIS B 102 -5.99 -14.38 -32.32
CA HIS B 102 -5.11 -13.85 -33.34
C HIS B 102 -4.20 -12.80 -32.73
N ALA B 103 -3.08 -12.59 -33.40
CA ALA B 103 -2.16 -11.54 -33.01
C ALA B 103 -2.84 -10.19 -33.16
N ILE B 104 -2.57 -9.31 -32.23
CA ILE B 104 -3.06 -7.94 -32.27
C ILE B 104 -2.06 -7.13 -33.09
N ILE B 105 -2.56 -6.38 -34.07
CA ILE B 105 -1.73 -5.49 -34.88
C ILE B 105 -1.90 -4.07 -34.36
N VAL B 106 -0.80 -3.45 -33.93
CA VAL B 106 -0.84 -2.09 -33.41
C VAL B 106 -1.14 -1.10 -34.54
N GLU B 107 -2.02 -0.15 -34.25
CA GLU B 107 -2.42 0.82 -35.26
C GLU B 107 -1.23 1.69 -35.68
N PRO B 108 -1.24 2.20 -36.92
CA PRO B 108 -0.06 2.89 -37.45
C PRO B 108 0.47 4.01 -36.56
N GLU B 109 -0.41 4.79 -35.92
CA GLU B 109 0.07 5.96 -35.18
C GLU B 109 0.87 5.58 -33.94
N LYS B 110 0.65 4.40 -33.36
CA LYS B 110 1.35 3.97 -32.17
C LYS B 110 2.37 2.85 -32.45
N ARG B 111 2.66 2.59 -33.72
CA ARG B 111 3.47 1.43 -34.10
C ARG B 111 4.95 1.67 -33.83
N GLY B 112 5.60 0.71 -33.17
CA GLY B 112 7.05 0.67 -33.02
C GLY B 112 7.61 -0.57 -33.68
N LYS B 113 8.84 -0.94 -33.37
CA LYS B 113 9.52 -1.99 -34.11
C LYS B 113 9.55 -3.36 -33.41
N TYR B 114 9.01 -3.48 -32.20
CA TYR B 114 9.15 -4.72 -31.46
C TYR B 114 7.89 -5.58 -31.48
N VAL B 115 8.09 -6.89 -31.39
CA VAL B 115 7.05 -7.89 -31.34
C VAL B 115 7.13 -8.56 -29.97
N VAL B 116 6.00 -8.61 -29.27
CA VAL B 116 5.95 -9.11 -27.90
C VAL B 116 4.94 -10.23 -27.82
N CYS B 117 5.38 -11.38 -27.32
CA CYS B 117 4.53 -12.51 -26.98
C CYS B 117 4.46 -12.62 -25.46
N PHE B 118 3.26 -12.78 -24.93
CA PHE B 118 3.17 -12.80 -23.47
C PHE B 118 2.01 -13.66 -23.00
N ASP B 119 2.16 -14.17 -21.80
CA ASP B 119 1.08 -14.82 -21.07
C ASP B 119 0.74 -13.94 -19.86
N PRO B 120 -0.37 -13.20 -19.90
CA PRO B 120 -0.54 -12.12 -18.91
C PRO B 120 -0.77 -12.61 -17.48
N LEU B 121 -1.44 -13.73 -17.27
CA LEU B 121 -1.64 -14.25 -15.91
C LEU B 121 -1.56 -15.77 -15.99
N ASP B 122 -0.35 -16.26 -16.19
CA ASP B 122 -0.07 -17.70 -16.25
C ASP B 122 -0.41 -18.37 -14.93
N GLY B 123 -1.09 -19.51 -15.03
CA GLY B 123 -1.53 -20.23 -13.85
C GLY B 123 -2.87 -19.80 -13.32
N SER B 124 -3.59 -18.92 -14.02
CA SER B 124 -4.81 -18.34 -13.48
C SER B 124 -5.98 -19.32 -13.36
N SER B 125 -5.93 -20.46 -14.06
CA SER B 125 -7.06 -21.39 -14.01
C SER B 125 -7.28 -21.91 -12.59
N ASN B 126 -6.27 -21.90 -11.73
CA ASN B 126 -6.39 -22.36 -10.36
C ASN B 126 -6.19 -21.24 -9.34
N ILE B 127 -6.38 -19.97 -9.72
CA ILE B 127 -6.17 -18.88 -8.78
C ILE B 127 -7.21 -18.84 -7.66
N ASP B 128 -8.29 -19.61 -7.78
CA ASP B 128 -9.28 -19.72 -6.71
C ASP B 128 -8.67 -20.22 -5.40
N CYS B 129 -7.58 -20.97 -5.48
CA CYS B 129 -6.89 -21.46 -4.30
C CYS B 129 -5.67 -20.63 -3.97
N LEU B 130 -5.54 -19.44 -4.57
CA LEU B 130 -4.45 -18.48 -4.30
C LEU B 130 -3.07 -19.06 -4.62
N VAL B 131 -2.99 -19.94 -5.62
CA VAL B 131 -1.69 -20.42 -6.09
C VAL B 131 -0.89 -19.26 -6.63
N SER B 132 0.44 -19.36 -6.51
CA SER B 132 1.30 -18.40 -7.20
C SER B 132 0.89 -18.31 -8.66
N VAL B 133 0.85 -17.09 -9.20
CA VAL B 133 0.64 -16.90 -10.63
C VAL B 133 1.71 -15.94 -11.14
N GLY B 134 1.77 -15.77 -12.46
CA GLY B 134 2.81 -14.94 -13.03
C GLY B 134 2.50 -14.47 -14.44
N THR B 135 3.30 -13.51 -14.88
CA THR B 135 3.25 -12.99 -16.24
C THR B 135 4.54 -13.39 -16.94
N ILE B 136 4.43 -13.92 -18.17
CA ILE B 136 5.59 -14.34 -18.95
C ILE B 136 5.60 -13.52 -20.21
N PHE B 137 6.79 -13.09 -20.64
CA PHE B 137 6.89 -12.27 -21.83
C PHE B 137 8.17 -12.57 -22.58
N GLY B 138 8.10 -12.45 -23.91
CA GLY B 138 9.24 -12.55 -24.81
C GLY B 138 9.20 -11.45 -25.86
N ILE B 139 10.34 -10.86 -26.18
CA ILE B 139 10.40 -9.68 -27.02
C ILE B 139 11.30 -9.94 -28.21
N TYR B 140 10.75 -9.75 -29.42
CA TYR B 140 11.51 -9.86 -30.67
C TYR B 140 11.54 -8.52 -31.39
N ARG B 141 12.60 -8.30 -32.14
CA ARG B 141 12.64 -7.15 -33.04
C ARG B 141 12.09 -7.55 -34.41
N LYS B 142 11.18 -6.74 -34.95
CA LYS B 142 10.76 -6.92 -36.34
C LYS B 142 11.80 -6.23 -37.24
N LYS B 143 12.35 -6.97 -38.19
CA LYS B 143 13.44 -6.46 -39.01
C LYS B 143 12.98 -5.93 -40.36
N SER B 144 11.91 -6.50 -40.92
CA SER B 144 11.52 -6.19 -42.28
C SER B 144 10.68 -4.91 -42.33
N THR B 145 10.56 -4.37 -43.54
CA THR B 145 9.74 -3.19 -43.81
C THR B 145 8.33 -3.53 -44.25
N ASP B 146 7.97 -4.82 -44.29
CA ASP B 146 6.60 -5.20 -44.63
C ASP B 146 5.61 -4.66 -43.60
N GLU B 147 4.35 -4.53 -44.01
CA GLU B 147 3.30 -4.24 -43.04
C GLU B 147 3.30 -5.33 -41.96
N PRO B 148 3.17 -4.96 -40.69
CA PRO B 148 3.23 -5.95 -39.60
C PRO B 148 2.09 -6.96 -39.69
N SER B 149 2.39 -8.20 -39.34
CA SER B 149 1.37 -9.23 -39.36
C SER B 149 1.73 -10.30 -38.33
N GLU B 150 0.77 -11.17 -38.08
CA GLU B 150 0.96 -12.28 -37.15
C GLU B 150 2.20 -13.09 -37.47
N LYS B 151 2.55 -13.18 -38.75
CA LYS B 151 3.73 -13.95 -39.14
C LYS B 151 5.02 -13.36 -38.56
N ASP B 152 5.03 -12.08 -38.18
CA ASP B 152 6.23 -11.51 -37.60
C ASP B 152 6.56 -12.09 -36.23
N ALA B 153 5.60 -12.76 -35.59
CA ALA B 153 5.82 -13.41 -34.29
C ALA B 153 6.28 -14.87 -34.44
N LEU B 154 6.34 -15.38 -35.66
CA LEU B 154 6.78 -16.76 -35.89
C LEU B 154 8.31 -16.80 -36.08
N GLN B 155 9.00 -16.44 -35.00
CA GLN B 155 10.46 -16.52 -34.90
C GLN B 155 10.90 -17.59 -33.89
N PRO B 156 12.04 -18.23 -34.11
CA PRO B 156 12.59 -19.11 -33.09
C PRO B 156 13.06 -18.29 -31.91
N GLY B 157 13.07 -18.92 -30.73
CA GLY B 157 13.49 -18.22 -29.52
C GLY B 157 14.89 -17.65 -29.58
N ARG B 158 15.75 -18.24 -30.42
CA ARG B 158 17.11 -17.73 -30.62
C ARG B 158 17.11 -16.24 -30.98
N ASN B 159 16.01 -15.75 -31.56
CA ASN B 159 15.91 -14.36 -32.00
C ASN B 159 15.48 -13.40 -30.89
N LEU B 160 15.27 -13.90 -29.67
CA LEU B 160 14.78 -13.03 -28.61
C LEU B 160 15.77 -11.91 -28.31
N VAL B 161 15.25 -10.70 -28.16
CA VAL B 161 16.04 -9.58 -27.65
C VAL B 161 16.02 -9.57 -26.13
N ALA B 162 14.90 -9.95 -25.53
CA ALA B 162 14.77 -9.96 -24.09
C ALA B 162 13.57 -10.83 -23.73
N ALA B 163 13.61 -11.39 -22.53
CA ALA B 163 12.51 -12.23 -22.08
C ALA B 163 12.55 -12.30 -20.56
N GLY B 164 11.46 -12.77 -19.98
CA GLY B 164 11.47 -13.00 -18.56
C GLY B 164 10.07 -13.21 -18.04
N TYR B 165 9.93 -12.98 -16.75
CA TYR B 165 8.64 -13.21 -16.12
C TYR B 165 8.57 -12.37 -14.86
N ALA B 166 7.33 -12.16 -14.42
CA ALA B 166 7.03 -11.64 -13.10
C ALA B 166 6.31 -12.74 -12.34
N LEU B 167 6.78 -13.05 -11.15
CA LEU B 167 6.16 -14.04 -10.28
C LEU B 167 5.40 -13.31 -9.17
N TYR B 168 4.09 -13.56 -9.07
CA TYR B 168 3.28 -13.04 -7.97
C TYR B 168 3.12 -14.15 -6.94
N GLY B 169 4.15 -14.34 -6.11
CA GLY B 169 4.16 -15.38 -5.11
C GLY B 169 4.08 -14.80 -3.71
N SER B 170 4.88 -15.30 -2.76
CA SER B 170 4.88 -14.69 -1.44
C SER B 170 5.28 -13.20 -1.52
N ALA B 171 6.18 -12.86 -2.44
CA ALA B 171 6.39 -11.49 -2.86
C ALA B 171 6.34 -11.47 -4.38
N THR B 172 6.32 -10.27 -4.96
CA THR B 172 6.34 -10.12 -6.42
C THR B 172 7.76 -9.84 -6.90
N MET B 173 8.25 -10.64 -7.88
CA MET B 173 9.58 -10.46 -8.42
C MET B 173 9.56 -10.47 -9.95
N LEU B 174 10.32 -9.56 -10.55
CA LEU B 174 10.51 -9.52 -12.00
C LEU B 174 11.90 -10.05 -12.31
N VAL B 175 11.96 -11.09 -13.15
CA VAL B 175 13.21 -11.67 -13.63
C VAL B 175 13.38 -11.28 -15.10
N LEU B 176 14.45 -10.57 -15.41
CA LEU B 176 14.67 -10.04 -16.75
C LEU B 176 15.97 -10.60 -17.32
N ALA B 177 15.88 -11.29 -18.46
CA ALA B 177 17.01 -11.87 -19.17
C ALA B 177 17.26 -11.10 -20.46
N MET B 178 18.51 -10.72 -20.68
CA MET B 178 18.94 -10.07 -21.92
C MET B 178 20.32 -10.59 -22.24
N ASP B 179 20.94 -10.00 -23.28
CA ASP B 179 22.29 -10.40 -23.64
C ASP B 179 23.26 -10.24 -22.48
N CYS B 180 23.01 -9.28 -21.60
CA CYS B 180 23.91 -9.08 -20.47
C CYS B 180 23.75 -10.13 -19.38
N GLY B 181 22.75 -11.02 -19.49
CA GLY B 181 22.51 -12.01 -18.45
C GLY B 181 21.14 -11.87 -17.79
N VAL B 182 20.98 -12.51 -16.64
CA VAL B 182 19.70 -12.58 -15.94
C VAL B 182 19.80 -11.76 -14.66
N ASN B 183 18.82 -10.88 -14.44
CA ASN B 183 18.77 -10.05 -13.24
C ASN B 183 17.38 -10.08 -12.62
N CYS B 184 17.34 -10.13 -11.28
CA CYS B 184 16.10 -10.33 -10.53
C CYS B 184 15.82 -9.10 -9.69
N PHE B 185 14.61 -8.57 -9.83
CA PHE B 185 14.20 -7.33 -9.19
C PHE B 185 12.99 -7.62 -8.30
N MET B 186 13.08 -7.25 -7.03
CA MET B 186 11.99 -7.43 -6.08
C MET B 186 11.10 -6.19 -6.05
N LEU B 187 9.81 -6.39 -6.21
CA LEU B 187 8.86 -5.28 -6.10
C LEU B 187 8.69 -4.87 -4.64
N ASP B 188 9.03 -3.62 -4.31
CA ASP B 188 8.75 -3.06 -2.98
C ASP B 188 7.39 -2.39 -3.06
N PRO B 189 6.31 -3.00 -2.54
CA PRO B 189 4.98 -2.39 -2.70
C PRO B 189 4.81 -1.06 -1.96
N ALA B 190 5.67 -0.76 -0.98
CA ALA B 190 5.56 0.51 -0.26
C ALA B 190 5.87 1.70 -1.16
N ILE B 191 6.71 1.52 -2.17
CA ILE B 191 7.07 2.60 -3.08
C ILE B 191 6.84 2.25 -4.54
N GLY B 192 6.28 1.08 -4.85
CA GLY B 192 6.07 0.71 -6.24
C GLY B 192 7.35 0.73 -7.05
N GLU B 193 8.40 0.13 -6.52
CA GLU B 193 9.70 0.11 -7.18
C GLU B 193 10.25 -1.30 -7.19
N PHE B 194 10.74 -1.73 -8.36
CA PHE B 194 11.50 -2.97 -8.49
C PHE B 194 12.96 -2.71 -8.13
N ILE B 195 13.42 -3.37 -7.08
CA ILE B 195 14.77 -3.19 -6.54
C ILE B 195 15.63 -4.35 -7.03
N LEU B 196 16.78 -4.05 -7.60
CA LEU B 196 17.68 -5.11 -8.04
C LEU B 196 18.22 -5.85 -6.82
N VAL B 197 17.90 -7.15 -6.70
CA VAL B 197 18.32 -7.93 -5.54
C VAL B 197 19.23 -9.11 -5.89
N ASP B 198 19.30 -9.55 -7.14
CA ASP B 198 20.18 -10.65 -7.53
C ASP B 198 20.73 -10.37 -8.92
N LYS B 199 22.04 -10.13 -9.02
CA LYS B 199 22.65 -9.70 -10.27
C LYS B 199 23.31 -10.86 -11.00
N ASP B 200 23.17 -10.87 -12.32
CA ASP B 200 23.86 -11.80 -13.23
C ASP B 200 23.77 -13.24 -12.72
N VAL B 201 22.52 -13.69 -12.53
CA VAL B 201 22.25 -14.94 -11.84
C VAL B 201 22.65 -16.12 -12.72
N LYS B 202 23.25 -17.14 -12.09
CA LYS B 202 23.58 -18.41 -12.74
C LYS B 202 22.96 -19.54 -11.94
N ILE B 203 22.39 -20.50 -12.66
CA ILE B 203 21.74 -21.65 -12.02
C ILE B 203 22.78 -22.64 -11.54
N LYS B 204 22.45 -23.41 -10.50
CA LYS B 204 23.34 -24.49 -10.07
C LYS B 204 23.63 -25.43 -11.23
N LYS B 205 24.84 -26.00 -11.23
CA LYS B 205 25.17 -26.99 -12.24
C LYS B 205 24.32 -28.24 -12.08
N LYS B 206 23.98 -28.59 -10.85
CA LYS B 206 23.16 -29.75 -10.54
C LYS B 206 22.34 -29.48 -9.30
N GLY B 207 21.06 -29.88 -9.33
CA GLY B 207 20.16 -29.68 -8.22
C GLY B 207 19.72 -30.99 -7.60
N LYS B 208 18.71 -30.90 -6.71
CA LYS B 208 18.15 -32.07 -6.02
C LYS B 208 16.62 -32.07 -5.95
N ILE B 209 15.95 -31.35 -6.84
CA ILE B 209 14.49 -31.32 -6.88
C ILE B 209 14.09 -31.54 -8.33
N TYR B 210 13.13 -32.44 -8.54
CA TYR B 210 12.52 -32.63 -9.85
C TYR B 210 11.07 -32.20 -9.77
N SER B 211 10.54 -31.69 -10.87
CA SER B 211 9.23 -31.02 -10.88
C SER B 211 8.45 -31.43 -12.12
N LEU B 212 7.39 -32.20 -11.92
CA LEU B 212 6.46 -32.52 -13.01
C LEU B 212 5.22 -33.17 -12.38
N ASN B 213 4.16 -33.22 -13.17
CA ASN B 213 2.88 -33.81 -12.74
C ASN B 213 2.97 -35.33 -12.91
N GLU B 214 3.20 -36.05 -11.81
CA GLU B 214 3.28 -37.51 -11.89
C GLU B 214 1.91 -38.16 -12.01
N GLY B 215 0.83 -37.36 -12.00
CA GLY B 215 -0.48 -37.91 -12.27
C GLY B 215 -0.61 -38.49 -13.67
N TYR B 216 0.25 -38.09 -14.61
CA TYR B 216 0.23 -38.60 -15.97
C TYR B 216 1.14 -39.81 -16.16
N ALA B 217 1.51 -40.51 -15.08
CA ALA B 217 2.51 -41.56 -15.21
C ALA B 217 2.07 -42.63 -16.21
N LYS B 218 0.78 -42.98 -16.20
CA LYS B 218 0.30 -44.04 -17.11
C LYS B 218 0.52 -43.65 -18.56
N ASP B 219 0.58 -42.36 -18.84
CA ASP B 219 0.76 -41.84 -20.18
C ASP B 219 2.20 -41.42 -20.48
N PHE B 220 3.12 -41.58 -19.53
CA PHE B 220 4.51 -41.14 -19.72
C PHE B 220 5.23 -41.87 -20.84
N ASP B 221 6.03 -41.11 -21.58
CA ASP B 221 6.98 -41.69 -22.52
C ASP B 221 8.00 -42.54 -21.74
N PRO B 222 8.48 -43.64 -22.34
CA PRO B 222 9.40 -44.52 -21.60
C PRO B 222 10.64 -43.84 -21.05
N ALA B 223 11.15 -42.81 -21.73
CA ALA B 223 12.33 -42.11 -21.23
C ALA B 223 12.01 -41.34 -19.95
N VAL B 224 10.83 -40.72 -19.89
CA VAL B 224 10.44 -39.98 -18.70
C VAL B 224 10.25 -40.91 -17.51
N THR B 225 9.62 -42.06 -17.74
CA THR B 225 9.42 -43.03 -16.67
C THR B 225 10.73 -43.45 -16.04
N GLU B 226 11.70 -43.86 -16.88
CA GLU B 226 12.99 -44.26 -16.36
C GLU B 226 13.69 -43.11 -15.66
N TYR B 227 13.68 -41.92 -16.27
CA TYR B 227 14.38 -40.79 -15.68
C TYR B 227 13.86 -40.50 -14.28
N ILE B 228 12.53 -40.51 -14.11
CA ILE B 228 11.95 -40.27 -12.79
C ILE B 228 12.34 -41.38 -11.82
N GLN B 229 12.38 -42.62 -12.31
CA GLN B 229 12.84 -43.73 -11.47
C GLN B 229 14.26 -43.49 -10.97
N ARG B 230 15.11 -42.87 -11.80
CA ARG B 230 16.47 -42.55 -11.37
C ARG B 230 16.48 -41.49 -10.26
N LYS B 231 15.49 -40.59 -10.24
CA LYS B 231 15.41 -39.59 -9.19
C LYS B 231 15.05 -40.20 -7.84
N LYS B 232 14.20 -41.24 -7.83
CA LYS B 232 13.78 -41.86 -6.58
C LYS B 232 14.73 -42.95 -6.12
N PHE B 233 15.40 -43.63 -7.04
CA PHE B 233 16.30 -44.75 -6.76
C PHE B 233 17.61 -44.49 -7.52
N PRO B 234 18.48 -43.63 -7.01
CA PRO B 234 19.65 -43.19 -7.77
C PRO B 234 20.64 -44.31 -8.05
N PRO B 235 21.17 -44.36 -9.28
CA PRO B 235 22.11 -45.44 -9.63
C PRO B 235 23.51 -45.27 -9.05
N ASP B 236 23.87 -44.08 -8.59
CA ASP B 236 25.18 -43.81 -8.03
C ASP B 236 25.17 -43.79 -6.51
N ASN B 237 24.14 -44.35 -5.89
CA ASN B 237 24.01 -44.41 -4.43
C ASN B 237 23.89 -43.01 -3.80
N SER B 238 23.54 -41.99 -4.59
CA SER B 238 23.28 -40.68 -4.01
C SER B 238 21.86 -40.62 -3.43
N ALA B 239 21.57 -39.54 -2.71
CA ALA B 239 20.29 -39.39 -2.05
C ALA B 239 19.19 -39.12 -3.07
N PRO B 240 18.00 -39.69 -2.89
CA PRO B 240 16.89 -39.43 -3.83
C PRO B 240 16.48 -37.96 -3.79
N TYR B 241 16.14 -37.43 -4.97
CA TYR B 241 15.67 -36.04 -5.08
C TYR B 241 14.34 -35.85 -4.36
N GLY B 242 14.13 -34.63 -3.86
CA GLY B 242 12.81 -34.24 -3.46
C GLY B 242 11.95 -33.86 -4.67
N ALA B 243 10.63 -33.88 -4.48
CA ALA B 243 9.68 -33.55 -5.53
C ALA B 243 8.88 -32.31 -5.16
N ARG B 244 8.71 -31.40 -6.12
CA ARG B 244 7.89 -30.21 -5.97
C ARG B 244 7.15 -29.96 -7.27
N TYR B 245 5.85 -29.66 -7.20
CA TYR B 245 5.12 -29.28 -8.41
C TYR B 245 4.00 -28.36 -7.99
N VAL B 246 4.22 -27.05 -8.10
CA VAL B 246 3.17 -26.09 -7.76
C VAL B 246 2.04 -26.16 -8.76
N GLY B 247 2.33 -26.47 -10.03
CA GLY B 247 1.32 -26.43 -11.07
C GLY B 247 1.11 -25.08 -11.68
N SER B 248 1.97 -24.11 -11.36
CA SER B 248 2.00 -22.81 -12.00
C SER B 248 3.39 -22.64 -12.58
N MET B 249 3.48 -22.58 -13.91
CA MET B 249 4.78 -22.68 -14.57
C MET B 249 5.77 -21.66 -14.01
N VAL B 250 5.32 -20.41 -13.78
CA VAL B 250 6.26 -19.39 -13.28
C VAL B 250 6.81 -19.80 -11.92
N ALA B 251 5.94 -20.32 -11.04
CA ALA B 251 6.40 -20.67 -9.70
C ALA B 251 7.40 -21.84 -9.75
N ASP B 252 7.12 -22.86 -10.57
CA ASP B 252 8.01 -24.02 -10.63
C ASP B 252 9.33 -23.67 -11.31
N VAL B 253 9.27 -22.86 -12.37
CA VAL B 253 10.48 -22.46 -13.06
C VAL B 253 11.32 -21.53 -12.20
N HIS B 254 10.68 -20.62 -11.46
CA HIS B 254 11.48 -19.73 -10.61
C HIS B 254 12.21 -20.50 -9.53
N ARG B 255 11.53 -21.45 -8.89
CA ARG B 255 12.18 -22.32 -7.90
C ARG B 255 13.34 -23.08 -8.53
N THR B 256 13.17 -23.56 -9.75
CA THR B 256 14.27 -24.23 -10.44
C THR B 256 15.47 -23.28 -10.59
N LEU B 257 15.21 -22.02 -10.94
CA LEU B 257 16.30 -21.04 -11.07
C LEU B 257 17.03 -20.82 -9.75
N VAL B 258 16.27 -20.69 -8.65
CA VAL B 258 16.85 -20.32 -7.35
C VAL B 258 17.53 -21.51 -6.68
N TYR B 259 16.93 -22.69 -6.76
CA TYR B 259 17.45 -23.85 -6.07
C TYR B 259 18.13 -24.87 -6.97
N GLY B 260 18.07 -24.69 -8.28
CA GLY B 260 18.56 -25.70 -9.20
C GLY B 260 17.58 -26.84 -9.31
N GLY B 261 17.91 -27.78 -10.20
CA GLY B 261 17.04 -28.92 -10.43
C GLY B 261 16.46 -28.95 -11.84
N ILE B 262 15.31 -29.59 -11.99
CA ILE B 262 14.74 -29.84 -13.31
C ILE B 262 13.23 -29.67 -13.25
N PHE B 263 12.67 -29.14 -14.34
CA PHE B 263 11.23 -28.97 -14.50
C PHE B 263 10.83 -29.66 -15.79
N LEU B 264 9.74 -30.42 -15.76
CA LEU B 264 9.34 -31.18 -16.95
C LEU B 264 7.86 -31.01 -17.23
N TYR B 265 7.52 -30.68 -18.47
CA TYR B 265 6.16 -30.85 -18.97
C TYR B 265 6.28 -31.56 -20.31
N PRO B 266 6.43 -32.89 -20.28
CA PRO B 266 6.63 -33.66 -21.51
C PRO B 266 5.28 -34.03 -22.11
N ALA B 267 5.28 -34.68 -23.26
CA ALA B 267 4.03 -35.12 -23.87
C ALA B 267 3.32 -36.19 -23.05
N ASN B 268 1.99 -36.22 -23.17
CA ASN B 268 1.15 -37.30 -22.64
C ASN B 268 0.03 -37.54 -23.65
N LYS B 269 -0.93 -38.40 -23.29
CA LYS B 269 -1.99 -38.76 -24.24
C LYS B 269 -2.86 -37.56 -24.58
N LYS B 270 -3.14 -36.71 -23.59
CA LYS B 270 -3.93 -35.50 -23.82
C LYS B 270 -3.12 -34.40 -24.49
N SER B 271 -1.79 -34.50 -24.49
CA SER B 271 -0.92 -33.46 -25.03
C SER B 271 0.30 -34.08 -25.72
N PRO B 272 0.12 -34.68 -26.90
CA PRO B 272 1.26 -35.34 -27.58
C PRO B 272 2.36 -34.38 -28.05
N ASN B 273 2.08 -33.08 -28.14
CA ASN B 273 3.10 -32.06 -28.39
C ASN B 273 3.41 -31.27 -27.12
N GLY B 274 3.09 -31.84 -25.97
CA GLY B 274 3.14 -31.13 -24.71
C GLY B 274 1.90 -30.29 -24.55
N LYS B 275 1.85 -29.56 -23.43
CA LYS B 275 0.73 -28.69 -23.13
C LYS B 275 1.10 -27.21 -23.13
N LEU B 276 2.27 -26.86 -22.59
CA LEU B 276 2.67 -25.46 -22.50
C LEU B 276 2.90 -24.88 -23.89
N ARG B 277 2.74 -23.56 -24.01
CA ARG B 277 2.79 -22.88 -25.31
C ARG B 277 4.21 -22.43 -25.64
N LEU B 278 4.64 -22.70 -26.87
CA LEU B 278 6.01 -22.40 -27.28
C LEU B 278 6.30 -20.90 -27.20
N LEU B 279 5.40 -20.08 -27.74
CA LEU B 279 5.76 -18.69 -28.04
C LEU B 279 5.91 -17.86 -26.77
N TYR B 280 5.00 -18.02 -25.81
CA TYR B 280 4.94 -17.12 -24.66
C TYR B 280 4.98 -17.88 -23.33
N GLU B 281 5.31 -19.18 -23.35
CA GLU B 281 5.62 -19.92 -22.13
C GLU B 281 7.00 -20.57 -22.22
N CYS B 282 7.20 -21.46 -23.20
CA CYS B 282 8.44 -22.23 -23.25
C CYS B 282 9.63 -21.36 -23.69
N ASN B 283 9.47 -20.57 -24.75
CA ASN B 283 10.58 -19.78 -25.26
C ASN B 283 11.11 -18.76 -24.25
N PRO B 284 10.29 -17.94 -23.59
CA PRO B 284 10.84 -17.02 -22.58
C PRO B 284 11.57 -17.76 -21.47
N MET B 285 11.02 -18.88 -21.01
CA MET B 285 11.66 -19.63 -19.95
C MET B 285 12.92 -20.34 -20.42
N ALA B 286 12.94 -20.81 -21.68
CA ALA B 286 14.15 -21.40 -22.23
C ALA B 286 15.25 -20.36 -22.32
N TYR B 287 14.88 -19.13 -22.70
CA TYR B 287 15.83 -18.05 -22.84
C TYR B 287 16.41 -17.63 -21.50
N VAL B 288 15.55 -17.50 -20.49
CA VAL B 288 16.03 -17.20 -19.14
C VAL B 288 16.98 -18.29 -18.68
N MET B 289 16.58 -19.56 -18.87
CA MET B 289 17.41 -20.67 -18.44
C MET B 289 18.77 -20.66 -19.11
N GLU B 290 18.81 -20.45 -20.43
CA GLU B 290 20.09 -20.48 -21.12
C GLU B 290 20.97 -19.29 -20.74
N LYS B 291 20.39 -18.10 -20.57
CA LYS B 291 21.20 -16.95 -20.13
C LYS B 291 21.76 -17.14 -18.72
N ALA B 292 21.16 -18.00 -17.91
CA ALA B 292 21.64 -18.30 -16.55
C ALA B 292 22.51 -19.56 -16.47
N GLY B 293 22.97 -20.09 -17.60
CA GLY B 293 23.80 -21.29 -17.56
C GLY B 293 23.04 -22.58 -17.46
N GLY B 294 21.74 -22.57 -17.72
CA GLY B 294 20.93 -23.76 -17.76
C GLY B 294 20.61 -24.19 -19.18
N MET B 295 19.72 -25.18 -19.26
CA MET B 295 19.31 -25.78 -20.53
C MET B 295 17.80 -25.90 -20.58
N ALA B 296 17.28 -26.03 -21.79
CA ALA B 296 15.85 -26.23 -22.05
C ALA B 296 15.72 -26.93 -23.38
N THR B 297 15.20 -28.15 -23.37
CA THR B 297 15.11 -29.00 -24.54
C THR B 297 13.67 -29.50 -24.69
N THR B 298 13.29 -29.81 -25.93
CA THR B 298 12.10 -30.60 -26.19
C THR B 298 12.36 -32.09 -26.09
N GLY B 299 13.61 -32.49 -25.92
CA GLY B 299 14.04 -33.86 -26.06
C GLY B 299 14.76 -34.05 -27.38
N LYS B 300 14.20 -33.49 -28.46
CA LYS B 300 14.82 -33.62 -29.76
C LYS B 300 15.70 -32.43 -30.14
N GLU B 301 15.45 -31.25 -29.59
CA GLU B 301 16.26 -30.07 -29.89
C GLU B 301 16.05 -29.04 -28.80
N ALA B 302 16.89 -28.02 -28.80
CA ALA B 302 16.70 -26.90 -27.88
C ALA B 302 15.39 -26.18 -28.21
N VAL B 303 14.61 -25.87 -27.16
CA VAL B 303 13.37 -25.12 -27.34
C VAL B 303 13.60 -23.89 -28.23
N LEU B 304 14.68 -23.15 -27.96
CA LEU B 304 14.91 -21.90 -28.67
C LEU B 304 15.17 -22.09 -30.16
N ASP B 305 15.45 -23.32 -30.59
CA ASP B 305 15.67 -23.62 -31.99
C ASP B 305 14.41 -24.07 -32.72
N VAL B 306 13.32 -24.34 -32.01
CA VAL B 306 12.08 -24.69 -32.68
C VAL B 306 11.59 -23.51 -33.50
N ILE B 307 11.27 -23.76 -34.77
CA ILE B 307 10.75 -22.75 -35.68
C ILE B 307 9.23 -22.89 -35.69
N PRO B 308 8.50 -21.96 -35.09
CA PRO B 308 7.04 -22.12 -34.98
C PRO B 308 6.34 -21.87 -36.31
N THR B 309 5.19 -22.51 -36.47
CA THR B 309 4.27 -22.26 -37.58
C THR B 309 2.91 -21.76 -37.11
N ASP B 310 2.65 -21.77 -35.80
CA ASP B 310 1.40 -21.32 -35.21
C ASP B 310 1.70 -20.59 -33.89
N ILE B 311 1.13 -19.39 -33.73
CA ILE B 311 1.44 -18.59 -32.56
C ILE B 311 0.98 -19.25 -31.28
N HIS B 312 0.03 -20.19 -31.37
CA HIS B 312 -0.45 -20.90 -30.20
C HIS B 312 0.04 -22.35 -30.15
N GLN B 313 1.04 -22.72 -30.94
CA GLN B 313 1.46 -24.11 -30.93
C GLN B 313 2.12 -24.47 -29.61
N ARG B 314 2.01 -25.73 -29.23
CA ARG B 314 2.56 -26.25 -27.98
C ARG B 314 3.91 -26.91 -28.19
N ALA B 315 4.64 -27.10 -27.09
CA ALA B 315 5.92 -27.77 -27.15
C ALA B 315 6.17 -28.50 -25.84
N PRO B 316 6.78 -29.68 -25.90
CA PRO B 316 7.31 -30.31 -24.69
C PRO B 316 8.52 -29.53 -24.22
N VAL B 317 8.73 -29.52 -22.91
CA VAL B 317 9.82 -28.73 -22.33
C VAL B 317 10.38 -29.45 -21.10
N ILE B 318 11.70 -29.57 -21.06
CA ILE B 318 12.47 -30.08 -19.93
C ILE B 318 13.60 -29.07 -19.72
N LEU B 319 13.66 -28.48 -18.54
CA LEU B 319 14.57 -27.35 -18.38
C LEU B 319 15.16 -27.34 -16.98
N GLY B 320 16.28 -26.63 -16.84
CA GLY B 320 16.86 -26.46 -15.54
C GLY B 320 18.37 -26.56 -15.48
N SER B 321 18.89 -27.11 -14.37
CA SER B 321 20.32 -27.21 -14.18
C SER B 321 20.92 -28.07 -15.28
N PRO B 322 22.10 -27.69 -15.81
CA PRO B 322 22.62 -28.40 -16.98
C PRO B 322 22.88 -29.87 -16.72
N ASP B 323 23.42 -30.24 -15.56
CA ASP B 323 23.69 -31.65 -15.32
C ASP B 323 22.40 -32.46 -15.28
N ASP B 324 21.32 -31.88 -14.75
CA ASP B 324 20.07 -32.63 -14.68
C ASP B 324 19.45 -32.83 -16.05
N VAL B 325 19.39 -31.77 -16.87
CA VAL B 325 18.82 -31.93 -18.21
C VAL B 325 19.68 -32.86 -19.07
N LEU B 326 21.01 -32.77 -18.96
CA LEU B 326 21.86 -33.69 -19.70
C LEU B 326 21.59 -35.12 -19.30
N GLU B 327 21.35 -35.36 -18.00
CA GLU B 327 21.01 -36.70 -17.55
C GLU B 327 19.71 -37.18 -18.16
N PHE B 328 18.69 -36.31 -18.26
CA PHE B 328 17.46 -36.68 -18.93
C PHE B 328 17.70 -37.00 -20.40
N LEU B 329 18.52 -36.18 -21.06
CA LEU B 329 18.79 -36.38 -22.49
C LEU B 329 19.50 -37.71 -22.73
N LYS B 330 20.41 -38.10 -21.83
CA LYS B 330 21.02 -39.42 -21.96
C LYS B 330 19.96 -40.51 -21.92
N VAL B 331 19.07 -40.46 -20.92
CA VAL B 331 17.96 -41.41 -20.84
C VAL B 331 17.10 -41.32 -22.09
N TYR B 332 16.90 -40.10 -22.62
CA TYR B 332 16.09 -39.93 -23.81
C TYR B 332 16.73 -40.59 -25.03
N GLU B 333 18.04 -40.40 -25.22
CA GLU B 333 18.71 -40.99 -26.37
C GLU B 333 18.78 -42.50 -26.27
N LYS B 334 18.85 -43.02 -25.03
CA LYS B 334 18.81 -44.46 -24.80
C LYS B 334 17.53 -45.08 -25.35
N HIS B 335 16.42 -44.35 -25.28
CA HIS B 335 15.19 -44.80 -25.90
C HIS B 335 15.06 -44.31 -27.35
N SER B 336 16.20 -43.98 -27.97
CA SER B 336 16.30 -43.56 -29.37
C SER B 336 15.66 -42.21 -29.66
N ASP C 10 2.92 -1.41 26.03
CA ASP C 10 2.45 -2.28 24.96
C ASP C 10 1.82 -1.48 23.83
N VAL C 11 2.09 -1.91 22.61
CA VAL C 11 1.45 -1.33 21.44
C VAL C 11 -0.06 -1.41 21.60
N ASN C 12 -0.76 -0.37 21.11
CA ASN C 12 -2.21 -0.36 21.21
C ASN C 12 -2.79 0.10 19.88
N THR C 13 -3.84 -0.59 19.42
CA THR C 13 -4.57 -0.23 18.22
C THR C 13 -5.93 0.36 18.57
N LEU C 14 -6.52 1.06 17.62
CA LEU C 14 -7.87 1.58 17.81
C LEU C 14 -8.85 0.45 18.10
N THR C 15 -8.76 -0.64 17.32
CA THR C 15 -9.63 -1.80 17.55
C THR C 15 -9.48 -2.32 18.97
N ARG C 16 -8.25 -2.53 19.42
CA ARG C 16 -8.02 -3.04 20.76
C ARG C 16 -8.43 -2.01 21.81
N PHE C 17 -8.11 -0.73 21.58
CA PHE C 17 -8.48 0.32 22.53
C PHE C 17 -9.99 0.37 22.74
N VAL C 18 -10.75 0.42 21.65
CA VAL C 18 -12.20 0.53 21.76
C VAL C 18 -12.78 -0.69 22.47
N MET C 19 -12.30 -1.88 22.13
CA MET C 19 -12.80 -3.10 22.77
C MET C 19 -12.58 -3.07 24.28
N GLU C 20 -11.41 -2.60 24.73
CA GLU C 20 -11.11 -2.56 26.16
C GLU C 20 -11.98 -1.55 26.90
N GLU C 21 -12.20 -0.37 26.33
CA GLU C 21 -13.13 0.57 26.94
C GLU C 21 -14.52 -0.06 27.08
N GLY C 22 -14.95 -0.81 26.07
CA GLY C 22 -16.26 -1.45 26.13
C GLY C 22 -16.34 -2.55 27.17
N ARG C 23 -15.26 -3.31 27.36
CA ARG C 23 -15.27 -4.34 28.41
C ARG C 23 -15.28 -3.73 29.80
N LYS C 24 -14.62 -2.58 29.98
CA LYS C 24 -14.67 -1.90 31.26
C LYS C 24 -16.08 -1.41 31.56
N ALA C 25 -16.76 -0.87 30.55
CA ALA C 25 -18.12 -0.39 30.72
C ALA C 25 -19.14 -1.52 30.73
N ARG C 26 -18.71 -2.76 30.49
CA ARG C 26 -19.60 -3.91 30.48
C ARG C 26 -20.79 -3.70 29.55
N GLY C 27 -20.52 -3.04 28.41
CA GLY C 27 -21.57 -2.77 27.45
C GLY C 27 -21.90 -3.96 26.58
N THR C 28 -22.97 -3.83 25.81
CA THR C 28 -23.44 -4.93 24.98
C THR C 28 -22.57 -5.14 23.75
N GLY C 29 -21.62 -4.23 23.46
CA GLY C 29 -20.83 -4.30 22.25
C GLY C 29 -21.37 -3.50 21.08
N GLU C 30 -22.53 -2.85 21.23
CA GLU C 30 -23.13 -2.16 20.09
C GLU C 30 -22.31 -0.93 19.70
N LEU C 31 -21.89 -0.12 20.68
CA LEU C 31 -21.08 1.05 20.34
C LEU C 31 -19.71 0.64 19.74
N THR C 32 -19.11 -0.44 20.24
CA THR C 32 -17.86 -0.92 19.64
C THR C 32 -18.06 -1.35 18.18
N GLN C 33 -19.18 -2.00 17.87
CA GLN C 33 -19.47 -2.34 16.49
C GLN C 33 -19.61 -1.10 15.61
N LEU C 34 -20.24 -0.05 16.14
CA LEU C 34 -20.36 1.21 15.41
C LEU C 34 -18.99 1.78 15.10
N LEU C 35 -18.13 1.89 16.12
CA LEU C 35 -16.82 2.51 15.95
C LEU C 35 -15.91 1.68 15.04
N ASN C 36 -15.95 0.35 15.16
CA ASN C 36 -15.18 -0.48 14.24
C ASN C 36 -15.58 -0.22 12.80
N SER C 37 -16.89 -0.14 12.55
CA SER C 37 -17.37 0.11 11.19
C SER C 37 -16.90 1.46 10.70
N LEU C 38 -16.96 2.47 11.57
CA LEU C 38 -16.52 3.81 11.21
C LEU C 38 -15.02 3.81 10.90
N CYS C 39 -14.24 3.09 11.69
CA CYS C 39 -12.80 2.94 11.44
C CYS C 39 -12.52 2.30 10.08
N THR C 40 -13.33 1.32 9.70
CA THR C 40 -13.19 0.71 8.38
C THR C 40 -13.48 1.73 7.26
N ALA C 41 -14.54 2.52 7.41
CA ALA C 41 -14.86 3.53 6.40
C ALA C 41 -13.75 4.56 6.26
N VAL C 42 -13.20 5.03 7.38
CA VAL C 42 -12.15 6.05 7.33
C VAL C 42 -10.92 5.52 6.57
N LYS C 43 -10.55 4.26 6.76
CA LYS C 43 -9.45 3.68 6.00
C LYS C 43 -9.76 3.63 4.50
N ALA C 44 -11.01 3.33 4.14
CA ALA C 44 -11.38 3.34 2.72
C ALA C 44 -11.40 4.75 2.17
N ILE C 45 -11.91 5.71 2.94
CA ILE C 45 -11.84 7.11 2.53
C ILE C 45 -10.37 7.53 2.36
N SER C 46 -9.53 7.20 3.33
CA SER C 46 -8.12 7.57 3.24
C SER C 46 -7.47 7.02 1.96
N SER C 47 -7.72 5.74 1.67
CA SER C 47 -7.18 5.13 0.47
C SER C 47 -7.62 5.88 -0.78
N ALA C 48 -8.92 6.22 -0.87
CA ALA C 48 -9.40 6.95 -2.04
C ALA C 48 -8.85 8.38 -2.09
N VAL C 49 -8.74 9.04 -0.94
CA VAL C 49 -8.25 10.42 -0.91
C VAL C 49 -6.80 10.49 -1.40
N ARG C 50 -5.99 9.49 -1.04
CA ARG C 50 -4.61 9.37 -1.52
C ARG C 50 -4.51 8.92 -2.98
N LYS C 51 -5.64 8.66 -3.65
CA LYS C 51 -5.73 8.38 -5.09
C LYS C 51 -5.22 6.99 -5.47
N ALA C 52 -5.30 6.03 -4.56
CA ALA C 52 -5.03 4.65 -4.93
C ALA C 52 -5.97 4.24 -6.06
N GLY C 53 -5.41 3.66 -7.11
CA GLY C 53 -6.22 3.24 -8.24
C GLY C 53 -6.56 4.31 -9.24
N ILE C 54 -6.06 5.55 -9.07
CA ILE C 54 -6.39 6.61 -10.03
C ILE C 54 -5.89 6.28 -11.42
N ALA C 55 -4.83 5.46 -11.53
CA ALA C 55 -4.31 5.11 -12.86
C ALA C 55 -5.38 4.45 -13.72
N HIS C 56 -6.30 3.68 -13.12
CA HIS C 56 -7.37 3.08 -13.91
C HIS C 56 -8.31 4.13 -14.46
N LEU C 57 -8.58 5.19 -13.69
CA LEU C 57 -9.42 6.26 -14.20
C LEU C 57 -8.78 6.98 -15.38
N TYR C 58 -7.45 6.98 -15.47
CA TYR C 58 -6.80 7.63 -16.60
C TYR C 58 -6.41 6.64 -17.69
N GLY C 59 -7.01 5.46 -17.69
CA GLY C 59 -6.92 4.59 -18.85
C GLY C 59 -5.79 3.60 -18.88
N ILE C 60 -5.26 3.20 -17.71
CA ILE C 60 -4.12 2.30 -17.70
C ILE C 60 -4.50 0.95 -18.34
N ALA C 61 -5.75 0.53 -18.21
CA ALA C 61 -6.22 -0.71 -18.83
C ALA C 61 -7.01 -0.45 -20.11
N GLY C 62 -6.80 0.71 -20.72
CA GLY C 62 -7.48 1.10 -21.96
C GLY C 62 -8.81 1.80 -21.77
N LYS C 72 -17.49 7.47 -8.77
CA LYS C 72 -18.11 8.49 -7.93
C LYS C 72 -17.15 9.63 -7.64
N LYS C 73 -17.67 10.85 -7.61
CA LYS C 73 -16.95 11.96 -7.00
C LYS C 73 -16.47 11.54 -5.61
N LEU C 74 -15.42 12.17 -5.12
CA LEU C 74 -14.80 11.72 -3.88
C LEU C 74 -15.71 11.95 -2.69
N ASP C 75 -16.43 13.09 -2.67
CA ASP C 75 -17.30 13.32 -1.53
C ASP C 75 -18.50 12.38 -1.55
N VAL C 76 -19.00 12.02 -2.73
CA VAL C 76 -20.10 11.06 -2.81
C VAL C 76 -19.62 9.67 -2.35
N LEU C 77 -18.46 9.23 -2.83
CA LEU C 77 -17.92 7.95 -2.38
C LEU C 77 -17.67 7.95 -0.87
N SER C 78 -17.08 9.02 -0.34
CA SER C 78 -16.87 9.09 1.10
C SER C 78 -18.18 8.97 1.87
N ASN C 79 -19.23 9.66 1.41
CA ASN C 79 -20.54 9.54 2.05
C ASN C 79 -21.07 8.11 1.97
N ASP C 80 -20.98 7.49 0.80
CA ASP C 80 -21.46 6.12 0.62
C ASP C 80 -20.73 5.16 1.54
N LEU C 81 -19.42 5.35 1.70
CA LEU C 81 -18.62 4.49 2.57
C LEU C 81 -19.11 4.60 4.02
N VAL C 82 -19.27 5.83 4.53
CA VAL C 82 -19.72 5.99 5.90
C VAL C 82 -21.15 5.47 6.06
N MET C 83 -22.05 5.89 5.16
CA MET C 83 -23.45 5.50 5.23
C MET C 83 -23.58 3.98 5.26
N ASN C 84 -22.90 3.27 4.35
CA ASN C 84 -23.09 1.82 4.26
C ASN C 84 -22.44 1.09 5.43
N MET C 85 -21.28 1.55 5.88
CA MET C 85 -20.66 0.88 7.02
C MET C 85 -21.51 1.06 8.28
N LEU C 86 -22.10 2.23 8.46
CA LEU C 86 -22.91 2.48 9.66
C LEU C 86 -24.22 1.68 9.64
N LYS C 87 -24.93 1.70 8.50
CA LYS C 87 -26.15 0.91 8.35
C LYS C 87 -25.87 -0.56 8.62
N SER C 88 -24.81 -1.11 8.01
CA SER C 88 -24.54 -2.53 8.18
C SER C 88 -23.92 -2.85 9.53
N SER C 89 -23.65 -1.85 10.37
CA SER C 89 -23.17 -2.11 11.73
C SER C 89 -24.28 -2.61 12.64
N PHE C 90 -25.54 -2.38 12.29
CA PHE C 90 -26.70 -2.66 13.14
C PHE C 90 -26.68 -1.85 14.44
N ALA C 91 -25.93 -0.74 14.48
CA ALA C 91 -25.80 0.08 15.68
C ALA C 91 -26.44 1.45 15.56
N THR C 92 -27.02 1.80 14.41
CA THR C 92 -27.53 3.14 14.15
C THR C 92 -28.99 3.10 13.72
N CYS C 93 -29.69 4.21 13.91
CA CYS C 93 -31.09 4.33 13.51
C CYS C 93 -31.34 5.59 12.67
N VAL C 94 -30.54 6.64 12.89
CA VAL C 94 -30.73 7.90 12.18
C VAL C 94 -29.35 8.42 11.80
N LEU C 95 -29.16 8.81 10.54
CA LEU C 95 -27.86 9.27 10.06
C LEU C 95 -28.02 10.64 9.40
N VAL C 96 -27.24 11.61 9.85
CA VAL C 96 -27.26 12.95 9.28
C VAL C 96 -25.87 13.24 8.68
N SER C 97 -25.86 13.59 7.39
CA SER C 97 -24.63 13.85 6.65
C SER C 97 -24.72 15.18 5.94
N GLU C 98 -23.57 15.85 5.84
CA GLU C 98 -23.46 17.07 5.05
C GLU C 98 -23.97 16.86 3.62
N GLU C 99 -23.87 15.63 3.10
CA GLU C 99 -24.21 15.33 1.71
C GLU C 99 -25.70 15.12 1.45
N ASP C 100 -26.52 14.92 2.47
CA ASP C 100 -27.91 14.53 2.28
C ASP C 100 -28.84 15.58 2.88
N LYS C 101 -29.82 16.02 2.08
CA LYS C 101 -30.69 17.11 2.52
C LYS C 101 -31.43 16.74 3.80
N HIS C 102 -31.93 15.53 3.86
CA HIS C 102 -32.70 15.02 4.98
C HIS C 102 -31.95 13.91 5.70
N ALA C 103 -32.36 13.69 6.95
CA ALA C 103 -31.84 12.58 7.74
C ALA C 103 -32.14 11.27 7.02
N ILE C 104 -31.19 10.34 7.09
CA ILE C 104 -31.38 9.00 6.60
C ILE C 104 -31.92 8.16 7.75
N ILE C 105 -33.00 7.43 7.50
CA ILE C 105 -33.58 6.57 8.51
C ILE C 105 -33.17 5.15 8.19
N VAL C 106 -32.45 4.52 9.12
CA VAL C 106 -32.01 3.16 8.92
C VAL C 106 -33.21 2.23 8.89
N GLU C 107 -33.20 1.29 7.97
CA GLU C 107 -34.32 0.41 7.77
C GLU C 107 -34.55 -0.46 9.01
N PRO C 108 -35.79 -0.87 9.26
CA PRO C 108 -36.10 -1.55 10.53
C PRO C 108 -35.21 -2.72 10.92
N GLU C 109 -34.85 -3.61 10.00
CA GLU C 109 -34.11 -4.79 10.44
C GLU C 109 -32.69 -4.47 10.84
N LYS C 110 -32.14 -3.33 10.40
CA LYS C 110 -30.77 -3.00 10.70
C LYS C 110 -30.63 -1.91 11.75
N ARG C 111 -31.72 -1.57 12.46
CA ARG C 111 -31.71 -0.42 13.35
C ARG C 111 -31.02 -0.74 14.67
N GLY C 112 -30.12 0.16 15.08
CA GLY C 112 -29.55 0.16 16.40
C GLY C 112 -30.00 1.37 17.20
N LYS C 113 -29.29 1.62 18.28
CA LYS C 113 -29.76 2.64 19.20
C LYS C 113 -29.06 3.99 19.07
N TYR C 114 -28.08 4.14 18.16
CA TYR C 114 -27.27 5.34 18.10
C TYR C 114 -27.63 6.22 16.89
N VAL C 115 -27.40 7.52 17.05
CA VAL C 115 -27.61 8.53 16.03
C VAL C 115 -26.25 9.13 15.71
N VAL C 116 -25.90 9.24 14.42
CA VAL C 116 -24.59 9.72 13.98
C VAL C 116 -24.75 10.90 13.03
N CYS C 117 -24.13 12.02 13.36
CA CYS C 117 -24.03 13.17 12.47
C CYS C 117 -22.58 13.25 11.99
N PHE C 118 -22.38 13.37 10.68
CA PHE C 118 -21.02 13.36 10.17
C PHE C 118 -20.86 14.19 8.90
N ASP C 119 -19.65 14.66 8.71
CA ASP C 119 -19.22 15.29 7.46
C ASP C 119 -18.20 14.36 6.82
N PRO C 120 -18.55 13.66 5.74
CA PRO C 120 -17.68 12.56 5.28
C PRO C 120 -16.37 13.04 4.66
N LEU C 121 -16.36 14.16 3.99
CA LEU C 121 -15.13 14.69 3.41
C LEU C 121 -15.18 16.20 3.57
N ASP C 122 -15.00 16.64 4.82
CA ASP C 122 -14.95 18.05 5.17
C ASP C 122 -13.76 18.69 4.45
N GLY C 123 -13.99 19.86 3.86
CA GLY C 123 -12.93 20.56 3.15
C GLY C 123 -12.78 20.20 1.69
N SER C 124 -13.65 19.31 1.17
CA SER C 124 -13.47 18.79 -0.17
C SER C 124 -13.69 19.84 -1.24
N SER C 125 -14.30 20.99 -0.90
CA SER C 125 -14.53 22.00 -1.93
C SER C 125 -13.23 22.49 -2.57
N ASN C 126 -12.09 22.40 -1.86
CA ASN C 126 -10.80 22.78 -2.41
C ASN C 126 -9.84 21.60 -2.57
N ILE C 127 -10.37 20.38 -2.70
CA ILE C 127 -9.49 19.23 -2.84
C ILE C 127 -8.73 19.26 -4.16
N ASP C 128 -9.15 20.14 -5.09
CA ASP C 128 -8.42 20.35 -6.34
C ASP C 128 -6.99 20.84 -6.11
N CYS C 129 -6.72 21.49 -4.99
CA CYS C 129 -5.35 21.92 -4.68
C CYS C 129 -4.69 21.00 -3.67
N LEU C 130 -5.29 19.84 -3.40
CA LEU C 130 -4.75 18.82 -2.51
C LEU C 130 -4.62 19.33 -1.08
N VAL C 131 -5.49 20.26 -0.68
CA VAL C 131 -5.54 20.69 0.70
C VAL C 131 -5.93 19.51 1.58
N SER C 132 -5.41 19.50 2.81
CA SER C 132 -5.89 18.54 3.80
C SER C 132 -7.42 18.55 3.83
N VAL C 133 -8.00 17.36 3.89
CA VAL C 133 -9.44 17.18 4.06
C VAL C 133 -9.61 16.18 5.19
N GLY C 134 -10.87 16.01 5.62
CA GLY C 134 -11.12 15.16 6.78
C GLY C 134 -12.56 14.72 6.92
N THR C 135 -12.75 13.75 7.83
CA THR C 135 -14.07 13.24 8.19
C THR C 135 -14.34 13.62 9.63
N ILE C 136 -15.52 14.18 9.90
CA ILE C 136 -15.91 14.57 11.25
C ILE C 136 -17.17 13.79 11.63
N PHE C 137 -17.27 13.38 12.89
CA PHE C 137 -18.43 12.62 13.32
C PHE C 137 -18.77 12.94 14.78
N GLY C 138 -20.06 12.87 15.08
CA GLY C 138 -20.56 12.97 16.44
C GLY C 138 -21.59 11.89 16.66
N ILE C 139 -21.54 11.25 17.83
CA ILE C 139 -22.34 10.07 18.10
C ILE C 139 -23.20 10.32 19.33
N TYR C 140 -24.51 10.16 19.18
CA TYR C 140 -25.51 10.27 20.23
C TYR C 140 -26.27 8.96 20.43
N ARG C 141 -26.81 8.80 21.63
CA ARG C 141 -27.83 7.81 21.90
C ARG C 141 -29.20 8.38 21.57
N LYS C 142 -30.03 7.58 20.90
CA LYS C 142 -31.37 8.04 20.58
C LYS C 142 -32.10 8.23 21.90
N LYS C 143 -32.70 9.41 22.05
CA LYS C 143 -33.29 9.81 23.32
C LYS C 143 -34.81 9.57 23.36
N SER C 144 -35.49 9.72 22.24
CA SER C 144 -36.94 9.57 22.21
C SER C 144 -37.31 8.12 21.88
N THR C 145 -38.51 7.72 22.32
CA THR C 145 -39.05 6.40 21.98
C THR C 145 -39.96 6.43 20.77
N ASP C 146 -40.13 7.61 20.15
CA ASP C 146 -40.86 7.73 18.89
C ASP C 146 -40.16 6.93 17.79
N GLU C 147 -40.91 6.65 16.73
CA GLU C 147 -40.33 6.08 15.52
C GLU C 147 -39.16 6.97 15.08
N PRO C 148 -38.03 6.40 14.68
CA PRO C 148 -36.85 7.25 14.41
C PRO C 148 -37.15 8.26 13.32
N SER C 149 -36.66 9.47 13.53
CA SER C 149 -36.90 10.55 12.58
C SER C 149 -35.78 11.56 12.70
N GLU C 150 -35.80 12.52 11.78
CA GLU C 150 -34.81 13.58 11.76
C GLU C 150 -34.71 14.29 13.11
N LYS C 151 -35.80 14.34 13.89
CA LYS C 151 -35.73 15.00 15.20
C LYS C 151 -34.81 14.30 16.18
N ASP C 152 -34.50 13.02 15.97
CA ASP C 152 -33.58 12.34 16.88
C ASP C 152 -32.17 12.88 16.79
N ALA C 153 -31.84 13.61 15.74
CA ALA C 153 -30.52 14.22 15.58
C ALA C 153 -30.48 15.64 16.13
N LEU C 154 -31.59 16.18 16.61
CA LEU C 154 -31.61 17.54 17.15
C LEU C 154 -31.37 17.55 18.65
N GLN C 155 -30.27 16.96 19.09
CA GLN C 155 -29.89 17.01 20.48
C GLN C 155 -28.71 17.97 20.61
N PRO C 156 -28.58 18.67 21.74
CA PRO C 156 -27.40 19.51 21.94
C PRO C 156 -26.14 18.67 22.07
N GLY C 157 -25.01 19.27 21.69
CA GLY C 157 -23.74 18.56 21.76
C GLY C 157 -23.41 18.04 23.15
N ARG C 158 -23.94 18.67 24.19
CA ARG C 158 -23.77 18.18 25.56
C ARG C 158 -24.13 16.71 25.70
N ASN C 159 -25.01 16.19 24.86
CA ASN C 159 -25.47 14.81 24.93
C ASN C 159 -24.56 13.84 24.16
N LEU C 160 -23.46 14.31 23.58
CA LEU C 160 -22.62 13.42 22.77
C LEU C 160 -22.08 12.27 23.61
N VAL C 161 -22.12 11.07 23.04
CA VAL C 161 -21.47 9.90 23.62
C VAL C 161 -20.02 9.80 23.17
N ALA C 162 -19.74 10.18 21.93
CA ALA C 162 -18.40 10.14 21.38
C ALA C 162 -18.35 11.03 20.14
N ALA C 163 -17.18 11.59 19.86
CA ALA C 163 -17.02 12.40 18.67
C ALA C 163 -15.55 12.44 18.30
N GLY C 164 -15.29 12.90 17.09
CA GLY C 164 -13.93 13.08 16.67
C GLY C 164 -13.85 13.33 15.19
N TYR C 165 -12.67 13.07 14.66
CA TYR C 165 -12.42 13.33 13.24
C TYR C 165 -11.26 12.47 12.79
N ALA C 166 -11.19 12.30 11.48
CA ALA C 166 -10.01 11.77 10.80
C ALA C 166 -9.42 12.87 9.91
N LEU C 167 -8.12 13.10 10.04
CA LEU C 167 -7.42 14.06 9.20
C LEU C 167 -6.61 13.30 8.14
N TYR C 168 -6.90 13.57 6.87
CA TYR C 168 -6.13 13.05 5.73
C TYR C 168 -5.17 14.16 5.33
N GLY C 169 -4.09 14.29 6.10
CA GLY C 169 -3.12 15.34 5.86
C GLY C 169 -1.83 14.70 5.37
N SER C 170 -0.67 15.13 5.89
CA SER C 170 0.58 14.49 5.48
C SER C 170 0.58 13.01 5.85
N ALA C 171 -0.03 12.66 6.98
CA ALA C 171 -0.41 11.28 7.29
C ALA C 171 -1.88 11.30 7.72
N THR C 172 -2.46 10.11 7.86
CA THR C 172 -3.86 9.99 8.26
C THR C 172 -3.92 9.73 9.76
N MET C 173 -4.65 10.56 10.48
CA MET C 173 -4.79 10.39 11.92
C MET C 173 -6.25 10.43 12.31
N LEU C 174 -6.64 9.53 13.21
CA LEU C 174 -7.98 9.54 13.78
C LEU C 174 -7.90 10.02 15.23
N VAL C 175 -8.66 11.06 15.54
CA VAL C 175 -8.78 11.60 16.91
C VAL C 175 -10.15 11.21 17.43
N LEU C 176 -10.18 10.45 18.52
CA LEU C 176 -11.41 9.97 19.12
C LEU C 176 -11.50 10.52 20.53
N ALA C 177 -12.56 11.26 20.81
CA ALA C 177 -12.86 11.80 22.14
C ALA C 177 -14.06 11.06 22.71
N MET C 178 -13.96 10.67 23.98
CA MET C 178 -15.04 10.06 24.73
C MET C 178 -14.95 10.56 26.17
N ASP C 179 -15.77 9.98 27.04
CA ASP C 179 -15.70 10.34 28.45
C ASP C 179 -14.32 10.12 29.03
N CYS C 180 -13.58 9.12 28.52
CA CYS C 180 -12.26 8.84 29.08
C CYS C 180 -11.22 9.86 28.66
N GLY C 181 -11.55 10.78 27.76
CA GLY C 181 -10.59 11.76 27.26
C GLY C 181 -10.41 11.68 25.75
N VAL C 182 -9.33 12.30 25.25
CA VAL C 182 -9.06 12.39 23.82
C VAL C 182 -7.82 11.57 23.52
N ASN C 183 -7.92 10.71 22.50
CA ASN C 183 -6.84 9.83 22.13
C ASN C 183 -6.66 9.88 20.63
N CYS C 184 -5.39 9.89 20.19
CA CYS C 184 -5.02 10.10 18.79
C CYS C 184 -4.35 8.85 18.24
N PHE C 185 -4.81 8.40 17.08
CA PHE C 185 -4.34 7.18 16.46
C PHE C 185 -3.81 7.48 15.06
N MET C 186 -2.59 7.04 14.77
CA MET C 186 -2.03 7.22 13.44
C MET C 186 -2.34 6.00 12.57
N LEU C 187 -2.88 6.23 11.38
CA LEU C 187 -3.05 5.14 10.42
C LEU C 187 -1.70 4.73 9.82
N ASP C 188 -1.33 3.46 10.01
CA ASP C 188 -0.21 2.80 9.35
C ASP C 188 -0.74 2.13 8.09
N PRO C 189 -0.54 2.75 6.91
CA PRO C 189 -1.13 2.19 5.68
C PRO C 189 -0.51 0.86 5.26
N ALA C 190 0.63 0.49 5.82
CA ALA C 190 1.22 -0.81 5.48
C ALA C 190 0.38 -1.96 6.00
N ILE C 191 -0.36 -1.75 7.10
CA ILE C 191 -1.14 -2.82 7.71
C ILE C 191 -2.59 -2.43 7.96
N GLY C 192 -3.01 -1.25 7.53
CA GLY C 192 -4.38 -0.83 7.74
C GLY C 192 -4.78 -0.86 9.19
N GLU C 193 -3.92 -0.31 10.04
CA GLU C 193 -4.10 -0.31 11.47
C GLU C 193 -3.90 1.11 12.00
N PHE C 194 -4.83 1.57 12.83
CA PHE C 194 -4.70 2.81 13.59
C PHE C 194 -3.92 2.57 14.87
N ILE C 195 -2.76 3.21 14.99
CA ILE C 195 -1.84 3.00 16.11
C ILE C 195 -1.98 4.15 17.09
N LEU C 196 -2.21 3.83 18.37
CA LEU C 196 -2.30 4.85 19.40
C LEU C 196 -0.95 5.53 19.57
N VAL C 197 -0.89 6.83 19.34
CA VAL C 197 0.37 7.58 19.44
C VAL C 197 0.31 8.73 20.45
N ASP C 198 -0.86 9.23 20.83
CA ASP C 198 -0.98 10.31 21.81
C ASP C 198 -2.19 10.00 22.70
N LYS C 199 -1.94 9.75 23.98
CA LYS C 199 -2.97 9.30 24.91
C LYS C 199 -3.48 10.45 25.79
N ASP C 200 -4.78 10.46 26.04
CA ASP C 200 -5.41 11.38 26.99
C ASP C 200 -4.90 12.81 26.77
N VAL C 201 -5.06 13.26 25.52
CA VAL C 201 -4.45 14.50 25.06
C VAL C 201 -5.12 15.71 25.70
N LYS C 202 -4.31 16.70 26.10
CA LYS C 202 -4.79 17.98 26.62
C LYS C 202 -4.16 19.12 25.82
N ILE C 203 -4.96 20.12 25.53
CA ILE C 203 -4.48 21.29 24.80
C ILE C 203 -3.72 22.21 25.75
N LYS C 204 -2.74 22.95 25.20
CA LYS C 204 -2.04 23.98 25.96
C LYS C 204 -3.03 25.00 26.53
N LYS C 205 -2.71 25.51 27.73
CA LYS C 205 -3.56 26.52 28.34
C LYS C 205 -3.61 27.78 27.50
N LYS C 206 -2.51 28.12 26.84
CA LYS C 206 -2.47 29.32 26.01
C LYS C 206 -1.50 29.09 24.88
N GLY C 207 -1.90 29.50 23.68
CA GLY C 207 -1.12 29.28 22.49
C GLY C 207 -0.58 30.59 21.93
N LYS C 208 0.01 30.47 20.73
CA LYS C 208 0.63 31.60 20.06
C LYS C 208 0.26 31.67 18.58
N ILE C 209 -0.87 31.07 18.19
CA ILE C 209 -1.34 31.04 16.81
C ILE C 209 -2.82 31.40 16.81
N TYR C 210 -3.21 32.30 15.90
CA TYR C 210 -4.63 32.57 15.67
C TYR C 210 -5.00 32.16 14.25
N SER C 211 -6.26 31.74 14.07
CA SER C 211 -6.64 31.09 12.82
C SER C 211 -8.04 31.52 12.39
N LEU C 212 -8.12 32.29 11.31
CA LEU C 212 -9.41 32.64 10.71
C LEU C 212 -9.14 33.26 9.34
N ASN C 213 -10.20 33.33 8.52
CA ASN C 213 -10.15 33.96 7.19
C ASN C 213 -10.26 35.46 7.36
N GLU C 214 -9.12 36.17 7.30
CA GLU C 214 -9.13 37.62 7.45
C GLU C 214 -9.63 38.35 6.21
N GLY C 215 -9.96 37.62 5.15
CA GLY C 215 -10.58 38.21 3.99
C GLY C 215 -11.94 38.81 4.27
N TYR C 216 -12.59 38.38 5.36
CA TYR C 216 -13.88 38.96 5.76
C TYR C 216 -13.72 40.14 6.74
N ALA C 217 -12.54 40.78 6.80
CA ALA C 217 -12.29 41.79 7.81
C ALA C 217 -13.32 42.92 7.77
N LYS C 218 -13.77 43.29 6.56
CA LYS C 218 -14.74 44.37 6.42
C LYS C 218 -16.08 44.03 7.08
N ASP C 219 -16.40 42.74 7.21
CA ASP C 219 -17.68 42.33 7.78
C ASP C 219 -17.58 41.92 9.24
N PHE C 220 -16.39 41.94 9.83
CA PHE C 220 -16.25 41.48 11.21
C PHE C 220 -17.02 42.39 12.15
N ASP C 221 -17.63 41.80 13.17
CA ASP C 221 -18.15 42.57 14.28
C ASP C 221 -17.00 43.20 15.07
N PRO C 222 -17.27 44.34 15.74
CA PRO C 222 -16.18 45.02 16.47
C PRO C 222 -15.40 44.15 17.44
N ALA C 223 -16.02 43.15 18.06
CA ALA C 223 -15.28 42.33 19.01
C ALA C 223 -14.20 41.51 18.32
N VAL C 224 -14.51 40.95 17.16
CA VAL C 224 -13.48 40.19 16.44
C VAL C 224 -12.37 41.11 15.97
N THR C 225 -12.73 42.28 15.43
CA THR C 225 -11.74 43.24 14.97
C THR C 225 -10.76 43.59 16.08
N GLU C 226 -11.27 43.92 17.28
CA GLU C 226 -10.39 44.24 18.39
C GLU C 226 -9.52 43.04 18.78
N TYR C 227 -10.14 41.85 18.89
CA TYR C 227 -9.38 40.68 19.35
C TYR C 227 -8.21 40.40 18.42
N ILE C 228 -8.44 40.46 17.11
CA ILE C 228 -7.40 40.21 16.12
C ILE C 228 -6.33 41.30 16.20
N GLN C 229 -6.74 42.56 16.40
CA GLN C 229 -5.78 43.64 16.61
C GLN C 229 -4.87 43.35 17.81
N ARG C 230 -5.41 42.74 18.85
CA ARG C 230 -4.61 42.40 20.02
C ARG C 230 -3.57 41.33 19.69
N LYS C 231 -3.90 40.40 18.79
CA LYS C 231 -2.96 39.35 18.43
C LYS C 231 -1.77 39.92 17.66
N LYS C 232 -2.00 40.93 16.81
CA LYS C 232 -0.94 41.51 15.97
C LYS C 232 -0.18 42.62 16.66
N PHE C 233 -0.86 43.41 17.50
CA PHE C 233 -0.27 44.54 18.19
C PHE C 233 -0.63 44.40 19.66
N PRO C 234 0.01 43.49 20.39
CA PRO C 234 -0.45 43.20 21.76
C PRO C 234 -0.26 44.40 22.66
N PRO C 235 -1.28 44.74 23.45
CA PRO C 235 -1.19 45.94 24.29
C PRO C 235 -0.22 45.80 25.45
N ASP C 236 0.22 44.58 25.76
CA ASP C 236 1.22 44.38 26.80
C ASP C 236 2.62 44.26 26.20
N ASN C 237 2.75 44.60 24.91
CA ASN C 237 4.01 44.56 24.17
C ASN C 237 4.66 43.19 24.16
N SER C 238 3.87 42.14 24.36
CA SER C 238 4.37 40.78 24.19
C SER C 238 4.45 40.46 22.70
N ALA C 239 5.00 39.30 22.37
CA ALA C 239 5.22 38.93 20.98
C ALA C 239 3.91 38.67 20.26
N PRO C 240 3.76 39.14 19.02
CA PRO C 240 2.54 38.88 18.27
C PRO C 240 2.38 37.40 17.97
N TYR C 241 1.13 36.95 17.97
CA TYR C 241 0.85 35.58 17.57
C TYR C 241 1.16 35.41 16.08
N GLY C 242 1.55 34.21 15.70
CA GLY C 242 1.58 33.87 14.29
C GLY C 242 0.18 33.51 13.79
N ALA C 243 -0.02 33.61 12.49
CA ALA C 243 -1.30 33.30 11.86
C ALA C 243 -1.16 32.10 10.93
N ARG C 244 -2.15 31.21 10.97
CA ARG C 244 -2.27 30.08 10.06
C ARG C 244 -3.74 29.89 9.69
N TYR C 245 -4.05 29.67 8.40
CA TYR C 245 -5.45 29.37 8.06
C TYR C 245 -5.44 28.49 6.81
N VAL C 246 -5.57 27.17 7.02
CA VAL C 246 -5.65 26.22 5.91
C VAL C 246 -6.94 26.41 5.13
N GLY C 247 -8.02 26.79 5.82
CA GLY C 247 -9.34 26.86 5.21
C GLY C 247 -10.04 25.53 5.18
N SER C 248 -9.49 24.52 5.84
CA SER C 248 -10.13 23.22 6.03
C SER C 248 -10.22 23.01 7.53
N MET C 249 -11.45 22.94 8.04
CA MET C 249 -11.69 22.99 9.49
C MET C 249 -10.94 21.89 10.24
N VAL C 250 -10.95 20.67 9.72
CA VAL C 250 -10.26 19.57 10.40
C VAL C 250 -8.77 19.87 10.52
N ALA C 251 -8.17 20.41 9.46
CA ALA C 251 -6.74 20.70 9.54
C ALA C 251 -6.46 21.83 10.54
N ASP C 252 -7.26 22.90 10.51
CA ASP C 252 -7.00 24.02 11.41
C ASP C 252 -7.30 23.65 12.86
N VAL C 253 -8.35 22.88 13.10
CA VAL C 253 -8.66 22.48 14.48
C VAL C 253 -7.59 21.54 15.00
N HIS C 254 -7.10 20.63 14.15
CA HIS C 254 -6.09 19.68 14.61
C HIS C 254 -4.79 20.39 15.01
N ARG C 255 -4.33 21.35 14.18
CA ARG C 255 -3.20 22.18 14.58
C ARG C 255 -3.49 22.90 15.89
N THR C 256 -4.71 23.43 16.05
CA THR C 256 -5.08 24.09 17.31
C THR C 256 -4.98 23.13 18.48
N LEU C 257 -5.44 21.88 18.32
CA LEU C 257 -5.30 20.89 19.39
C LEU C 257 -3.83 20.61 19.72
N VAL C 258 -3.01 20.43 18.69
CA VAL C 258 -1.64 19.97 18.87
C VAL C 258 -0.74 21.10 19.38
N TYR C 259 -0.89 22.32 18.83
CA TYR C 259 0.00 23.43 19.15
C TYR C 259 -0.65 24.49 20.03
N GLY C 260 -1.94 24.40 20.31
CA GLY C 260 -2.62 25.45 21.02
C GLY C 260 -2.92 26.62 20.11
N GLY C 261 -3.60 27.59 20.69
CA GLY C 261 -4.05 28.77 20.00
C GLY C 261 -5.56 28.80 19.89
N ILE C 262 -6.03 29.52 18.88
CA ILE C 262 -7.44 29.81 18.74
C ILE C 262 -7.82 29.74 17.26
N PHE C 263 -9.04 29.27 17.02
CA PHE C 263 -9.63 29.16 15.69
C PHE C 263 -10.95 29.90 15.68
N LEU C 264 -11.17 30.72 14.65
CA LEU C 264 -12.39 31.52 14.56
C LEU C 264 -13.01 31.37 13.19
N TYR C 265 -14.31 31.10 13.16
CA TYR C 265 -15.14 31.33 11.98
C TYR C 265 -16.40 32.04 12.48
N PRO C 266 -16.36 33.36 12.58
CA PRO C 266 -17.51 34.10 13.11
C PRO C 266 -18.51 34.39 12.01
N ALA C 267 -19.64 34.99 12.36
CA ALA C 267 -20.63 35.38 11.37
C ALA C 267 -20.13 36.53 10.51
N ASN C 268 -20.64 36.59 9.27
CA ASN C 268 -20.39 37.73 8.36
C ASN C 268 -21.65 38.00 7.57
N LYS C 269 -21.55 38.91 6.59
CA LYS C 269 -22.73 39.31 5.80
C LYS C 269 -23.26 38.15 4.97
N LYS C 270 -22.36 37.34 4.41
CA LYS C 270 -22.78 36.17 3.66
C LYS C 270 -23.24 35.04 4.57
N SER C 271 -22.88 35.09 5.85
CA SER C 271 -23.18 34.02 6.81
C SER C 271 -23.57 34.64 8.14
N PRO C 272 -24.74 35.28 8.22
CA PRO C 272 -25.13 35.95 9.49
C PRO C 272 -25.41 35.00 10.65
N ASN C 273 -25.63 33.71 10.38
CA ASN C 273 -25.78 32.68 11.41
C ASN C 273 -24.51 31.86 11.57
N GLY C 274 -23.38 32.41 11.10
CA GLY C 274 -22.12 31.71 11.00
C GLY C 274 -22.10 30.91 9.73
N LYS C 275 -20.97 30.23 9.51
CA LYS C 275 -20.79 29.45 8.29
C LYS C 275 -20.67 27.95 8.55
N LEU C 276 -19.95 27.54 9.58
CA LEU C 276 -19.77 26.11 9.86
C LEU C 276 -21.08 25.50 10.38
N ARG C 277 -21.22 24.19 10.19
CA ARG C 277 -22.47 23.49 10.50
C ARG C 277 -22.44 23.01 11.95
N LEU C 278 -23.53 23.31 12.68
CA LEU C 278 -23.58 22.98 14.10
C LEU C 278 -23.50 21.46 14.32
N LEU C 279 -24.29 20.68 13.59
CA LEU C 279 -24.51 19.28 13.95
C LEU C 279 -23.26 18.43 13.75
N TYR C 280 -22.55 18.63 12.62
CA TYR C 280 -21.47 17.73 12.23
C TYR C 280 -20.15 18.45 11.92
N GLU C 281 -20.03 19.72 12.26
CA GLU C 281 -18.72 20.37 12.27
C GLU C 281 -18.46 20.99 13.62
N CYS C 282 -19.32 21.91 14.07
CA CYS C 282 -19.05 22.64 15.31
C CYS C 282 -19.17 21.75 16.55
N ASN C 283 -20.26 20.98 16.68
CA ASN C 283 -20.44 20.17 17.89
C ASN C 283 -19.38 19.10 18.06
N PRO C 284 -19.04 18.29 17.04
CA PRO C 284 -17.95 17.33 17.23
C PRO C 284 -16.63 17.99 17.62
N MET C 285 -16.29 19.12 17.00
CA MET C 285 -15.04 19.78 17.35
C MET C 285 -15.10 20.42 18.74
N ALA C 286 -16.27 20.95 19.12
CA ALA C 286 -16.44 21.49 20.48
C ALA C 286 -16.26 20.41 21.54
N TYR C 287 -16.79 19.21 21.27
CA TYR C 287 -16.67 18.11 22.22
C TYR C 287 -15.23 17.68 22.37
N VAL C 288 -14.50 17.54 21.25
CA VAL C 288 -13.09 17.21 21.34
C VAL C 288 -12.35 18.26 22.17
N MET C 289 -12.60 19.54 21.88
CA MET C 289 -11.92 20.62 22.58
C MET C 289 -12.21 20.58 24.08
N GLU C 290 -13.49 20.41 24.46
CA GLU C 290 -13.81 20.44 25.89
C GLU C 290 -13.23 19.22 26.60
N LYS C 291 -13.29 18.03 25.98
CA LYS C 291 -12.65 16.87 26.58
C LYS C 291 -11.12 17.02 26.68
N ALA C 292 -10.52 17.88 25.86
CA ALA C 292 -9.08 18.13 25.95
C ALA C 292 -8.73 19.33 26.83
N GLY C 293 -9.71 19.84 27.59
CA GLY C 293 -9.45 20.99 28.44
C GLY C 293 -9.50 22.33 27.74
N GLY C 294 -10.05 22.38 26.53
CA GLY C 294 -10.21 23.61 25.78
C GLY C 294 -11.64 24.11 25.84
N MET C 295 -11.92 25.11 24.99
CA MET C 295 -13.22 25.75 24.98
C MET C 295 -13.72 25.90 23.55
N ALA C 296 -15.04 26.08 23.43
CA ALA C 296 -15.68 26.33 22.15
C ALA C 296 -16.95 27.12 22.40
N THR C 297 -17.00 28.33 21.87
CA THR C 297 -18.11 29.25 22.10
C THR C 297 -18.63 29.79 20.79
N THR C 298 -19.92 30.14 20.78
CA THR C 298 -20.49 30.95 19.72
C THR C 298 -20.27 32.43 19.95
N GLY C 299 -19.75 32.80 21.12
CA GLY C 299 -19.73 34.18 21.54
C GLY C 299 -20.75 34.43 22.63
N LYS C 300 -21.94 33.86 22.46
CA LYS C 300 -23.02 34.01 23.43
C LYS C 300 -23.13 32.83 24.38
N GLU C 301 -22.69 31.65 23.99
CA GLU C 301 -22.82 30.46 24.83
C GLU C 301 -21.89 29.38 24.29
N ALA C 302 -21.76 28.31 25.08
CA ALA C 302 -21.00 27.14 24.66
C ALA C 302 -21.67 26.51 23.44
N VAL C 303 -20.86 26.17 22.43
CA VAL C 303 -21.40 25.46 21.27
C VAL C 303 -22.22 24.25 21.73
N LEU C 304 -21.70 23.50 22.70
CA LEU C 304 -22.37 22.27 23.12
C LEU C 304 -23.72 22.53 23.77
N ASP C 305 -24.02 23.77 24.19
CA ASP C 305 -25.31 24.03 24.81
C ASP C 305 -26.36 24.52 23.82
N VAL C 306 -25.98 24.84 22.57
CA VAL C 306 -26.96 25.25 21.58
C VAL C 306 -27.93 24.10 21.31
N ILE C 307 -29.22 24.40 21.30
CA ILE C 307 -30.27 23.42 21.05
C ILE C 307 -30.66 23.51 19.59
N PRO C 308 -30.32 22.53 18.74
CA PRO C 308 -30.60 22.67 17.31
C PRO C 308 -32.09 22.56 17.01
N THR C 309 -32.50 23.25 15.94
CA THR C 309 -33.85 23.12 15.40
C THR C 309 -33.89 22.60 13.97
N ASP C 310 -32.76 22.60 13.25
CA ASP C 310 -32.65 22.19 11.85
C ASP C 310 -31.31 21.49 11.66
N ILE C 311 -31.32 20.32 11.01
CA ILE C 311 -30.11 19.49 10.98
C ILE C 311 -28.93 20.13 10.25
N HIS C 312 -29.17 21.06 9.32
CA HIS C 312 -28.06 21.70 8.60
C HIS C 312 -27.82 23.13 9.07
N GLN C 313 -28.31 23.50 10.25
CA GLN C 313 -28.17 24.88 10.68
C GLN C 313 -26.71 25.20 10.98
N ARG C 314 -26.35 26.46 10.78
CA ARG C 314 -25.00 26.95 10.97
C ARG C 314 -24.82 27.61 12.33
N ALA C 315 -23.56 27.79 12.73
CA ALA C 315 -23.25 28.46 13.99
C ALA C 315 -21.90 29.16 13.89
N PRO C 316 -21.75 30.35 14.46
CA PRO C 316 -20.41 30.92 14.63
C PRO C 316 -19.66 30.10 15.67
N VAL C 317 -18.34 30.04 15.53
CA VAL C 317 -17.55 29.20 16.44
C VAL C 317 -16.21 29.85 16.71
N ILE C 318 -15.84 29.89 17.99
CA ILE C 318 -14.54 30.31 18.45
C ILE C 318 -14.06 29.24 19.41
N LEU C 319 -12.91 28.63 19.13
CA LEU C 319 -12.50 27.46 19.90
C LEU C 319 -10.98 27.39 20.02
N GLY C 320 -10.52 26.63 21.01
CA GLY C 320 -9.11 26.41 21.21
C GLY C 320 -8.66 26.45 22.67
N SER C 321 -7.47 27.01 22.88
CA SER C 321 -6.88 27.07 24.21
C SER C 321 -7.75 27.90 25.15
N PRO C 322 -7.93 27.46 26.40
CA PRO C 322 -8.86 28.17 27.29
C PRO C 322 -8.48 29.61 27.57
N ASP C 323 -7.19 29.93 27.76
CA ASP C 323 -6.80 31.31 27.97
C ASP C 323 -7.13 32.18 26.75
N ASP C 324 -6.99 31.61 25.55
CA ASP C 324 -7.26 32.39 24.35
C ASP C 324 -8.76 32.63 24.14
N VAL C 325 -9.58 31.58 24.29
CA VAL C 325 -11.02 31.77 24.15
C VAL C 325 -11.56 32.70 25.23
N LEU C 326 -11.04 32.58 26.47
CA LEU C 326 -11.47 33.49 27.54
C LEU C 326 -11.11 34.94 27.24
N GLU C 327 -9.91 35.17 26.68
CA GLU C 327 -9.53 36.51 26.28
C GLU C 327 -10.48 37.06 25.22
N PHE C 328 -10.88 36.22 24.25
CA PHE C 328 -11.86 36.65 23.26
C PHE C 328 -13.19 37.02 23.91
N LEU C 329 -13.66 36.19 24.85
CA LEU C 329 -14.95 36.44 25.49
C LEU C 329 -14.95 37.73 26.30
N LYS C 330 -13.82 38.08 26.90
CA LYS C 330 -13.71 39.38 27.57
C LYS C 330 -13.95 40.52 26.59
N VAL C 331 -13.26 40.48 25.43
CA VAL C 331 -13.48 41.48 24.39
C VAL C 331 -14.92 41.47 23.94
N TYR C 332 -15.53 40.28 23.85
CA TYR C 332 -16.92 40.18 23.41
C TYR C 332 -17.86 40.86 24.41
N GLU C 333 -17.66 40.61 25.69
CA GLU C 333 -18.53 41.23 26.68
C GLU C 333 -18.28 42.74 26.77
N LYS C 334 -17.04 43.18 26.54
CA LYS C 334 -16.72 44.61 26.53
C LYS C 334 -17.52 45.34 25.46
N HIS C 335 -17.76 44.69 24.32
CA HIS C 335 -18.62 45.23 23.29
C HIS C 335 -20.07 44.80 23.48
N SER C 336 -20.45 44.45 24.71
CA SER C 336 -21.80 44.05 25.10
C SER C 336 -22.18 42.69 24.50
N ASP D 10 -4.18 8.47 -24.43
CA ASP D 10 -3.36 7.43 -23.78
C ASP D 10 -2.94 7.84 -22.36
N VAL D 11 -3.00 6.89 -21.42
CA VAL D 11 -2.40 7.11 -20.11
C VAL D 11 -0.92 7.47 -20.28
N ASN D 12 -0.41 8.33 -19.40
CA ASN D 12 0.98 8.72 -19.44
C ASN D 12 1.50 8.72 -18.01
N THR D 13 2.69 8.16 -17.81
CA THR D 13 3.35 8.17 -16.51
C THR D 13 4.49 9.19 -16.56
N LEU D 14 4.96 9.57 -15.38
CA LEU D 14 6.12 10.45 -15.33
C LEU D 14 7.32 9.79 -16.02
N THR D 15 7.54 8.50 -15.76
CA THR D 15 8.65 7.77 -16.39
C THR D 15 8.58 7.84 -17.92
N ARG D 16 7.41 7.57 -18.50
CA ARG D 16 7.25 7.61 -19.96
C ARG D 16 7.39 9.04 -20.50
N PHE D 17 6.79 10.01 -19.81
CA PHE D 17 6.84 11.41 -20.20
C PHE D 17 8.28 11.90 -20.29
N VAL D 18 9.04 11.67 -19.23
CA VAL D 18 10.42 12.15 -19.18
C VAL D 18 11.25 11.49 -20.29
N MET D 19 11.09 10.19 -20.46
CA MET D 19 11.84 9.49 -21.50
C MET D 19 11.53 10.07 -22.88
N GLU D 20 10.26 10.40 -23.13
CA GLU D 20 9.88 10.89 -24.45
C GLU D 20 10.43 12.30 -24.69
N GLU D 21 10.37 13.18 -23.70
CA GLU D 21 11.02 14.48 -23.85
C GLU D 21 12.49 14.32 -24.18
N GLY D 22 13.14 13.35 -23.53
CA GLY D 22 14.56 13.14 -23.78
C GLY D 22 14.85 12.61 -25.17
N ARG D 23 13.96 11.77 -25.70
CA ARG D 23 14.11 11.27 -27.05
C ARG D 23 13.88 12.36 -28.09
N LYS D 24 12.99 13.31 -27.80
CA LYS D 24 12.77 14.45 -28.69
C LYS D 24 13.99 15.37 -28.70
N ALA D 25 14.59 15.59 -27.53
CA ALA D 25 15.77 16.42 -27.42
C ALA D 25 17.05 15.70 -27.85
N ARG D 26 16.97 14.42 -28.18
CA ARG D 26 18.12 13.63 -28.64
C ARG D 26 19.29 13.70 -27.66
N GLY D 27 18.98 13.74 -26.36
CA GLY D 27 20.00 13.82 -25.33
C GLY D 27 20.65 12.48 -25.03
N THR D 28 21.68 12.54 -24.18
CA THR D 28 22.42 11.35 -23.81
C THR D 28 21.67 10.45 -22.83
N GLY D 29 20.57 10.91 -22.26
CA GLY D 29 19.85 10.16 -21.25
C GLY D 29 20.25 10.49 -19.83
N GLU D 30 21.22 11.38 -19.65
CA GLU D 30 21.70 11.67 -18.30
C GLU D 30 20.63 12.38 -17.47
N LEU D 31 19.96 13.39 -18.06
CA LEU D 31 18.92 14.09 -17.30
C LEU D 31 17.73 13.19 -16.98
N THR D 32 17.39 12.26 -17.88
CA THR D 32 16.31 11.32 -17.61
C THR D 32 16.64 10.40 -16.43
N GLN D 33 17.88 9.91 -16.35
CA GLN D 33 18.29 9.12 -15.18
C GLN D 33 18.21 9.94 -13.90
N LEU D 34 18.57 11.23 -13.97
CA LEU D 34 18.44 12.10 -12.81
C LEU D 34 16.98 12.16 -12.35
N LEU D 35 16.08 12.46 -13.27
CA LEU D 35 14.67 12.60 -12.94
C LEU D 35 14.05 11.29 -12.45
N ASN D 36 14.41 10.16 -13.07
CA ASN D 36 13.94 8.86 -12.58
C ASN D 36 14.38 8.62 -11.15
N SER D 37 15.66 8.91 -10.85
CA SER D 37 16.19 8.74 -9.49
C SER D 37 15.45 9.65 -8.50
N LEU D 38 15.16 10.88 -8.90
CA LEU D 38 14.45 11.82 -8.04
C LEU D 38 13.02 11.36 -7.80
N CYS D 39 12.36 10.87 -8.85
CA CYS D 39 11.02 10.31 -8.74
C CYS D 39 10.99 9.18 -7.72
N THR D 40 11.94 8.27 -7.81
CA THR D 40 12.03 7.18 -6.85
C THR D 40 12.20 7.71 -5.43
N ALA D 41 13.08 8.70 -5.24
CA ALA D 41 13.24 9.28 -3.91
C ALA D 41 11.93 9.88 -3.41
N VAL D 42 11.19 10.56 -4.30
CA VAL D 42 9.91 11.16 -3.90
C VAL D 42 8.89 10.09 -3.51
N LYS D 43 8.84 8.95 -4.20
CA LYS D 43 7.92 7.90 -3.75
C LYS D 43 8.31 7.36 -2.38
N ALA D 44 9.60 7.23 -2.12
CA ALA D 44 10.03 6.77 -0.81
C ALA D 44 9.76 7.82 0.27
N ILE D 45 9.96 9.10 -0.03
CA ILE D 45 9.58 10.14 0.93
C ILE D 45 8.08 10.08 1.21
N SER D 46 7.26 9.97 0.17
CA SER D 46 5.82 9.95 0.39
C SER D 46 5.42 8.80 1.32
N SER D 47 6.00 7.61 1.11
CA SER D 47 5.71 6.45 1.95
C SER D 47 6.02 6.70 3.43
N ALA D 48 7.17 7.29 3.73
CA ALA D 48 7.52 7.59 5.12
C ALA D 48 6.66 8.70 5.69
N VAL D 49 6.36 9.74 4.90
CA VAL D 49 5.53 10.84 5.39
C VAL D 49 4.14 10.34 5.77
N ARG D 50 3.57 9.44 4.95
CA ARG D 50 2.27 8.81 5.28
C ARG D 50 2.37 7.77 6.38
N LYS D 51 3.57 7.57 6.94
CA LYS D 51 3.81 6.78 8.15
C LYS D 51 3.68 5.28 7.92
N ALA D 52 4.00 4.79 6.73
CA ALA D 52 4.10 3.35 6.53
C ALA D 52 5.13 2.76 7.48
N GLY D 53 4.75 1.70 8.19
CA GLY D 53 5.67 1.07 9.11
C GLY D 53 5.77 1.72 10.48
N ILE D 54 4.97 2.75 10.78
CA ILE D 54 5.06 3.38 12.09
C ILE D 54 4.71 2.40 13.21
N ALA D 55 3.92 1.36 12.93
CA ALA D 55 3.58 0.38 13.97
C ALA D 55 4.82 -0.28 14.58
N HIS D 56 5.86 -0.49 13.78
CA HIS D 56 7.09 -1.08 14.29
C HIS D 56 7.77 -0.14 15.28
N LEU D 57 7.73 1.16 14.98
CA LEU D 57 8.30 2.14 15.88
C LEU D 57 7.57 2.16 17.22
N TYR D 58 6.29 1.79 17.23
CA TYR D 58 5.51 1.77 18.45
C TYR D 58 5.39 0.37 19.04
N GLY D 59 6.25 -0.56 18.62
CA GLY D 59 6.43 -1.81 19.33
C GLY D 59 5.57 -2.99 18.92
N ILE D 60 5.07 -3.03 17.68
CA ILE D 60 4.17 -4.11 17.27
C ILE D 60 4.86 -5.47 17.31
N ALA D 61 6.17 -5.51 17.07
CA ALA D 61 6.92 -6.75 17.15
C ALA D 61 7.70 -6.86 18.46
N GLY D 62 7.33 -6.09 19.48
CA GLY D 62 8.00 -6.15 20.76
C GLY D 62 9.25 -5.29 20.86
N LYS D 73 13.76 13.30 12.37
CA LYS D 73 14.15 12.02 11.77
C LYS D 73 13.66 11.99 10.33
N LEU D 74 12.45 12.50 10.11
CA LEU D 74 11.83 12.42 8.78
C LEU D 74 12.53 13.31 7.77
N ASP D 75 12.92 14.53 8.16
CA ASP D 75 13.59 15.39 7.19
C ASP D 75 15.01 14.89 6.92
N VAL D 76 15.66 14.30 7.92
CA VAL D 76 16.97 13.67 7.70
C VAL D 76 16.84 12.46 6.78
N LEU D 77 15.84 11.60 7.03
CA LEU D 77 15.61 10.48 6.13
C LEU D 77 15.34 10.96 4.70
N SER D 78 14.47 11.98 4.57
CA SER D 78 14.15 12.53 3.26
C SER D 78 15.40 13.05 2.59
N ASN D 79 16.25 13.74 3.34
CA ASN D 79 17.51 14.23 2.80
C ASN D 79 18.38 13.06 2.35
N ASP D 80 18.49 12.00 3.18
CA ASP D 80 19.28 10.83 2.82
C ASP D 80 18.73 10.17 1.55
N LEU D 81 17.41 10.10 1.41
CA LEU D 81 16.80 9.51 0.24
C LEU D 81 17.15 10.28 -1.03
N VAL D 82 16.95 11.60 -1.01
CA VAL D 82 17.29 12.39 -2.19
C VAL D 82 18.79 12.31 -2.47
N MET D 83 19.62 12.52 -1.42
CA MET D 83 21.08 12.52 -1.63
C MET D 83 21.54 11.21 -2.25
N ASN D 84 21.06 10.08 -1.70
CA ASN D 84 21.56 8.79 -2.17
C ASN D 84 21.03 8.47 -3.56
N MET D 85 19.77 8.77 -3.85
CA MET D 85 19.26 8.48 -5.19
C MET D 85 19.95 9.37 -6.23
N LEU D 86 20.21 10.65 -5.89
CA LEU D 86 20.86 11.54 -6.86
C LEU D 86 22.33 11.17 -7.06
N LYS D 87 23.05 10.87 -5.96
CA LYS D 87 24.42 10.40 -6.08
C LYS D 87 24.50 9.16 -6.97
N SER D 88 23.63 8.18 -6.72
CA SER D 88 23.71 6.93 -7.47
C SER D 88 23.15 7.03 -8.87
N SER D 89 22.62 8.19 -9.29
CA SER D 89 22.19 8.35 -10.67
C SER D 89 23.36 8.51 -11.65
N PHE D 90 24.54 8.85 -11.15
CA PHE D 90 25.68 9.19 -11.98
C PHE D 90 25.42 10.42 -12.87
N ALA D 91 24.44 11.26 -12.52
CA ALA D 91 24.12 12.43 -13.34
C ALA D 91 24.42 13.76 -12.67
N THR D 92 24.93 13.76 -11.43
CA THR D 92 25.12 14.98 -10.66
C THR D 92 26.57 15.13 -10.22
N CYS D 93 26.96 16.37 -9.92
CA CYS D 93 28.32 16.58 -9.44
C CYS D 93 28.33 17.43 -8.17
N VAL D 94 27.34 18.29 -7.99
CA VAL D 94 27.22 19.16 -6.82
C VAL D 94 25.77 19.15 -6.35
N LEU D 95 25.56 18.93 -5.05
CA LEU D 95 24.23 18.86 -4.46
C LEU D 95 24.15 19.85 -3.32
N VAL D 96 23.20 20.77 -3.39
CA VAL D 96 22.98 21.75 -2.34
C VAL D 96 21.62 21.45 -1.74
N SER D 97 21.59 21.28 -0.41
CA SER D 97 20.36 20.98 0.30
C SER D 97 20.16 21.91 1.49
N GLU D 98 18.89 22.23 1.76
CA GLU D 98 18.52 22.99 2.97
C GLU D 98 19.05 22.33 4.23
N GLU D 99 19.22 21.00 4.21
CA GLU D 99 19.65 20.26 5.40
C GLU D 99 21.17 20.25 5.62
N ASP D 100 21.97 20.68 4.65
CA ASP D 100 23.42 20.54 4.74
C ASP D 100 24.11 21.89 4.70
N LYS D 101 25.03 22.11 5.65
CA LYS D 101 25.69 23.41 5.76
C LYS D 101 26.46 23.76 4.49
N HIS D 102 27.20 22.81 3.94
CA HIS D 102 27.98 23.06 2.74
C HIS D 102 27.43 22.25 1.57
N ALA D 103 27.78 22.68 0.36
CA ALA D 103 27.45 21.91 -0.82
C ALA D 103 28.13 20.54 -0.73
N ILE D 104 27.41 19.52 -1.17
CA ILE D 104 27.94 18.15 -1.22
C ILE D 104 28.57 17.94 -2.59
N ILE D 105 29.80 17.47 -2.60
CA ILE D 105 30.50 17.21 -3.86
C ILE D 105 30.43 15.72 -4.14
N VAL D 106 29.83 15.33 -5.25
CA VAL D 106 29.72 13.91 -5.56
C VAL D 106 31.11 13.35 -5.82
N GLU D 107 31.36 12.13 -5.34
CA GLU D 107 32.67 11.52 -5.52
C GLU D 107 32.95 11.34 -7.01
N PRO D 108 34.22 11.38 -7.41
CA PRO D 108 34.55 11.47 -8.85
C PRO D 108 33.93 10.41 -9.72
N GLU D 109 33.93 9.16 -9.27
CA GLU D 109 33.49 8.06 -10.12
C GLU D 109 32.00 8.11 -10.42
N LYS D 110 31.20 8.83 -9.62
CA LYS D 110 29.77 8.95 -9.83
C LYS D 110 29.34 10.31 -10.40
N ARG D 111 30.29 11.13 -10.83
CA ARG D 111 30.00 12.52 -11.22
C ARG D 111 29.33 12.58 -12.59
N GLY D 112 28.22 13.31 -12.66
CA GLY D 112 27.59 13.65 -13.92
C GLY D 112 27.63 15.16 -14.11
N LYS D 113 26.82 15.70 -15.01
CA LYS D 113 26.97 17.10 -15.37
C LYS D 113 26.01 18.05 -14.67
N TYR D 114 25.09 17.57 -13.85
CA TYR D 114 24.03 18.43 -13.33
C TYR D 114 24.30 18.82 -11.89
N VAL D 115 23.80 20.00 -11.54
CA VAL D 115 23.84 20.56 -10.20
C VAL D 115 22.40 20.64 -9.71
N VAL D 116 22.12 20.12 -8.51
CA VAL D 116 20.76 20.06 -7.99
C VAL D 116 20.69 20.78 -6.65
N CYS D 117 19.78 21.74 -6.54
CA CYS D 117 19.46 22.41 -5.28
C CYS D 117 18.08 21.94 -4.84
N PHE D 118 17.94 21.54 -3.57
CA PHE D 118 16.66 21.00 -3.15
C PHE D 118 16.36 21.23 -1.68
N ASP D 119 15.07 21.25 -1.36
CA ASP D 119 14.62 21.22 0.03
C ASP D 119 13.92 19.89 0.23
N PRO D 120 14.51 18.92 0.96
CA PRO D 120 13.95 17.56 0.92
C PRO D 120 12.60 17.44 1.58
N LEU D 121 12.34 18.21 2.63
CA LEU D 121 11.04 18.13 3.30
C LEU D 121 10.64 19.53 3.81
N ASP D 122 10.30 20.40 2.85
CA ASP D 122 9.86 21.75 3.18
C ASP D 122 8.59 21.74 4.02
N GLY D 123 8.58 22.55 5.07
CA GLY D 123 7.45 22.62 5.97
C GLY D 123 7.48 21.61 7.10
N SER D 124 8.56 20.83 7.21
CA SER D 124 8.55 19.72 8.17
C SER D 124 8.59 20.20 9.63
N SER D 125 8.95 21.47 9.88
CA SER D 125 9.01 21.95 11.26
C SER D 125 7.65 21.89 11.97
N ASN D 126 6.54 21.89 11.22
CA ASN D 126 5.22 21.76 11.82
C ASN D 126 4.56 20.45 11.44
N ILE D 127 5.35 19.44 11.06
CA ILE D 127 4.79 18.15 10.66
C ILE D 127 4.15 17.40 11.82
N ASP D 128 4.36 17.86 13.06
CA ASP D 128 3.66 17.28 14.20
C ASP D 128 2.14 17.44 14.09
N CYS D 129 1.67 18.45 13.35
CA CYS D 129 0.24 18.66 13.18
C CYS D 129 -0.29 18.12 11.85
N LEU D 130 0.50 17.32 11.15
CA LEU D 130 0.10 16.68 9.90
C LEU D 130 -0.25 17.70 8.80
N VAL D 131 0.36 18.88 8.88
CA VAL D 131 0.24 19.85 7.81
C VAL D 131 0.90 19.27 6.56
N SER D 132 0.38 19.64 5.39
CA SER D 132 1.02 19.31 4.12
C SER D 132 2.51 19.65 4.16
N VAL D 133 3.33 18.77 3.58
CA VAL D 133 4.75 19.00 3.42
C VAL D 133 5.13 18.74 1.97
N GLY D 134 6.37 19.07 1.62
CA GLY D 134 6.78 18.91 0.24
C GLY D 134 8.28 18.91 0.05
N THR D 135 8.67 18.47 -1.15
CA THR D 135 10.05 18.50 -1.62
C THR D 135 10.14 19.47 -2.79
N ILE D 136 11.13 20.37 -2.76
CA ILE D 136 11.33 21.39 -3.78
C ILE D 136 12.68 21.14 -4.41
N PHE D 137 12.79 21.31 -5.73
CA PHE D 137 14.08 21.04 -6.37
C PHE D 137 14.28 21.96 -7.56
N GLY D 138 15.54 22.28 -7.81
CA GLY D 138 15.94 22.99 -9.02
C GLY D 138 17.18 22.31 -9.57
N ILE D 139 17.24 22.17 -10.90
CA ILE D 139 18.28 21.40 -11.58
C ILE D 139 19.01 22.32 -12.55
N TYR D 140 20.34 22.43 -12.41
CA TYR D 140 21.18 23.24 -13.30
C TYR D 140 22.18 22.37 -14.02
N ARG D 141 22.64 22.86 -15.17
CA ARG D 141 23.78 22.28 -15.85
C ARG D 141 25.04 22.94 -15.32
N LYS D 142 26.07 22.15 -15.05
CA LYS D 142 27.31 22.73 -14.57
C LYS D 142 27.91 23.60 -15.67
N LYS D 143 28.31 24.83 -15.34
CA LYS D 143 28.68 25.80 -16.38
C LYS D 143 30.17 25.83 -16.74
N SER D 144 31.06 25.58 -15.78
CA SER D 144 32.51 25.60 -16.01
C SER D 144 33.09 24.19 -15.96
N THR D 145 34.32 24.06 -16.48
CA THR D 145 35.05 22.80 -16.37
C THR D 145 35.92 22.75 -15.12
N ASP D 146 35.82 23.74 -14.24
CA ASP D 146 36.59 23.69 -12.98
C ASP D 146 36.23 22.46 -12.17
N GLU D 147 37.12 22.10 -11.25
CA GLU D 147 36.80 21.05 -10.28
C GLU D 147 35.50 21.42 -9.56
N PRO D 148 34.57 20.49 -9.41
CA PRO D 148 33.24 20.84 -8.87
C PRO D 148 33.31 21.42 -7.47
N SER D 149 32.53 22.46 -7.22
CA SER D 149 32.53 23.14 -5.93
C SER D 149 31.20 23.81 -5.69
N GLU D 150 31.06 24.36 -4.50
CA GLU D 150 29.87 25.11 -4.13
C GLU D 150 29.53 26.21 -5.15
N LYS D 151 30.56 26.75 -5.82
CA LYS D 151 30.35 27.84 -6.77
C LYS D 151 29.51 27.43 -7.97
N ASP D 152 29.50 26.14 -8.29
CA ASP D 152 28.68 25.69 -9.41
C ASP D 152 27.19 25.81 -9.12
N ALA D 153 26.82 25.97 -7.86
CA ALA D 153 25.42 26.17 -7.53
C ALA D 153 25.01 27.63 -7.51
N LEU D 154 25.95 28.57 -7.67
CA LEU D 154 25.61 30.00 -7.63
C LEU D 154 25.27 30.52 -9.02
N GLN D 155 24.23 29.93 -9.60
CA GLN D 155 23.69 30.36 -10.88
C GLN D 155 22.35 31.06 -10.65
N PRO D 156 21.99 32.06 -11.46
CA PRO D 156 20.65 32.63 -11.36
C PRO D 156 19.60 31.62 -11.82
N GLY D 157 18.38 31.76 -11.28
CA GLY D 157 17.29 30.86 -11.64
C GLY D 157 17.02 30.79 -13.13
N ARG D 158 17.38 31.86 -13.87
CA ARG D 158 17.27 31.87 -15.32
C ARG D 158 17.98 30.70 -15.99
N ASN D 159 19.00 30.15 -15.34
CA ASN D 159 19.79 29.06 -15.91
C ASN D 159 19.17 27.69 -15.64
N LEU D 160 18.00 27.64 -15.01
CA LEU D 160 17.41 26.34 -14.68
C LEU D 160 17.08 25.54 -15.93
N VAL D 161 17.43 24.26 -15.90
CA VAL D 161 17.01 23.28 -16.90
C VAL D 161 15.66 22.68 -16.53
N ALA D 162 15.43 22.48 -15.23
CA ALA D 162 14.19 21.88 -14.76
C ALA D 162 13.99 22.26 -13.30
N ALA D 163 12.72 22.36 -12.89
CA ALA D 163 12.42 22.62 -11.48
C ALA D 163 11.03 22.11 -11.18
N GLY D 164 10.75 22.00 -9.88
CA GLY D 164 9.40 21.64 -9.49
C GLY D 164 9.36 21.23 -8.04
N TYR D 165 8.32 20.51 -7.71
CA TYR D 165 8.12 20.13 -6.32
C TYR D 165 7.25 18.91 -6.28
N ALA D 166 7.30 18.23 -5.14
CA ALA D 166 6.34 17.20 -4.78
C ALA D 166 5.59 17.68 -3.54
N LEU D 167 4.26 17.62 -3.60
CA LEU D 167 3.38 18.00 -2.49
C LEU D 167 2.85 16.74 -1.83
N TYR D 168 3.10 16.58 -0.53
CA TYR D 168 2.54 15.48 0.25
C TYR D 168 1.34 16.02 1.02
N GLY D 169 0.21 16.13 0.31
CA GLY D 169 -1.00 16.68 0.86
C GLY D 169 -2.05 15.61 1.03
N SER D 170 -3.29 15.92 0.66
CA SER D 170 -4.35 14.92 0.71
C SER D 170 -4.01 13.75 -0.21
N ALA D 171 -3.37 14.05 -1.33
CA ALA D 171 -2.69 13.07 -2.17
C ALA D 171 -1.29 13.59 -2.47
N THR D 172 -0.45 12.73 -3.03
CA THR D 172 0.91 13.12 -3.42
C THR D 172 0.93 13.48 -4.90
N MET D 173 1.42 14.67 -5.21
CA MET D 173 1.50 15.13 -6.59
C MET D 173 2.89 15.67 -6.87
N LEU D 174 3.43 15.36 -8.05
CA LEU D 174 4.69 15.93 -8.50
C LEU D 174 4.42 16.94 -9.61
N VAL D 175 4.87 18.19 -9.40
CA VAL D 175 4.75 19.23 -10.42
C VAL D 175 6.13 19.44 -11.03
N LEU D 176 6.23 19.26 -12.34
CA LEU D 176 7.51 19.33 -13.05
C LEU D 176 7.43 20.41 -14.11
N ALA D 177 8.31 21.40 -14.00
CA ALA D 177 8.37 22.51 -14.94
C ALA D 177 9.65 22.38 -15.77
N MET D 178 9.51 22.50 -17.09
CA MET D 178 10.65 22.51 -18.00
C MET D 178 10.35 23.51 -19.11
N ASP D 179 11.25 23.56 -20.11
CA ASP D 179 11.06 24.45 -21.26
C ASP D 179 9.75 24.17 -21.97
N CYS D 180 9.27 22.92 -21.94
CA CYS D 180 8.01 22.54 -22.56
C CYS D 180 6.78 23.00 -21.77
N GLY D 181 6.96 23.54 -20.57
CA GLY D 181 5.84 23.95 -19.74
C GLY D 181 5.75 23.24 -18.40
N VAL D 182 4.59 23.32 -17.76
CA VAL D 182 4.39 22.79 -16.41
C VAL D 182 3.42 21.63 -16.51
N ASN D 183 3.80 20.48 -15.93
CA ASN D 183 2.97 19.29 -15.98
C ASN D 183 2.85 18.67 -14.61
N CYS D 184 1.64 18.23 -14.26
CA CYS D 184 1.31 17.76 -12.91
C CYS D 184 0.96 16.27 -12.93
N PHE D 185 1.64 15.50 -12.07
CA PHE D 185 1.52 14.05 -12.05
C PHE D 185 1.06 13.58 -10.68
N MET D 186 -0.05 12.83 -10.64
CA MET D 186 -0.60 12.33 -9.37
C MET D 186 -0.02 10.96 -9.03
N LEU D 187 0.51 10.81 -7.81
CA LEU D 187 1.04 9.52 -7.37
C LEU D 187 -0.11 8.57 -7.06
N ASP D 188 -0.15 7.45 -7.78
CA ASP D 188 -1.02 6.33 -7.48
C ASP D 188 -0.29 5.37 -6.55
N PRO D 189 -0.61 5.38 -5.25
CA PRO D 189 0.11 4.53 -4.30
C PRO D 189 -0.10 3.03 -4.52
N ALA D 190 -1.13 2.63 -5.26
CA ALA D 190 -1.36 1.20 -5.49
C ALA D 190 -0.27 0.59 -6.37
N ILE D 191 0.30 1.39 -7.26
CA ILE D 191 1.29 0.89 -8.22
C ILE D 191 2.57 1.71 -8.25
N GLY D 192 2.70 2.72 -7.40
CA GLY D 192 3.91 3.54 -7.41
C GLY D 192 4.20 4.18 -8.75
N GLU D 193 3.19 4.81 -9.36
CA GLU D 193 3.36 5.48 -10.64
C GLU D 193 2.78 6.89 -10.52
N PHE D 194 3.54 7.88 -11.00
CA PHE D 194 3.01 9.23 -11.10
C PHE D 194 2.24 9.35 -12.41
N ILE D 195 0.93 9.59 -12.33
CA ILE D 195 0.07 9.64 -13.50
C ILE D 195 -0.14 11.09 -13.91
N LEU D 196 0.10 11.39 -15.18
CA LEU D 196 -0.12 12.73 -15.71
C LEU D 196 -1.60 13.09 -15.67
N VAL D 197 -1.95 14.11 -14.88
CA VAL D 197 -3.35 14.47 -14.73
C VAL D 197 -3.64 15.89 -15.19
N ASP D 198 -2.64 16.79 -15.24
CA ASP D 198 -2.88 18.15 -15.72
C ASP D 198 -1.70 18.56 -16.60
N LYS D 199 -1.97 18.78 -17.88
CA LYS D 199 -0.92 19.02 -18.86
C LYS D 199 -0.76 20.50 -19.19
N ASP D 200 0.50 20.94 -19.33
CA ASP D 200 0.84 22.29 -19.78
C ASP D 200 -0.02 23.36 -19.10
N VAL D 201 0.00 23.33 -17.76
CA VAL D 201 -0.91 24.14 -16.96
C VAL D 201 -0.48 25.60 -16.99
N LYS D 202 -1.47 26.51 -17.01
CA LYS D 202 -1.26 27.94 -16.90
C LYS D 202 -2.07 28.49 -15.74
N ILE D 203 -1.48 29.43 -15.04
CA ILE D 203 -2.16 30.09 -13.93
C ILE D 203 -3.12 31.14 -14.47
N LYS D 204 -4.19 31.39 -13.72
CA LYS D 204 -5.14 32.47 -14.02
C LYS D 204 -4.41 33.80 -14.13
N LYS D 205 -4.94 34.68 -14.98
CA LYS D 205 -4.39 36.03 -15.11
C LYS D 205 -4.53 36.82 -13.82
N LYS D 206 -5.62 36.58 -13.09
CA LYS D 206 -5.91 37.31 -11.86
C LYS D 206 -6.69 36.38 -10.95
N GLY D 207 -6.35 36.39 -9.65
CA GLY D 207 -6.99 35.52 -8.69
C GLY D 207 -7.82 36.27 -7.66
N LYS D 208 -8.26 35.53 -6.66
CA LYS D 208 -9.15 36.01 -5.60
C LYS D 208 -8.68 35.59 -4.21
N ILE D 209 -7.41 35.20 -4.08
CA ILE D 209 -6.85 34.74 -2.80
C ILE D 209 -5.50 35.39 -2.60
N TYR D 210 -5.26 35.91 -1.38
CA TYR D 210 -3.93 36.35 -0.96
C TYR D 210 -3.45 35.48 0.18
N SER D 211 -2.13 35.28 0.26
CA SER D 211 -1.56 34.27 1.15
C SER D 211 -0.28 34.82 1.76
N LEU D 212 -0.31 35.09 3.07
CA LEU D 212 0.86 35.49 3.83
C LEU D 212 0.51 35.40 5.31
N ASN D 213 1.53 35.41 6.15
CA ASN D 213 1.38 35.38 7.60
C ASN D 213 1.09 36.79 8.09
N GLU D 214 -0.20 37.10 8.38
CA GLU D 214 -0.51 38.44 8.85
C GLU D 214 -0.19 38.65 10.33
N GLY D 215 0.25 37.62 11.05
CA GLY D 215 0.67 37.81 12.43
C GLY D 215 1.87 38.72 12.57
N TYR D 216 2.67 38.86 11.50
CA TYR D 216 3.81 39.76 11.48
C TYR D 216 3.43 41.17 10.99
N ALA D 217 2.15 41.53 11.08
CA ALA D 217 1.68 42.78 10.48
C ALA D 217 2.43 43.99 11.04
N LYS D 218 2.75 43.98 12.34
CA LYS D 218 3.41 45.14 12.92
C LYS D 218 4.77 45.39 12.31
N ASP D 219 5.39 44.37 11.72
CA ASP D 219 6.69 44.54 11.09
C ASP D 219 6.63 44.67 9.57
N PHE D 220 5.43 44.70 8.98
CA PHE D 220 5.31 44.80 7.53
C PHE D 220 5.97 46.07 6.99
N ASP D 221 6.53 45.95 5.82
CA ASP D 221 6.87 47.13 5.04
C ASP D 221 5.58 47.89 4.73
N PRO D 222 5.60 49.23 4.73
CA PRO D 222 4.34 49.98 4.49
C PRO D 222 3.63 49.59 3.20
N ALA D 223 4.37 49.18 2.17
CA ALA D 223 3.73 48.77 0.91
C ALA D 223 2.93 47.49 1.09
N VAL D 224 3.46 46.54 1.87
CA VAL D 224 2.71 45.31 2.15
C VAL D 224 1.46 45.66 2.95
N THR D 225 1.59 46.56 3.92
CA THR D 225 0.41 46.96 4.69
C THR D 225 -0.70 47.49 3.79
N GLU D 226 -0.37 48.45 2.93
CA GLU D 226 -1.36 49.04 2.04
C GLU D 226 -1.94 48.02 1.06
N TYR D 227 -1.07 47.21 0.44
CA TYR D 227 -1.56 46.24 -0.55
C TYR D 227 -2.55 45.26 0.08
N ILE D 228 -2.23 44.73 1.27
CA ILE D 228 -3.13 43.78 1.93
C ILE D 228 -4.44 44.44 2.33
N GLN D 229 -4.37 45.66 2.88
CA GLN D 229 -5.57 46.41 3.21
C GLN D 229 -6.46 46.58 1.98
N ARG D 230 -5.86 46.76 0.79
CA ARG D 230 -6.66 46.86 -0.43
C ARG D 230 -7.33 45.54 -0.79
N LYS D 231 -6.72 44.40 -0.45
CA LYS D 231 -7.36 43.12 -0.71
C LYS D 231 -8.58 42.92 0.17
N LYS D 232 -8.55 43.44 1.40
CA LYS D 232 -9.67 43.30 2.33
C LYS D 232 -10.73 44.38 2.18
N PHE D 233 -10.34 45.60 1.78
CA PHE D 233 -11.24 46.74 1.65
C PHE D 233 -11.04 47.36 0.28
N PRO D 234 -11.56 46.74 -0.78
CA PRO D 234 -11.32 47.23 -2.14
C PRO D 234 -11.93 48.61 -2.33
N PRO D 235 -11.22 49.53 -2.99
CA PRO D 235 -11.74 50.90 -3.13
C PRO D 235 -12.90 51.00 -4.09
N ASP D 236 -13.09 50.01 -4.95
CA ASP D 236 -14.19 50.01 -5.90
C ASP D 236 -15.30 49.10 -5.37
N ASN D 237 -16.11 48.55 -6.26
CA ASN D 237 -17.20 47.66 -5.85
C ASN D 237 -16.86 46.19 -6.01
N SER D 238 -15.57 45.86 -6.07
CA SER D 238 -15.20 44.46 -6.21
C SER D 238 -15.27 43.73 -4.86
N ALA D 239 -15.26 42.41 -4.96
CA ALA D 239 -15.32 41.55 -3.81
C ALA D 239 -13.96 41.51 -3.10
N PRO D 240 -13.93 41.56 -1.77
CA PRO D 240 -12.66 41.36 -1.07
C PRO D 240 -12.12 39.97 -1.32
N TYR D 241 -10.80 39.85 -1.38
CA TYR D 241 -10.15 38.56 -1.54
C TYR D 241 -10.35 37.69 -0.30
N GLY D 242 -10.38 36.37 -0.51
CA GLY D 242 -10.23 35.45 0.60
C GLY D 242 -8.78 35.27 0.98
N ALA D 243 -8.54 34.81 2.21
CA ALA D 243 -7.20 34.57 2.72
C ALA D 243 -7.00 33.10 3.02
N ARG D 244 -5.83 32.58 2.64
CA ARG D 244 -5.37 31.23 2.93
C ARG D 244 -3.88 31.31 3.21
N TYR D 245 -3.43 30.64 4.26
CA TYR D 245 -2.00 30.55 4.54
C TYR D 245 -1.75 29.28 5.34
N VAL D 246 -1.41 28.20 4.63
CA VAL D 246 -1.08 26.93 5.27
C VAL D 246 0.20 27.06 6.10
N GLY D 247 1.13 27.88 5.65
CA GLY D 247 2.43 28.01 6.30
C GLY D 247 3.45 27.00 5.84
N SER D 248 3.13 26.23 4.81
CA SER D 248 4.04 25.31 4.13
C SER D 248 4.12 25.78 2.69
N MET D 249 5.30 26.24 2.28
CA MET D 249 5.43 26.93 0.99
C MET D 249 4.91 26.09 -0.17
N VAL D 250 5.21 24.79 -0.19
CA VAL D 250 4.74 23.96 -1.30
C VAL D 250 3.21 23.97 -1.35
N ALA D 251 2.55 23.87 -0.19
CA ALA D 251 1.09 23.84 -0.16
C ALA D 251 0.50 25.18 -0.62
N ASP D 252 1.07 26.29 -0.14
CA ASP D 252 0.55 27.59 -0.53
C ASP D 252 0.87 27.90 -1.99
N VAL D 253 2.05 27.50 -2.48
CA VAL D 253 2.37 27.79 -3.87
C VAL D 253 1.50 26.95 -4.79
N HIS D 254 1.26 25.68 -4.44
CA HIS D 254 0.44 24.84 -5.29
C HIS D 254 -0.99 25.35 -5.37
N ARG D 255 -1.57 25.79 -4.24
CA ARG D 255 -2.88 26.40 -4.31
C ARG D 255 -2.87 27.64 -5.20
N THR D 256 -1.81 28.44 -5.12
CA THR D 256 -1.70 29.62 -5.98
C THR D 256 -1.70 29.21 -7.45
N LEU D 257 -1.00 28.13 -7.79
CA LEU D 257 -0.98 27.65 -9.18
C LEU D 257 -2.36 27.20 -9.64
N VAL D 258 -3.05 26.41 -8.80
CA VAL D 258 -4.31 25.80 -9.22
C VAL D 258 -5.44 26.82 -9.24
N TYR D 259 -5.50 27.69 -8.22
CA TYR D 259 -6.62 28.61 -8.06
C TYR D 259 -6.31 30.06 -8.45
N GLY D 260 -5.05 30.38 -8.75
CA GLY D 260 -4.69 31.75 -9.00
C GLY D 260 -4.59 32.54 -7.71
N GLY D 261 -4.18 33.79 -7.84
CA GLY D 261 -4.00 34.62 -6.66
C GLY D 261 -2.55 34.98 -6.40
N ILE D 262 -2.21 35.26 -5.15
CA ILE D 262 -0.89 35.80 -4.83
C ILE D 262 -0.40 35.17 -3.53
N PHE D 263 0.91 34.92 -3.49
CA PHE D 263 1.60 34.40 -2.31
C PHE D 263 2.74 35.34 -1.98
N LEU D 264 2.89 35.73 -0.71
CA LEU D 264 3.89 36.71 -0.32
C LEU D 264 4.69 36.24 0.88
N TYR D 265 6.02 36.29 0.76
CA TYR D 265 6.93 36.25 1.91
C TYR D 265 7.90 37.39 1.68
N PRO D 266 7.47 38.62 1.94
CA PRO D 266 8.25 39.78 1.50
C PRO D 266 9.30 40.21 2.52
N ALA D 267 10.18 41.08 2.05
CA ALA D 267 11.19 41.71 2.87
C ALA D 267 10.56 42.74 3.81
N ASN D 268 11.20 42.93 4.96
CA ASN D 268 10.90 44.09 5.82
C ASN D 268 12.20 44.56 6.47
N LYS D 269 12.07 45.53 7.38
CA LYS D 269 13.25 46.15 7.98
C LYS D 269 14.06 45.15 8.79
N LYS D 270 13.39 44.24 9.51
CA LYS D 270 14.08 43.21 10.28
C LYS D 270 14.58 42.06 9.41
N SER D 271 14.02 41.89 8.21
CA SER D 271 14.39 40.80 7.30
C SER D 271 14.47 41.39 5.90
N PRO D 272 15.51 42.18 5.64
CA PRO D 272 15.58 42.91 4.38
C PRO D 272 15.74 42.01 3.18
N ASN D 273 16.12 40.75 3.41
CA ASN D 273 16.23 39.77 2.34
C ASN D 273 15.10 38.75 2.40
N GLY D 274 14.06 38.98 3.19
CA GLY D 274 13.05 37.94 3.34
C GLY D 274 13.54 36.83 4.25
N LYS D 275 12.76 35.75 4.30
CA LYS D 275 13.10 34.56 5.08
C LYS D 275 13.34 33.32 4.24
N LEU D 276 12.56 33.11 3.18
CA LEU D 276 12.69 31.93 2.35
C LEU D 276 14.03 31.96 1.61
N ARG D 277 14.50 30.76 1.22
CA ARG D 277 15.84 30.59 0.65
C ARG D 277 15.81 30.62 -0.88
N LEU D 278 16.71 31.41 -1.47
CA LEU D 278 16.70 31.61 -2.92
C LEU D 278 16.92 30.30 -3.69
N LEU D 279 17.94 29.52 -3.31
CA LEU D 279 18.42 28.46 -4.21
C LEU D 279 17.41 27.31 -4.34
N TYR D 280 16.78 26.91 -3.23
CA TYR D 280 15.95 25.71 -3.20
C TYR D 280 14.53 25.96 -2.69
N GLU D 281 14.10 27.22 -2.59
CA GLU D 281 12.69 27.54 -2.37
C GLU D 281 12.20 28.55 -3.39
N CYS D 282 12.81 29.73 -3.39
CA CYS D 282 12.30 30.82 -4.22
C CYS D 282 12.54 30.56 -5.71
N ASN D 283 13.76 30.19 -6.10
CA ASN D 283 14.05 29.98 -7.52
C ASN D 283 13.22 28.85 -8.13
N PRO D 284 13.12 27.65 -7.53
CA PRO D 284 12.26 26.63 -8.15
C PRO D 284 10.81 27.07 -8.30
N MET D 285 10.27 27.76 -7.29
CA MET D 285 8.88 28.19 -7.38
C MET D 285 8.71 29.30 -8.39
N ALA D 286 9.71 30.18 -8.51
CA ALA D 286 9.68 31.22 -9.54
C ALA D 286 9.68 30.62 -10.93
N TYR D 287 10.45 29.55 -11.15
CA TYR D 287 10.55 28.95 -12.47
C TYR D 287 9.24 28.29 -12.89
N VAL D 288 8.61 27.55 -11.96
CA VAL D 288 7.30 26.97 -12.19
C VAL D 288 6.28 28.07 -12.50
N MET D 289 6.27 29.14 -11.68
CA MET D 289 5.32 30.23 -11.92
C MET D 289 5.54 30.85 -13.29
N GLU D 290 6.80 31.15 -13.65
CA GLU D 290 7.00 31.79 -14.95
C GLU D 290 6.66 30.85 -16.10
N LYS D 291 6.98 29.55 -15.98
CA LYS D 291 6.58 28.62 -17.04
C LYS D 291 5.07 28.48 -17.15
N ALA D 292 4.33 28.75 -16.08
CA ALA D 292 2.88 28.68 -16.10
C ALA D 292 2.23 30.02 -16.43
N GLY D 293 3.03 30.99 -16.89
CA GLY D 293 2.50 32.30 -17.21
C GLY D 293 2.31 33.21 -16.03
N GLY D 294 2.92 32.89 -14.89
CA GLY D 294 2.84 33.72 -13.71
C GLY D 294 4.09 34.55 -13.53
N MET D 295 4.17 35.20 -12.36
CA MET D 295 5.28 36.09 -12.06
C MET D 295 5.80 35.79 -10.66
N ALA D 296 7.06 36.17 -10.43
CA ALA D 296 7.70 36.02 -9.13
C ALA D 296 8.78 37.09 -9.01
N THR D 297 8.61 38.01 -8.06
CA THR D 297 9.51 39.15 -7.90
C THR D 297 10.03 39.23 -6.48
N THR D 298 11.21 39.83 -6.31
CA THR D 298 11.62 40.22 -4.97
C THR D 298 11.01 41.54 -4.55
N GLY D 299 10.33 42.23 -5.47
CA GLY D 299 9.96 43.61 -5.24
C GLY D 299 10.83 44.52 -6.07
N LYS D 300 12.13 44.21 -6.10
CA LYS D 300 13.11 44.97 -6.87
C LYS D 300 13.43 44.37 -8.22
N GLU D 301 13.33 43.05 -8.39
CA GLU D 301 13.66 42.40 -9.67
C GLU D 301 13.02 41.02 -9.70
N ALA D 302 13.11 40.37 -10.86
CA ALA D 302 12.63 39.00 -10.96
C ALA D 302 13.48 38.08 -10.09
N VAL D 303 12.84 37.21 -9.30
CA VAL D 303 13.54 36.22 -8.49
C VAL D 303 14.58 35.49 -9.33
N LEU D 304 14.19 35.09 -10.56
CA LEU D 304 15.07 34.31 -11.42
C LEU D 304 16.29 35.08 -11.89
N ASP D 305 16.32 36.42 -11.78
CA ASP D 305 17.47 37.19 -12.20
C ASP D 305 18.46 37.47 -11.08
N VAL D 306 18.11 37.16 -9.82
CA VAL D 306 19.05 37.35 -8.73
C VAL D 306 20.24 36.41 -8.92
N ILE D 307 21.46 36.96 -8.85
CA ILE D 307 22.68 36.17 -8.94
C ILE D 307 23.15 35.89 -7.50
N PRO D 308 23.09 34.64 -7.04
CA PRO D 308 23.44 34.34 -5.64
C PRO D 308 24.94 34.46 -5.37
N THR D 309 25.26 34.78 -4.12
CA THR D 309 26.62 34.74 -3.62
C THR D 309 26.80 33.76 -2.46
N ASP D 310 25.71 33.21 -1.94
CA ASP D 310 25.72 32.29 -0.80
C ASP D 310 24.68 31.22 -1.06
N ILE D 311 25.06 29.94 -0.91
CA ILE D 311 24.12 28.87 -1.25
C ILE D 311 22.90 28.87 -0.36
N HIS D 312 23.00 29.47 0.83
CA HIS D 312 21.86 29.52 1.72
C HIS D 312 21.23 30.90 1.78
N GLN D 313 21.50 31.77 0.81
CA GLN D 313 20.98 33.13 0.94
C GLN D 313 19.46 33.19 0.80
N ARG D 314 18.89 34.19 1.46
CA ARG D 314 17.46 34.38 1.43
C ARG D 314 17.09 35.36 0.33
N ALA D 315 15.81 35.36 -0.04
CA ALA D 315 15.29 36.25 -1.04
C ALA D 315 13.85 36.56 -0.68
N PRO D 316 13.41 37.81 -0.84
CA PRO D 316 11.98 38.07 -0.74
C PRO D 316 11.30 37.47 -1.95
N VAL D 317 10.04 37.07 -1.79
CA VAL D 317 9.33 36.48 -2.91
C VAL D 317 7.87 36.87 -2.84
N ILE D 318 7.38 37.37 -3.95
CA ILE D 318 5.97 37.65 -4.17
C ILE D 318 5.64 37.02 -5.52
N LEU D 319 4.67 36.10 -5.54
CA LEU D 319 4.48 35.31 -6.74
C LEU D 319 3.01 34.99 -6.94
N GLY D 320 2.67 34.61 -8.17
CA GLY D 320 1.31 34.18 -8.48
C GLY D 320 0.77 34.71 -9.79
N SER D 321 -0.52 35.01 -9.82
CA SER D 321 -1.17 35.48 -11.03
C SER D 321 -0.54 36.81 -11.46
N PRO D 322 -0.29 37.00 -12.75
CA PRO D 322 0.45 38.19 -13.20
C PRO D 322 -0.25 39.51 -12.88
N ASP D 323 -1.59 39.57 -13.00
CA ASP D 323 -2.29 40.81 -12.64
C ASP D 323 -2.13 41.14 -11.17
N ASP D 324 -2.12 40.12 -10.31
CA ASP D 324 -1.96 40.38 -8.89
C ASP D 324 -0.55 40.80 -8.55
N VAL D 325 0.46 40.15 -9.16
CA VAL D 325 1.85 40.51 -8.88
C VAL D 325 2.14 41.92 -9.37
N LEU D 326 1.64 42.28 -10.55
CA LEU D 326 1.87 43.64 -11.05
C LEU D 326 1.22 44.67 -10.14
N GLU D 327 0.01 44.39 -9.63
CA GLU D 327 -0.64 45.29 -8.70
C GLU D 327 0.19 45.45 -7.43
N PHE D 328 0.77 44.36 -6.91
CA PHE D 328 1.62 44.50 -5.73
C PHE D 328 2.80 45.41 -6.01
N LEU D 329 3.43 45.24 -7.18
CA LEU D 329 4.59 46.06 -7.55
C LEU D 329 4.21 47.52 -7.71
N LYS D 330 2.98 47.78 -8.19
CA LYS D 330 2.51 49.16 -8.26
C LYS D 330 2.50 49.80 -6.87
N VAL D 331 1.92 49.10 -5.89
CA VAL D 331 1.91 49.60 -4.53
C VAL D 331 3.32 49.69 -3.97
N TYR D 332 4.15 48.70 -4.28
CA TYR D 332 5.50 48.65 -3.75
C TYR D 332 6.33 49.82 -4.23
N GLU D 333 6.27 50.13 -5.53
CA GLU D 333 7.04 51.24 -6.09
C GLU D 333 6.53 52.58 -5.59
N LYS D 334 5.23 52.68 -5.28
CA LYS D 334 4.71 53.91 -4.69
C LYS D 334 5.39 54.22 -3.36
N HIS D 335 5.77 53.20 -2.60
CA HIS D 335 6.55 53.41 -1.38
C HIS D 335 8.06 53.30 -1.61
N SER D 336 8.52 53.43 -2.85
CA SER D 336 9.96 53.37 -3.11
C SER D 336 10.46 54.67 -3.73
C5 94J E . -17.54 -11.19 22.77
C6 94J E . -18.45 -3.36 24.51
C7 94J E . -16.56 -14.48 21.96
C8 94J E . -18.90 0.14 24.66
C14 94J E . -17.96 0.68 23.79
C13 94J E . -15.96 -14.36 20.72
C19 94J E . -16.39 -15.20 19.70
C20 94J E . -17.12 1.69 24.26
C23 94J E . -19.02 0.63 25.96
C24 94J E . -17.55 -15.43 22.19
C25 94J E . -17.95 -16.24 21.15
C26 94J E . -18.18 1.63 26.39
C27 94J E . -17.31 -5.42 25.11
C28 94J E . -19.05 -9.26 22.61
C29 94J E . -17.38 -16.14 19.90
C30 94J E . -17.22 2.16 25.54
C31 94J E . -17.86 -6.80 25.01
C32 94J E . -18.12 -8.10 22.87
C33 94J E . -18.68 -7.01 23.76
N17 94J E . -18.57 -10.46 23.27
N18 94J E . -18.36 -4.46 25.28
N3 94J E . -19.53 -2.54 24.82
N4 94J E . -17.22 -12.32 23.53
O10 94J E . -19.82 -1.29 22.69
O11 94J E . -21.30 -0.85 24.62
O12 94J E . -16.01 -14.22 24.48
O15 94J E . -16.96 -10.89 21.73
O16 94J E . -17.63 -3.09 23.63
O9 94J E . -14.85 -12.75 22.86
S1 94J E . -16.03 -13.44 23.28
S2 94J E . -19.99 -1.12 24.09
CL21 94J E . -15.66 -15.06 18.13
CL22 94J E . -15.92 2.36 23.19
O5 AMZ F . -15.10 -13.92 19.57
O5 AMZ F . -16.43 1.03 23.26
C6 AMZ F . -15.78 -14.95 19.65
C6 AMZ F . -16.66 1.95 24.06
N2 AMZ F . -16.19 -15.59 18.46
N2 AMZ F . -15.69 2.93 24.28
C3A AMZ F . -16.12 -15.46 20.97
C3A AMZ F . -17.97 1.94 24.70
C7A AMZ F . -16.79 -16.67 21.27
C7A AMZ F . -18.51 2.94 25.56
N3 AMZ F . -17.29 -17.66 20.47
N3 AMZ F . -18.02 4.15 26.02
N1 AMZ F . -15.80 -14.76 22.16
N1 AMZ F . -18.89 0.89 24.53
C5 AMZ F . -16.27 -15.52 23.16
C5 AMZ F . -19.96 1.23 25.26
N AMZ F . -16.87 -16.69 22.67
N AMZ F . -19.78 2.46 25.90
C1 AMZ F . -17.49 -17.73 23.52
C1 AMZ F . -20.80 3.10 26.76
C2 AMZ F . -16.75 -19.09 23.34
C2 AMZ F . -21.46 4.30 26.00
C3 AMZ F . -16.17 -19.44 24.73
C3 AMZ F . -22.92 3.87 25.73
O2 AMZ F . -16.54 -20.74 25.04
O2 AMZ F . -23.74 4.97 25.95
O1 AMZ F . -17.62 -20.13 23.11
O1 AMZ F . -21.62 5.43 26.79
O AMZ F . -17.33 -17.28 24.82
O AMZ F . -21.76 2.12 26.99
C AMZ F . -16.85 -18.35 25.56
C AMZ F . -22.99 2.73 26.75
C4 AMZ F . -15.73 -17.78 26.44
C4 AMZ F . -23.87 1.65 26.10
O3 AMZ F . -15.22 -16.81 25.67
O3 AMZ F . -22.98 0.82 25.55
P AMZ F . -14.48 -15.61 26.49
P AMZ F . -23.61 -0.35 24.57
OP1 AMZ F . -15.63 -15.21 27.40
OP1 AMZ F . -24.19 -1.22 25.66
O4 AMZ F . -14.18 -14.68 25.36
O4 AMZ F . -22.34 -0.86 23.92
OP2 AMZ F . -13.35 -16.38 27.10
OP2 AMZ F . -24.54 0.46 23.74
C5 94J G . 18.18 3.43 -24.81
C6 94J G . 17.08 11.26 -23.02
C7 94J G . 18.07 -0.07 -25.40
C8 94J G . 16.87 14.66 -21.82
C14 94J G . 15.81 14.50 -20.94
C13 94J G . 17.48 -0.57 -24.26
C19 94J G . 18.09 -1.63 -23.61
C20 94J G . 14.81 15.44 -20.94
C23 94J G . 16.94 15.74 -22.67
C24 94J G . 19.23 -0.64 -25.91
C25 94J G . 19.81 -1.71 -25.24
C26 94J G . 15.91 16.67 -22.65
C27 94J G . 16.24 9.37 -24.30
C28 94J G . 19.12 5.42 -23.77
C29 94J G . 19.25 -2.20 -24.07
C30 94J G . 14.84 16.53 -21.79
C31 94J G . 17.09 8.26 -24.86
C32 94J G . 19.10 6.85 -24.26
C33 94J G . 17.89 7.59 -23.78
N17 94J G . 19.01 4.49 -24.87
N18 94J G . 17.00 10.58 -24.18
N3 94J G . 17.86 12.43 -23.06
N4 94J G . 18.20 2.62 -25.95
O10 94J G . 18.11 12.73 -20.61
O11 94J G . 19.38 14.14 -22.19
O12 94J G . 17.41 1.03 -27.65
O15 94J G . 17.48 3.20 -23.83
O16 94J G . 16.50 10.90 -22.01
O9 94J G . 16.01 1.46 -25.68
S1 94J G . 17.30 1.27 -26.25
S2 94J G . 18.17 13.47 -21.83
CL21 94J G . 17.37 -2.24 -22.16
CL22 94J G . 13.46 15.25 -19.85
O5 AMZ H . 17.04 -0.91 -22.67
O5 AMZ H . 14.43 13.89 -20.19
C6 AMZ H . 17.89 -1.70 -23.14
C6 AMZ H . 14.41 15.07 -20.54
N2 AMZ H . 18.46 -2.64 -22.31
N2 AMZ H . 13.25 15.84 -20.35
C3A AMZ H . 18.19 -1.60 -24.57
C3A AMZ H . 15.62 15.62 -21.15
C7A AMZ H . 18.92 -2.56 -25.33
C7A AMZ H . 15.81 16.97 -21.53
N3 AMZ H . 19.51 -3.76 -24.99
N3 AMZ H . 15.00 18.08 -21.45
N1 AMZ H . 17.80 -0.53 -25.40
N1 AMZ H . 16.76 14.85 -21.43
C5 AMZ H . 18.27 -0.83 -26.62
C5 AMZ H . 17.65 15.70 -21.97
N AMZ H . 18.97 -2.04 -26.63
N AMZ H . 17.12 17.00 -22.07
C1 AMZ H . 19.59 -2.69 -27.81
C1 AMZ H . 17.83 18.16 -22.59
C2 AMZ H . 18.68 -3.89 -28.19
C2 AMZ H . 18.14 19.13 -21.41
C3 AMZ H . 17.66 -3.25 -29.15
C3 AMZ H . 19.58 18.69 -20.99
O2 AMZ H . 17.09 -4.24 -29.93
O2 AMZ H . 20.23 19.72 -20.34
O1 AMZ H . 19.31 -4.81 -29.01
O1 AMZ H . 18.29 20.44 -21.80
O AMZ H . 19.53 -1.75 -28.85
O AMZ H . 19.06 17.67 -23.11
C AMZ H . 18.66 -2.29 -29.80
C AMZ H . 20.05 18.32 -22.37
C4 AMZ H . 17.85 -1.13 -30.43
C4 AMZ H . 21.25 17.34 -22.17
O3 AMZ H . 17.50 -0.32 -29.41
O3 AMZ H . 20.72 16.12 -21.92
P AMZ H . 16.06 0.47 -29.62
P AMZ H . 21.70 15.11 -21.08
OP1 AMZ H . 16.54 1.57 -30.54
OP1 AMZ H . 22.56 14.62 -22.23
O4 AMZ H . 15.77 0.90 -28.20
O4 AMZ H . 20.75 14.10 -20.52
OP2 AMZ H . 15.24 -0.62 -30.22
OP2 AMZ H . 22.35 16.08 -20.13
#